data_3FYE
#
_entry.id   3FYE
#
_cell.length_a   124.613
_cell.length_b   131.472
_cell.length_c   176.192
_cell.angle_alpha   90.00
_cell.angle_beta   90.00
_cell.angle_gamma   90.00
#
_symmetry.space_group_name_H-M   'P 21 21 21'
#
loop_
_entity.id
_entity.type
_entity.pdbx_description
1 polymer 'Cytochrome C oxidase subunit 1'
2 polymer 'Cytochrome C oxidase subunit 2'
3 non-polymer HEME-A
4 non-polymer 'COPPER (I) ION'
5 non-polymer 'MAGNESIUM ION'
6 non-polymer 'CALCIUM ION'
7 non-polymer 'UNKNOWN ATOM OR ION'
8 non-polymer DECYL-BETA-D-MALTOPYRANOSIDE
9 non-polymer TRIDECANE
10 non-polymer HEPTANE-1,2,3-TRIOL
11 non-polymer 'CADMIUM ION'
12 water water
#
loop_
_entity_poly.entity_id
_entity_poly.type
_entity_poly.pdbx_seq_one_letter_code
_entity_poly.pdbx_strand_id
1 'polypeptide(L)'
;MADAAIHGHEHDRRGFFTRWFMSTNHKDIGVLYLFTGGLVGLISVAFTVYMRMELMAPGVQFMCAEHLESGLVKGFFQSL
WPSAVENCTPNGHLWNVMITGHGILMMFFVVIPALFGGFGNYFMPLHIGAPDMAFPRMNNLSYWLYVAGTSLAVASLFAP
GGNGQLGSGIGWVLYPPLSTSESGYSTDLAIFAVHLSGASSILGAINMITTFLNMRAPGMTMHKVPLFAWSIFVTAWLIL
LALPVLAGAITMLLTDRNFGTTFFQPSGGGDPVLYQHILWFFGHPEVYIIVLPAFGIVSHVIATFAKKPIFGYLPMVYAM
VAIGVLGFVVWAHHMYTAGLSLTQQSYFMMATMVIAVPTGIKIFSWIATMWGGSIELKTPMLWALGFLFLFTVGGVTGIV
LSQASVDRYYHDTYYVVAHFHYVMSLGAVFGIFAGIYFWIGKMSGRQYPEWAGKLHFWMMFVGANLTFFPQHFLGRQGMP
RRYIDYPEAFATWNFVSSLGAFLSFASFLFFLGVIFYTLTRGARVTANNYWNEHADTLEWTLTSPPPEHTFEQLPKREDW
ERAPAH
;
A,C
2 'polypeptide(L)'
;QQQSLEIIGRPQPGGTGFQPSASPVATQIHWLDGFILVIIAAITIFVTLLILYAVWRFHEKRNKVPARFTHNSPLEIAWT
IVPIVILVAIGAFSLPVLFNQQEIPEADVTVKVTGYQWYWGYEYPDEEISFESYMIGSPATGGDNRMSPEVEQQLIEAGY
SRDEFLLATDTAMVVPVNKTVVVQVTGADVIHSWTVPAFGVKQDAVPGRLAQLWFRAEREGIFFGQCSELCGISHAYMPI
TVKVVSEEAYAAWLEQHHHHHH
;
B,D
#
loop_
_chem_comp.id
_chem_comp.type
_chem_comp.name
_chem_comp.formula
CA non-polymer 'CALCIUM ION' 'Ca 2'
CD non-polymer 'CADMIUM ION' 'Cd 2'
CU1 non-polymer 'COPPER (I) ION' 'Cu 1'
DMU D-saccharide DECYL-BETA-D-MALTOPYRANOSIDE 'C22 H42 O11'
HEA non-polymer HEME-A 'C49 H56 Fe N4 O6'
HTO non-polymer HEPTANE-1,2,3-TRIOL 'C7 H16 O3'
MG non-polymer 'MAGNESIUM ION' 'Mg 2'
TRD non-polymer TRIDECANE 'C13 H28'
UNX non-polymer 'UNKNOWN ATOM OR ION' ?
#
# COMPACT_ATOMS: atom_id res chain seq x y z
N PHE A 17 -62.40 -25.22 -19.48
CA PHE A 17 -62.14 -23.74 -19.37
C PHE A 17 -60.68 -23.43 -18.99
N THR A 18 -60.07 -24.33 -18.21
CA THR A 18 -58.61 -24.31 -17.93
C THR A 18 -57.78 -24.57 -19.21
N ARG A 19 -58.39 -24.27 -20.37
CA ARG A 19 -57.69 -24.14 -21.64
C ARG A 19 -57.23 -22.68 -21.80
N TRP A 20 -57.35 -21.93 -20.70
CA TRP A 20 -56.80 -20.58 -20.57
C TRP A 20 -55.30 -20.63 -20.42
N PHE A 21 -54.87 -21.60 -19.63
CA PHE A 21 -53.47 -21.70 -19.20
C PHE A 21 -52.56 -22.32 -20.24
N MET A 22 -53.17 -23.04 -21.19
CA MET A 22 -52.39 -23.62 -22.27
C MET A 22 -52.35 -22.74 -23.54
N SER A 23 -53.04 -21.60 -23.51
CA SER A 23 -53.12 -20.71 -24.68
C SER A 23 -51.81 -20.00 -24.94
N THR A 24 -51.53 -19.77 -26.21
CA THR A 24 -50.31 -19.10 -26.63
C THR A 24 -50.58 -17.73 -27.24
N ASN A 25 -51.85 -17.35 -27.34
CA ASN A 25 -52.18 -16.03 -27.85
C ASN A 25 -51.77 -14.91 -26.90
N HIS A 26 -51.07 -13.92 -27.44
CA HIS A 26 -50.58 -12.77 -26.67
C HIS A 26 -51.65 -12.09 -25.81
N LYS A 27 -52.89 -12.07 -26.29
CA LYS A 27 -54.02 -11.47 -25.56
C LYS A 27 -54.40 -12.29 -24.33
N ASP A 28 -54.44 -13.61 -24.49
CA ASP A 28 -54.75 -14.51 -23.38
C ASP A 28 -53.64 -14.53 -22.31
N ILE A 29 -52.38 -14.51 -22.77
CA ILE A 29 -51.23 -14.47 -21.86
C ILE A 29 -51.21 -13.13 -21.09
N GLY A 30 -51.48 -12.04 -21.79
CA GLY A 30 -51.63 -10.71 -21.17
C GLY A 30 -52.66 -10.65 -20.07
N VAL A 31 -53.82 -11.27 -20.30
CA VAL A 31 -54.89 -11.30 -19.32
C VAL A 31 -54.47 -12.15 -18.11
N LEU A 32 -53.81 -13.28 -18.37
CA LEU A 32 -53.33 -14.14 -17.30
C LEU A 32 -52.36 -13.40 -16.38
N TYR A 33 -51.42 -12.67 -16.98
CA TYR A 33 -50.46 -11.87 -16.24
C TYR A 33 -51.14 -10.78 -15.40
N LEU A 34 -52.16 -10.13 -15.96
CA LEU A 34 -52.84 -9.04 -15.26
C LEU A 34 -53.58 -9.57 -14.04
N PHE A 35 -54.32 -10.67 -14.22
CA PHE A 35 -55.05 -11.26 -13.10
C PHE A 35 -54.11 -11.80 -12.02
N THR A 36 -52.98 -12.36 -12.46
CA THR A 36 -52.07 -13.03 -11.52
C THR A 36 -51.32 -11.96 -10.74
N GLY A 37 -50.87 -10.91 -11.45
CA GLY A 37 -50.19 -9.78 -10.84
C GLY A 37 -51.11 -9.11 -9.85
N GLY A 38 -52.39 -9.00 -10.23
CA GLY A 38 -53.42 -8.47 -9.33
C GLY A 38 -53.62 -9.29 -8.06
N LEU A 39 -53.59 -10.62 -8.19
CA LEU A 39 -53.80 -11.49 -7.03
C LEU A 39 -52.57 -11.48 -6.10
N VAL A 40 -51.38 -11.55 -6.71
CA VAL A 40 -50.15 -11.45 -5.92
C VAL A 40 -50.08 -10.05 -5.27
N GLY A 41 -50.49 -9.01 -6.02
CA GLY A 41 -50.58 -7.65 -5.51
C GLY A 41 -51.44 -7.58 -4.26
N LEU A 42 -52.63 -8.20 -4.30
CA LEU A 42 -53.49 -8.30 -3.13
C LEU A 42 -52.79 -8.93 -1.90
N ILE A 43 -52.05 -10.02 -2.12
CA ILE A 43 -51.30 -10.66 -1.04
C ILE A 43 -50.21 -9.73 -0.48
N SER A 44 -49.45 -9.09 -1.36
CA SER A 44 -48.38 -8.21 -0.91
C SER A 44 -48.94 -6.95 -0.20
N VAL A 45 -50.03 -6.38 -0.72
CA VAL A 45 -50.72 -5.26 -0.06
C VAL A 45 -51.21 -5.70 1.33
N ALA A 46 -51.78 -6.89 1.43
CA ALA A 46 -52.20 -7.41 2.75
C ALA A 46 -51.02 -7.48 3.76
N PHE A 47 -49.82 -7.84 3.28
CA PHE A 47 -48.62 -7.82 4.11
C PHE A 47 -48.38 -6.39 4.62
N THR A 48 -48.56 -5.39 3.76
CA THR A 48 -48.38 -3.97 4.17
C THR A 48 -49.40 -3.51 5.20
N VAL A 49 -50.62 -4.02 5.12
CA VAL A 49 -51.65 -3.72 6.12
C VAL A 49 -51.20 -4.23 7.51
N TYR A 50 -50.77 -5.49 7.57
CA TYR A 50 -50.25 -6.08 8.81
C TYR A 50 -49.03 -5.33 9.35
N MET A 51 -48.10 -5.00 8.46
CA MET A 51 -46.96 -4.12 8.75
C MET A 51 -47.42 -2.82 9.38
N ARG A 52 -48.39 -2.17 8.77
CA ARG A 52 -48.84 -0.88 9.29
C ARG A 52 -49.67 -0.98 10.55
N MET A 53 -50.29 -2.12 10.78
CA MET A 53 -50.90 -2.42 12.08
C MET A 53 -49.87 -2.41 13.19
N GLU A 54 -48.77 -3.14 12.97
CA GLU A 54 -47.69 -3.17 13.96
C GLU A 54 -47.00 -1.80 14.07
N LEU A 55 -46.84 -1.07 12.97
CA LEU A 55 -46.22 0.26 13.10
C LEU A 55 -47.16 1.39 13.58
N MET A 56 -48.45 1.13 13.67
CA MET A 56 -49.44 2.16 14.08
C MET A 56 -49.08 2.82 15.42
N ALA A 57 -48.55 2.02 16.34
CA ALA A 57 -48.18 2.47 17.69
C ALA A 57 -46.85 1.85 18.19
N PRO A 58 -46.06 2.62 18.96
CA PRO A 58 -44.82 2.11 19.56
C PRO A 58 -45.11 0.95 20.53
N GLY A 59 -44.10 0.11 20.77
CA GLY A 59 -44.31 -1.15 21.46
C GLY A 59 -44.80 -2.17 20.47
N VAL A 60 -44.46 -3.44 20.69
CA VAL A 60 -44.91 -4.52 19.80
C VAL A 60 -46.16 -5.18 20.40
N GLN A 61 -47.23 -5.25 19.59
CA GLN A 61 -48.55 -5.74 20.00
C GLN A 61 -49.04 -6.92 19.19
N PHE A 62 -48.55 -7.08 17.96
CA PHE A 62 -49.06 -8.12 17.07
C PHE A 62 -48.07 -9.26 16.83
N MET A 63 -46.82 -8.91 16.58
CA MET A 63 -45.78 -9.88 16.20
C MET A 63 -45.08 -10.45 17.47
N CYS A 64 -45.85 -11.23 18.20
CA CYS A 64 -45.45 -11.80 19.49
C CYS A 64 -44.88 -13.20 19.29
N ALA A 65 -43.74 -13.47 19.93
CA ALA A 65 -43.16 -14.82 19.93
C ALA A 65 -44.14 -15.87 20.49
N GLU A 66 -45.03 -15.46 21.40
CA GLU A 66 -46.06 -16.35 21.96
C GLU A 66 -46.96 -17.00 20.90
N HIS A 67 -47.17 -16.31 19.77
CA HIS A 67 -48.03 -16.85 18.71
C HIS A 67 -47.38 -18.04 17.98
N LEU A 68 -46.07 -18.21 18.12
CA LEU A 68 -45.36 -19.35 17.55
C LEU A 68 -45.74 -20.69 18.22
N GLU A 69 -46.05 -20.66 19.51
CA GLU A 69 -46.46 -21.86 20.28
C GLU A 69 -47.74 -22.50 19.75
N SER A 70 -48.62 -21.68 19.16
CA SER A 70 -49.87 -22.15 18.57
C SER A 70 -49.61 -22.84 17.24
N GLY A 71 -50.67 -23.35 16.61
CA GLY A 71 -50.56 -23.91 15.26
C GLY A 71 -50.25 -22.85 14.21
N LEU A 72 -50.08 -23.29 12.96
CA LEU A 72 -49.84 -22.40 11.81
C LEU A 72 -51.07 -21.52 11.56
N VAL A 73 -52.25 -22.14 11.56
CA VAL A 73 -53.51 -21.41 11.39
C VAL A 73 -53.87 -20.62 12.65
N LYS A 74 -53.81 -21.28 13.81
CA LYS A 74 -54.17 -20.62 15.08
C LYS A 74 -53.24 -19.45 15.38
N GLY A 75 -51.93 -19.67 15.20
CA GLY A 75 -50.91 -18.63 15.31
C GLY A 75 -51.16 -17.42 14.42
N PHE A 76 -51.45 -17.69 13.14
CA PHE A 76 -51.87 -16.66 12.17
C PHE A 76 -52.99 -15.79 12.72
N PHE A 77 -54.03 -16.42 13.27
CA PHE A 77 -55.23 -15.69 13.71
C PHE A 77 -55.04 -14.86 14.97
N GLN A 78 -54.26 -15.37 15.92
CA GLN A 78 -53.96 -14.63 17.15
C GLN A 78 -53.14 -13.40 16.82
N SER A 79 -52.34 -13.50 15.77
CA SER A 79 -51.42 -12.45 15.40
C SER A 79 -52.11 -11.22 14.78
N LEU A 80 -53.42 -11.32 14.51
CA LEU A 80 -54.20 -10.22 13.94
C LEU A 80 -54.90 -9.37 14.99
N TRP A 81 -54.80 -9.80 16.25
CA TRP A 81 -55.42 -9.10 17.37
C TRP A 81 -54.33 -8.59 18.32
N PRO A 82 -54.40 -7.31 18.75
CA PRO A 82 -53.30 -6.76 19.56
C PRO A 82 -53.24 -7.35 20.96
N SER A 83 -52.03 -7.62 21.45
CA SER A 83 -51.81 -8.00 22.85
C SER A 83 -51.22 -6.83 23.60
N ALA A 84 -51.40 -6.83 24.92
CA ALA A 84 -50.65 -5.91 25.78
C ALA A 84 -49.17 -6.20 25.61
N VAL A 85 -48.33 -5.16 25.74
CA VAL A 85 -46.87 -5.32 25.67
C VAL A 85 -46.33 -6.40 26.62
N GLU A 86 -46.91 -6.47 27.83
CA GLU A 86 -46.52 -7.45 28.87
CA GLU A 86 -46.48 -7.44 28.85
C GLU A 86 -46.80 -8.91 28.49
N ASN A 87 -47.68 -9.11 27.51
CA ASN A 87 -47.97 -10.45 27.01
C ASN A 87 -47.42 -10.68 25.62
N CYS A 88 -46.59 -9.74 25.14
CA CYS A 88 -46.10 -9.81 23.77
C CYS A 88 -44.57 -9.74 23.71
N THR A 89 -43.93 -10.89 23.59
CA THR A 89 -42.47 -10.94 23.40
C THR A 89 -42.19 -10.57 21.94
N PRO A 90 -41.48 -9.45 21.73
CA PRO A 90 -41.30 -8.98 20.36
C PRO A 90 -40.62 -10.02 19.48
N ASN A 91 -41.18 -10.31 18.30
CA ASN A 91 -40.54 -11.21 17.35
C ASN A 91 -40.05 -10.48 16.09
N GLY A 92 -38.81 -9.98 16.15
CA GLY A 92 -38.27 -9.22 15.03
C GLY A 92 -38.12 -10.02 13.75
N HIS A 93 -37.97 -11.35 13.88
CA HIS A 93 -37.83 -12.20 12.70
C HIS A 93 -39.08 -12.14 11.80
N LEU A 94 -40.27 -12.18 12.39
CA LEU A 94 -41.49 -12.05 11.59
C LEU A 94 -41.58 -10.67 10.84
N TRP A 95 -41.30 -9.57 11.55
CA TRP A 95 -41.20 -8.28 10.85
C TRP A 95 -40.31 -8.39 9.61
N ASN A 96 -39.08 -8.87 9.80
CA ASN A 96 -38.12 -8.93 8.70
C ASN A 96 -38.60 -9.85 7.57
N VAL A 97 -39.25 -10.97 7.92
CA VAL A 97 -39.83 -11.89 6.94
C VAL A 97 -40.92 -11.18 6.12
N MET A 98 -41.79 -10.41 6.79
CA MET A 98 -42.92 -9.76 6.12
C MET A 98 -42.49 -8.70 5.15
N ILE A 99 -41.57 -7.85 5.58
CA ILE A 99 -41.08 -6.77 4.72
C ILE A 99 -40.25 -7.32 3.55
N THR A 100 -39.49 -8.38 3.80
CA THR A 100 -38.77 -9.08 2.72
C THR A 100 -39.78 -9.65 1.72
N GLY A 101 -40.82 -10.30 2.25
CA GLY A 101 -41.90 -10.85 1.42
C GLY A 101 -42.60 -9.77 0.62
N HIS A 102 -42.99 -8.69 1.30
CA HIS A 102 -43.62 -7.53 0.62
C HIS A 102 -42.76 -7.04 -0.55
N GLY A 103 -41.49 -6.76 -0.28
CA GLY A 103 -40.58 -6.24 -1.30
C GLY A 103 -40.37 -7.16 -2.50
N ILE A 104 -40.04 -8.42 -2.23
CA ILE A 104 -39.82 -9.41 -3.29
C ILE A 104 -41.06 -9.63 -4.17
N LEU A 105 -42.22 -9.91 -3.56
CA LEU A 105 -43.46 -9.96 -4.32
C LEU A 105 -43.67 -8.74 -5.23
N MET A 106 -43.54 -7.53 -4.69
CA MET A 106 -43.75 -6.33 -5.51
C MET A 106 -42.75 -6.20 -6.67
N MET A 107 -41.47 -6.40 -6.38
CA MET A 107 -40.42 -6.10 -7.37
C MET A 107 -40.28 -7.19 -8.44
N PHE A 108 -40.65 -8.42 -8.11
CA PHE A 108 -40.46 -9.56 -9.01
C PHE A 108 -41.80 -10.15 -9.50
N PHE A 109 -42.84 -10.09 -8.66
CA PHE A 109 -44.06 -10.88 -8.92
C PHE A 109 -45.39 -10.10 -9.00
N VAL A 110 -45.29 -8.78 -9.01
CA VAL A 110 -46.48 -7.90 -9.11
C VAL A 110 -46.45 -6.93 -10.27
N VAL A 111 -45.67 -5.86 -10.16
CA VAL A 111 -45.87 -4.72 -11.05
C VAL A 111 -45.31 -4.91 -12.48
N ILE A 112 -44.19 -5.63 -12.61
CA ILE A 112 -43.61 -5.87 -13.93
C ILE A 112 -44.45 -6.89 -14.66
N PRO A 113 -44.81 -8.00 -13.99
CA PRO A 113 -45.76 -8.88 -14.61
C PRO A 113 -47.05 -8.19 -15.05
N ALA A 114 -47.56 -7.25 -14.26
CA ALA A 114 -48.79 -6.55 -14.64
C ALA A 114 -48.57 -5.65 -15.86
N LEU A 115 -47.54 -4.80 -15.80
CA LEU A 115 -47.26 -3.80 -16.83
C LEU A 115 -46.65 -4.38 -18.12
N PHE A 116 -45.57 -5.14 -17.95
CA PHE A 116 -44.79 -5.72 -19.05
C PHE A 116 -45.42 -7.03 -19.53
N GLY A 117 -45.63 -7.97 -18.62
CA GLY A 117 -46.31 -9.22 -18.95
C GLY A 117 -47.78 -9.08 -19.33
N GLY A 118 -48.46 -8.12 -18.71
CA GLY A 118 -49.91 -7.95 -18.88
C GLY A 118 -50.20 -7.05 -20.05
N PHE A 119 -50.10 -5.73 -19.83
CA PHE A 119 -50.34 -4.76 -20.90
C PHE A 119 -49.34 -4.85 -22.07
N GLY A 120 -48.08 -5.13 -21.76
CA GLY A 120 -47.08 -5.35 -22.80
C GLY A 120 -47.49 -6.46 -23.76
N ASN A 121 -47.77 -7.66 -23.25
CA ASN A 121 -48.21 -8.77 -24.11
C ASN A 121 -49.54 -8.51 -24.82
N TYR A 122 -50.53 -7.95 -24.12
CA TYR A 122 -51.82 -7.66 -24.74
C TYR A 122 -51.67 -6.62 -25.86
N PHE A 123 -51.06 -5.48 -25.54
CA PHE A 123 -51.19 -4.31 -26.39
C PHE A 123 -50.07 -4.00 -27.36
N MET A 124 -48.82 -4.34 -27.01
CA MET A 124 -47.71 -4.02 -27.92
C MET A 124 -47.90 -4.60 -29.33
N PRO A 125 -48.31 -5.88 -29.46
CA PRO A 125 -48.55 -6.42 -30.80
C PRO A 125 -49.70 -5.71 -31.52
N LEU A 126 -50.76 -5.34 -30.79
CA LEU A 126 -51.87 -4.58 -31.35
C LEU A 126 -51.39 -3.21 -31.84
N HIS A 127 -50.55 -2.55 -31.05
CA HIS A 127 -50.05 -1.21 -31.37
C HIS A 127 -49.15 -1.14 -32.62
N ILE A 128 -48.43 -2.23 -32.90
CA ILE A 128 -47.51 -2.28 -34.03
C ILE A 128 -48.11 -3.04 -35.21
N GLY A 129 -49.32 -3.57 -35.05
CA GLY A 129 -50.02 -4.28 -36.11
C GLY A 129 -49.52 -5.70 -36.33
N ALA A 130 -48.99 -6.31 -35.26
CA ALA A 130 -48.52 -7.68 -35.29
C ALA A 130 -49.63 -8.62 -34.81
N PRO A 131 -49.82 -9.76 -35.51
CA PRO A 131 -50.90 -10.69 -35.17
C PRO A 131 -50.70 -11.35 -33.81
N ASP A 132 -49.43 -11.67 -33.51
CA ASP A 132 -49.03 -12.33 -32.28
C ASP A 132 -47.52 -12.08 -32.06
N MET A 133 -46.99 -12.61 -30.96
CA MET A 133 -45.57 -12.51 -30.65
C MET A 133 -44.80 -13.51 -31.54
N ALA A 134 -43.54 -13.18 -31.84
CA ALA A 134 -42.64 -14.03 -32.62
C ALA A 134 -42.60 -15.49 -32.19
N PHE A 135 -42.63 -15.74 -30.87
CA PHE A 135 -42.56 -17.10 -30.33
C PHE A 135 -43.65 -17.31 -29.27
N PRO A 136 -44.89 -17.62 -29.72
CA PRO A 136 -46.03 -17.76 -28.79
C PRO A 136 -45.89 -18.86 -27.74
N ARG A 137 -45.25 -19.97 -28.08
CA ARG A 137 -45.05 -21.07 -27.13
C ARG A 137 -44.09 -20.67 -26.00
N MET A 138 -43.09 -19.87 -26.36
CA MET A 138 -42.14 -19.30 -25.44
C MET A 138 -42.82 -18.28 -24.50
N ASN A 139 -43.75 -17.50 -25.06
CA ASN A 139 -44.57 -16.58 -24.29
C ASN A 139 -45.37 -17.32 -23.22
N ASN A 140 -46.02 -18.41 -23.62
CA ASN A 140 -46.74 -19.25 -22.66
C ASN A 140 -45.80 -19.76 -21.56
N LEU A 141 -44.57 -20.12 -21.94
CA LEU A 141 -43.59 -20.63 -21.00
C LEU A 141 -43.18 -19.54 -20.02
N SER A 142 -43.02 -18.31 -20.49
CA SER A 142 -42.67 -17.17 -19.63
C SER A 142 -43.70 -17.01 -18.50
N TYR A 143 -44.98 -17.19 -18.83
CA TYR A 143 -46.04 -17.11 -17.81
C TYR A 143 -45.89 -18.18 -16.74
N TRP A 144 -45.66 -19.42 -17.15
CA TRP A 144 -45.49 -20.50 -16.20
C TRP A 144 -44.23 -20.37 -15.33
N LEU A 145 -43.17 -19.77 -15.86
CA LEU A 145 -41.99 -19.50 -15.04
C LEU A 145 -42.31 -18.44 -13.97
N TYR A 146 -43.10 -17.43 -14.34
CA TYR A 146 -43.61 -16.43 -13.38
C TYR A 146 -44.39 -17.09 -12.26
N VAL A 147 -45.31 -17.97 -12.64
CA VAL A 147 -46.12 -18.69 -11.65
C VAL A 147 -45.29 -19.59 -10.73
N ALA A 148 -44.30 -20.28 -11.30
CA ALA A 148 -43.41 -21.14 -10.54
C ALA A 148 -42.55 -20.31 -9.58
N GLY A 149 -42.02 -19.19 -10.06
CA GLY A 149 -41.28 -18.25 -9.24
C GLY A 149 -42.10 -17.73 -8.07
N THR A 150 -43.36 -17.36 -8.34
CA THR A 150 -44.24 -16.88 -7.29
C THR A 150 -44.47 -17.95 -6.25
N SER A 151 -44.65 -19.19 -6.74
CA SER A 151 -44.94 -20.30 -5.87
C SER A 151 -43.77 -20.56 -4.94
N LEU A 152 -42.55 -20.48 -5.45
CA LEU A 152 -41.35 -20.66 -4.63
C LEU A 152 -41.12 -19.52 -3.61
N ALA A 153 -41.32 -18.28 -4.05
CA ALA A 153 -41.23 -17.11 -3.16
C ALA A 153 -42.20 -17.27 -1.99
N VAL A 154 -43.44 -17.61 -2.29
CA VAL A 154 -44.44 -17.83 -1.24
C VAL A 154 -44.08 -19.04 -0.37
N ALA A 155 -43.67 -20.15 -1.00
CA ALA A 155 -43.21 -21.33 -0.25
C ALA A 155 -42.08 -20.99 0.76
N SER A 156 -41.14 -20.14 0.35
CA SER A 156 -40.02 -19.73 1.21
C SER A 156 -40.47 -19.14 2.55
N LEU A 157 -41.66 -18.52 2.55
CA LEU A 157 -42.26 -17.91 3.74
C LEU A 157 -42.65 -18.97 4.75
N PHE A 158 -42.85 -20.21 4.29
CA PHE A 158 -43.26 -21.30 5.15
C PHE A 158 -42.17 -22.38 5.28
N ALA A 159 -40.98 -22.09 4.76
CA ALA A 159 -39.84 -23.01 4.86
C ALA A 159 -38.94 -22.66 6.06
N PRO A 160 -38.27 -23.68 6.66
CA PRO A 160 -37.32 -23.39 7.75
C PRO A 160 -36.33 -22.30 7.34
N GLY A 161 -36.26 -21.24 8.15
CA GLY A 161 -35.47 -20.05 7.82
C GLY A 161 -34.63 -19.60 9.02
N GLY A 162 -34.34 -18.29 9.09
CA GLY A 162 -33.48 -17.75 10.12
C GLY A 162 -34.02 -17.95 11.52
N ASN A 163 -33.10 -18.00 12.49
CA ASN A 163 -33.45 -17.98 13.92
C ASN A 163 -34.35 -19.11 14.38
N GLY A 164 -34.29 -20.25 13.69
CA GLY A 164 -35.13 -21.40 14.01
C GLY A 164 -36.62 -21.15 13.84
N GLN A 165 -36.97 -20.24 12.93
CA GLN A 165 -38.37 -20.00 12.60
C GLN A 165 -38.51 -20.23 11.10
N LEU A 166 -39.67 -19.90 10.54
CA LEU A 166 -39.87 -19.98 9.09
C LEU A 166 -39.57 -18.65 8.38
N GLY A 167 -39.19 -18.72 7.10
CA GLY A 167 -39.02 -17.55 6.25
C GLY A 167 -37.68 -16.87 6.36
N SER A 168 -37.35 -16.04 5.36
CA SER A 168 -36.06 -15.36 5.31
C SER A 168 -36.22 -13.90 5.72
N GLY A 169 -35.54 -13.48 6.80
CA GLY A 169 -35.59 -12.07 7.25
C GLY A 169 -34.42 -11.24 6.75
N ILE A 170 -34.35 -10.99 5.43
CA ILE A 170 -33.09 -10.56 4.83
C ILE A 170 -33.12 -9.33 3.93
N GLY A 171 -34.32 -8.77 3.70
CA GLY A 171 -34.45 -7.60 2.83
C GLY A 171 -34.56 -8.04 1.37
N TRP A 172 -35.28 -7.28 0.54
CA TRP A 172 -35.57 -7.77 -0.81
C TRP A 172 -34.29 -7.86 -1.65
N VAL A 173 -33.23 -7.21 -1.19
CA VAL A 173 -31.96 -7.16 -1.93
C VAL A 173 -30.89 -8.16 -1.44
N LEU A 174 -31.23 -8.93 -0.42
CA LEU A 174 -30.45 -10.10 0.04
C LEU A 174 -28.96 -9.85 0.35
N TYR A 175 -28.64 -8.76 1.04
CA TYR A 175 -27.24 -8.45 1.36
C TYR A 175 -26.57 -9.56 2.17
N PRO A 176 -25.39 -10.04 1.69
CA PRO A 176 -24.56 -10.93 2.50
C PRO A 176 -23.68 -10.08 3.42
N PRO A 177 -23.08 -10.69 4.48
CA PRO A 177 -23.25 -12.05 4.98
C PRO A 177 -24.59 -12.42 5.60
N LEU A 178 -25.50 -11.44 5.82
CA LEU A 178 -26.78 -11.80 6.41
C LEU A 178 -27.52 -12.86 5.57
N SER A 179 -27.64 -12.61 4.27
CA SER A 179 -28.37 -13.56 3.41
C SER A 179 -27.67 -14.94 3.34
N THR A 180 -26.34 -14.92 3.40
CA THR A 180 -25.55 -16.17 3.29
C THR A 180 -25.47 -16.96 4.61
N SER A 181 -25.67 -16.28 5.74
CA SER A 181 -25.68 -16.97 7.02
C SER A 181 -27.09 -17.28 7.56
N GLU A 182 -28.14 -16.82 6.89
CA GLU A 182 -29.53 -17.12 7.31
C GLU A 182 -29.75 -18.63 7.29
N SER A 183 -30.20 -19.20 8.40
CA SER A 183 -30.32 -20.66 8.48
C SER A 183 -31.51 -21.24 7.69
N GLY A 184 -31.49 -22.56 7.55
CA GLY A 184 -32.54 -23.28 6.86
C GLY A 184 -32.36 -23.10 5.39
N TYR A 185 -33.37 -23.49 4.63
CA TYR A 185 -33.29 -23.38 3.17
C TYR A 185 -34.31 -22.41 2.58
N SER A 186 -35.08 -21.72 3.43
CA SER A 186 -35.98 -20.65 3.00
C SER A 186 -35.30 -19.70 1.99
N THR A 187 -34.09 -19.27 2.31
CA THR A 187 -33.36 -18.34 1.44
C THR A 187 -32.98 -18.93 0.08
N ASP A 188 -32.70 -20.24 0.05
CA ASP A 188 -32.35 -20.89 -1.22
C ASP A 188 -33.59 -20.93 -2.12
N LEU A 189 -34.74 -21.22 -1.54
CA LEU A 189 -36.03 -21.13 -2.24
C LEU A 189 -36.31 -19.72 -2.79
N ALA A 190 -36.05 -18.70 -1.98
CA ALA A 190 -36.21 -17.31 -2.44
C ALA A 190 -35.31 -17.04 -3.64
N ILE A 191 -34.06 -17.50 -3.57
CA ILE A 191 -33.10 -17.32 -4.66
C ILE A 191 -33.60 -18.06 -5.93
N PHE A 192 -34.11 -19.28 -5.76
CA PHE A 192 -34.66 -20.00 -6.91
C PHE A 192 -35.88 -19.26 -7.51
N ALA A 193 -36.70 -18.64 -6.65
CA ALA A 193 -37.86 -17.88 -7.10
C ALA A 193 -37.41 -16.73 -7.98
N VAL A 194 -36.37 -16.02 -7.55
CA VAL A 194 -35.84 -14.89 -8.33
C VAL A 194 -35.22 -15.31 -9.68
N HIS A 195 -34.50 -16.46 -9.71
CA HIS A 195 -34.03 -17.07 -10.98
C HIS A 195 -35.18 -17.28 -11.97
N LEU A 196 -36.27 -17.88 -11.50
CA LEU A 196 -37.47 -18.14 -12.31
C LEU A 196 -38.14 -16.86 -12.79
N SER A 197 -38.25 -15.86 -11.91
CA SER A 197 -38.69 -14.53 -12.32
C SER A 197 -37.81 -13.97 -13.44
N GLY A 198 -36.50 -14.00 -13.24
CA GLY A 198 -35.55 -13.49 -14.23
C GLY A 198 -35.73 -14.19 -15.58
N ALA A 199 -35.97 -15.50 -15.55
CA ALA A 199 -36.11 -16.32 -16.75
C ALA A 199 -37.40 -15.93 -17.48
N SER A 200 -38.50 -15.81 -16.73
CA SER A 200 -39.76 -15.27 -17.26
C SER A 200 -39.58 -13.92 -17.95
N SER A 201 -38.90 -12.99 -17.26
CA SER A 201 -38.67 -11.66 -17.80
C SER A 201 -37.81 -11.72 -19.05
N ILE A 202 -36.81 -12.60 -19.06
CA ILE A 202 -35.86 -12.66 -20.19
C ILE A 202 -36.56 -13.24 -21.43
N LEU A 203 -37.37 -14.29 -21.24
CA LEU A 203 -38.17 -14.83 -22.35
C LEU A 203 -39.12 -13.78 -22.93
N GLY A 204 -39.87 -13.11 -22.04
CA GLY A 204 -40.68 -11.96 -22.39
C GLY A 204 -39.92 -10.94 -23.21
N ALA A 205 -38.76 -10.53 -22.72
CA ALA A 205 -37.93 -9.54 -23.43
C ALA A 205 -37.51 -10.02 -24.84
N ILE A 206 -37.15 -11.29 -24.97
CA ILE A 206 -36.73 -11.86 -26.26
C ILE A 206 -37.91 -11.76 -27.24
N ASN A 207 -39.07 -12.28 -26.83
CA ASN A 207 -40.32 -12.08 -27.55
C ASN A 207 -40.63 -10.63 -27.93
N MET A 208 -40.53 -9.70 -26.97
CA MET A 208 -40.89 -8.30 -27.24
C MET A 208 -39.99 -7.68 -28.29
N ILE A 209 -38.69 -7.95 -28.19
CA ILE A 209 -37.70 -7.35 -29.08
C ILE A 209 -37.82 -7.92 -30.52
N THR A 210 -37.98 -9.24 -30.61
CA THR A 210 -38.07 -9.94 -31.89
C THR A 210 -39.31 -9.48 -32.65
N THR A 211 -40.45 -9.53 -31.97
CA THR A 211 -41.71 -9.04 -32.51
C THR A 211 -41.62 -7.58 -32.97
N PHE A 212 -41.10 -6.72 -32.11
CA PHE A 212 -41.05 -5.28 -32.38
C PHE A 212 -40.22 -5.00 -33.63
N LEU A 213 -39.14 -5.78 -33.81
CA LEU A 213 -38.21 -5.56 -34.92
C LEU A 213 -38.70 -6.20 -36.22
N ASN A 214 -39.21 -7.43 -36.13
CA ASN A 214 -39.54 -8.23 -37.32
C ASN A 214 -41.01 -8.22 -37.76
N MET A 215 -41.92 -7.91 -36.85
CA MET A 215 -43.35 -8.17 -37.11
C MET A 215 -44.25 -6.94 -37.17
N ARG A 216 -43.67 -5.76 -37.32
CA ARG A 216 -44.47 -4.57 -37.56
C ARG A 216 -45.25 -4.70 -38.87
N ALA A 217 -46.48 -4.19 -38.87
CA ALA A 217 -47.32 -4.13 -40.06
C ALA A 217 -46.67 -3.27 -41.15
N PRO A 218 -46.93 -3.59 -42.44
CA PRO A 218 -46.41 -2.77 -43.55
C PRO A 218 -46.79 -1.30 -43.37
N GLY A 219 -45.83 -0.40 -43.59
CA GLY A 219 -46.05 1.03 -43.36
C GLY A 219 -45.77 1.48 -41.93
N MET A 220 -45.81 0.52 -41.00
CA MET A 220 -45.49 0.82 -39.58
C MET A 220 -43.98 1.03 -39.43
N THR A 221 -43.56 2.28 -39.66
CA THR A 221 -42.15 2.65 -39.54
C THR A 221 -41.79 2.92 -38.07
N MET A 222 -40.49 2.88 -37.76
CA MET A 222 -39.96 3.11 -36.41
C MET A 222 -40.46 4.42 -35.78
N HIS A 223 -40.61 5.44 -36.63
CA HIS A 223 -41.12 6.75 -36.21
C HIS A 223 -42.66 6.80 -36.16
N LYS A 224 -43.31 5.68 -36.48
CA LYS A 224 -44.80 5.62 -36.40
C LYS A 224 -45.30 4.67 -35.30
N VAL A 225 -44.38 4.06 -34.57
CA VAL A 225 -44.72 3.15 -33.48
C VAL A 225 -45.23 3.97 -32.29
N PRO A 226 -46.40 3.59 -31.72
CA PRO A 226 -46.93 4.29 -30.54
C PRO A 226 -45.98 4.25 -29.33
N LEU A 227 -46.02 5.30 -28.51
CA LEU A 227 -45.17 5.42 -27.33
C LEU A 227 -45.19 4.22 -26.35
N PHE A 228 -46.37 3.62 -26.15
CA PHE A 228 -46.42 2.44 -25.29
C PHE A 228 -45.54 1.30 -25.81
N ALA A 229 -45.61 1.06 -27.12
CA ALA A 229 -44.83 0.01 -27.77
C ALA A 229 -43.34 0.31 -27.66
N TRP A 230 -42.97 1.58 -27.81
CA TRP A 230 -41.60 2.00 -27.58
C TRP A 230 -41.14 1.72 -26.14
N SER A 231 -42.02 2.00 -25.17
CA SER A 231 -41.72 1.86 -23.74
C SER A 231 -41.43 0.40 -23.38
N ILE A 232 -42.24 -0.50 -23.94
CA ILE A 232 -42.07 -1.95 -23.79
C ILE A 232 -40.76 -2.43 -24.44
N PHE A 233 -40.42 -1.82 -25.58
CA PHE A 233 -39.22 -2.15 -26.34
C PHE A 233 -37.96 -1.77 -25.54
N VAL A 234 -37.89 -0.52 -25.10
CA VAL A 234 -36.78 -0.07 -24.25
C VAL A 234 -36.67 -0.94 -22.99
N THR A 235 -37.80 -1.22 -22.34
CA THR A 235 -37.86 -2.04 -21.12
C THR A 235 -37.27 -3.42 -21.35
N ALA A 236 -37.65 -4.01 -22.49
CA ALA A 236 -37.15 -5.32 -22.89
C ALA A 236 -35.63 -5.37 -22.98
N TRP A 237 -35.01 -4.32 -23.49
CA TRP A 237 -33.55 -4.22 -23.58
C TRP A 237 -32.89 -4.11 -22.21
N LEU A 238 -33.51 -3.35 -21.30
CA LEU A 238 -32.98 -3.23 -19.94
C LEU A 238 -32.99 -4.58 -19.26
N ILE A 239 -34.05 -5.36 -19.48
CA ILE A 239 -34.18 -6.68 -18.90
C ILE A 239 -33.05 -7.61 -19.35
N LEU A 240 -32.72 -7.59 -20.65
CA LEU A 240 -31.67 -8.47 -21.20
C LEU A 240 -30.28 -8.25 -20.61
N LEU A 241 -29.95 -7.00 -20.29
CA LEU A 241 -28.67 -6.70 -19.63
C LEU A 241 -28.73 -6.86 -18.10
N ALA A 242 -29.80 -6.37 -17.47
CA ALA A 242 -29.91 -6.36 -16.01
C ALA A 242 -30.15 -7.72 -15.39
N LEU A 243 -31.09 -8.49 -15.94
CA LEU A 243 -31.46 -9.76 -15.30
C LEU A 243 -30.39 -10.88 -15.25
N PRO A 244 -29.57 -11.02 -16.31
CA PRO A 244 -28.44 -11.95 -16.20
C PRO A 244 -27.41 -11.55 -15.14
N VAL A 245 -27.17 -10.26 -14.97
CA VAL A 245 -26.28 -9.79 -13.91
C VAL A 245 -26.84 -10.21 -12.53
N LEU A 246 -28.13 -9.99 -12.31
CA LEU A 246 -28.77 -10.45 -11.09
C LEU A 246 -28.64 -11.97 -10.92
N ALA A 247 -28.76 -12.70 -12.03
CA ALA A 247 -28.63 -14.17 -11.99
C ALA A 247 -27.24 -14.58 -11.43
N GLY A 248 -26.20 -13.87 -11.85
CA GLY A 248 -24.85 -14.07 -11.31
C GLY A 248 -24.80 -13.82 -9.80
N ALA A 249 -25.17 -12.59 -9.41
CA ALA A 249 -25.20 -12.18 -7.99
C ALA A 249 -25.84 -13.22 -7.06
N ILE A 250 -27.03 -13.68 -7.41
CA ILE A 250 -27.74 -14.59 -6.54
C ILE A 250 -27.23 -16.04 -6.59
N THR A 251 -26.62 -16.41 -7.71
CA THR A 251 -25.99 -17.74 -7.83
C THR A 251 -24.75 -17.78 -6.92
N MET A 252 -24.03 -16.67 -6.88
CA MET A 252 -22.91 -16.49 -5.98
C MET A 252 -23.31 -16.57 -4.50
N LEU A 253 -24.51 -16.09 -4.17
CA LEU A 253 -25.08 -16.27 -2.84
C LEU A 253 -25.39 -17.73 -2.63
N LEU A 254 -25.93 -18.36 -3.66
CA LEU A 254 -26.31 -19.76 -3.55
C LEU A 254 -25.04 -20.64 -3.34
N THR A 255 -23.93 -20.27 -3.98
CA THR A 255 -22.70 -21.07 -3.84
C THR A 255 -21.97 -20.79 -2.52
N ASP A 256 -22.07 -19.54 -2.02
CA ASP A 256 -21.56 -19.23 -0.67
C ASP A 256 -22.32 -19.99 0.39
N ARG A 257 -23.62 -20.17 0.19
CA ARG A 257 -24.46 -20.87 1.15
C ARG A 257 -24.29 -22.39 1.12
N ASN A 258 -24.17 -22.97 -0.07
CA ASN A 258 -24.24 -24.43 -0.23
C ASN A 258 -23.01 -25.15 -0.81
N PHE A 259 -22.13 -24.42 -1.51
CA PHE A 259 -21.08 -25.07 -2.31
C PHE A 259 -19.67 -24.57 -2.02
N GLY A 260 -19.46 -24.07 -0.80
CA GLY A 260 -18.13 -23.75 -0.29
C GLY A 260 -17.39 -22.54 -0.84
N THR A 261 -18.03 -21.75 -1.69
CA THR A 261 -17.38 -20.54 -2.18
C THR A 261 -17.37 -19.47 -1.07
N THR A 262 -16.53 -18.46 -1.24
CA THR A 262 -16.46 -17.36 -0.29
C THR A 262 -16.35 -16.03 -1.03
N PHE A 263 -17.17 -15.86 -2.07
CA PHE A 263 -17.21 -14.60 -2.83
C PHE A 263 -17.45 -13.42 -1.91
N PHE A 264 -18.30 -13.61 -0.90
CA PHE A 264 -18.73 -12.49 -0.06
C PHE A 264 -18.33 -12.68 1.42
N GLN A 265 -17.42 -13.61 1.67
CA GLN A 265 -16.98 -13.94 3.02
C GLN A 265 -15.51 -13.58 3.24
N PRO A 266 -15.25 -12.60 4.14
CA PRO A 266 -13.90 -12.10 4.44
C PRO A 266 -12.91 -13.20 4.90
N SER A 267 -13.40 -14.25 5.55
CA SER A 267 -12.53 -15.32 6.01
C SER A 267 -11.85 -16.03 4.83
N GLY A 268 -12.50 -16.00 3.67
CA GLY A 268 -11.96 -16.61 2.47
C GLY A 268 -11.47 -15.59 1.48
N GLY A 269 -11.28 -14.35 1.92
CA GLY A 269 -10.85 -13.27 1.03
C GLY A 269 -11.96 -12.59 0.22
N GLY A 270 -13.22 -12.87 0.54
CA GLY A 270 -14.35 -12.23 -0.14
C GLY A 270 -14.66 -10.85 0.39
N ASP A 271 -15.56 -10.15 -0.30
CA ASP A 271 -15.94 -8.80 0.01
C ASP A 271 -17.46 -8.68 -0.13
N PRO A 272 -18.19 -8.47 1.00
CA PRO A 272 -19.64 -8.32 0.96
C PRO A 272 -20.07 -7.16 0.07
N VAL A 273 -19.24 -6.12 -0.04
CA VAL A 273 -19.54 -4.96 -0.87
C VAL A 273 -19.56 -5.29 -2.38
N LEU A 274 -18.84 -6.35 -2.77
CA LEU A 274 -18.84 -6.82 -4.14
C LEU A 274 -20.25 -7.21 -4.55
N TYR A 275 -20.93 -7.93 -3.66
CA TYR A 275 -22.31 -8.28 -3.91
C TYR A 275 -23.16 -7.06 -4.20
N GLN A 276 -22.97 -6.00 -3.42
CA GLN A 276 -23.75 -4.78 -3.60
C GLN A 276 -23.58 -4.16 -4.97
N HIS A 277 -22.34 -4.12 -5.48
CA HIS A 277 -22.06 -3.57 -6.81
C HIS A 277 -22.81 -4.34 -7.89
N ILE A 278 -22.75 -5.66 -7.80
CA ILE A 278 -23.40 -6.54 -8.75
C ILE A 278 -24.94 -6.48 -8.62
N LEU A 279 -25.45 -6.51 -7.39
CA LEU A 279 -26.90 -6.44 -7.14
C LEU A 279 -27.46 -5.12 -7.66
N TRP A 280 -26.83 -4.00 -7.30
CA TRP A 280 -27.35 -2.71 -7.72
C TRP A 280 -27.11 -2.41 -9.22
N PHE A 281 -26.20 -3.17 -9.84
CA PHE A 281 -26.02 -3.04 -11.29
C PHE A 281 -27.30 -3.52 -12.00
N PHE A 282 -27.94 -4.56 -11.44
CA PHE A 282 -29.32 -4.95 -11.79
C PHE A 282 -30.36 -3.99 -11.20
N GLY A 283 -30.10 -3.57 -9.95
CA GLY A 283 -31.08 -2.94 -9.10
C GLY A 283 -31.55 -1.58 -9.53
N HIS A 284 -30.63 -0.73 -9.98
CA HIS A 284 -31.12 0.46 -10.58
C HIS A 284 -31.96 0.25 -11.86
N PRO A 285 -31.42 -0.44 -12.90
CA PRO A 285 -32.26 -0.73 -14.08
C PRO A 285 -33.65 -1.25 -13.72
N GLU A 286 -33.70 -2.16 -12.75
CA GLU A 286 -34.95 -2.71 -12.23
C GLU A 286 -36.04 -1.65 -12.00
N VAL A 287 -35.70 -0.51 -11.39
CA VAL A 287 -36.72 0.50 -11.11
C VAL A 287 -37.24 1.18 -12.39
N TYR A 288 -36.36 1.30 -13.41
CA TYR A 288 -36.74 1.85 -14.70
C TYR A 288 -37.51 0.82 -15.53
N ILE A 289 -37.13 -0.44 -15.42
CA ILE A 289 -37.96 -1.55 -15.95
C ILE A 289 -39.42 -1.49 -15.43
N ILE A 290 -39.56 -1.13 -14.16
CA ILE A 290 -40.86 -1.00 -13.54
C ILE A 290 -41.63 0.18 -14.13
N VAL A 291 -40.98 1.33 -14.19
CA VAL A 291 -41.69 2.56 -14.52
C VAL A 291 -41.86 2.87 -16.03
N LEU A 292 -41.00 2.34 -16.91
CA LEU A 292 -41.09 2.73 -18.32
C LEU A 292 -42.45 2.41 -19.00
N PRO A 293 -42.97 1.18 -18.83
CA PRO A 293 -44.33 0.91 -19.37
C PRO A 293 -45.43 1.84 -18.86
N ALA A 294 -45.30 2.29 -17.59
CA ALA A 294 -46.17 3.30 -17.01
C ALA A 294 -46.08 4.64 -17.75
N PHE A 295 -44.86 5.02 -18.13
CA PHE A 295 -44.63 6.21 -18.97
C PHE A 295 -45.43 6.07 -20.28
N GLY A 296 -45.32 4.91 -20.93
CA GLY A 296 -46.07 4.61 -22.16
C GLY A 296 -47.57 4.79 -22.02
N ILE A 297 -48.15 4.14 -21.03
CA ILE A 297 -49.57 4.25 -20.68
C ILE A 297 -50.00 5.70 -20.41
N VAL A 298 -49.22 6.42 -19.61
CA VAL A 298 -49.51 7.84 -19.33
C VAL A 298 -49.61 8.69 -20.62
N SER A 299 -48.69 8.46 -21.56
CA SER A 299 -48.72 9.17 -22.85
C SER A 299 -49.98 8.93 -23.67
N HIS A 300 -50.38 7.66 -23.79
CA HIS A 300 -51.62 7.29 -24.47
C HIS A 300 -52.86 7.88 -23.82
N VAL A 301 -52.91 7.81 -22.49
CA VAL A 301 -54.08 8.27 -21.75
C VAL A 301 -54.22 9.80 -21.85
N ILE A 302 -53.12 10.51 -21.68
CA ILE A 302 -53.19 11.97 -21.65
C ILE A 302 -53.52 12.52 -23.05
N ALA A 303 -52.91 11.94 -24.08
CA ALA A 303 -53.22 12.29 -25.47
C ALA A 303 -54.71 12.08 -25.77
N THR A 304 -55.27 10.97 -25.29
CA THR A 304 -56.69 10.66 -25.48
C THR A 304 -57.65 11.65 -24.81
N PHE A 305 -57.42 11.94 -23.53
CA PHE A 305 -58.39 12.70 -22.76
C PHE A 305 -58.19 14.19 -22.78
N ALA A 306 -57.02 14.61 -23.24
CA ALA A 306 -56.76 15.98 -23.63
C ALA A 306 -57.20 16.22 -25.09
N LYS A 307 -57.48 15.14 -25.82
CA LYS A 307 -57.92 15.20 -27.21
C LYS A 307 -56.90 15.96 -28.06
N LYS A 308 -55.63 15.62 -27.86
CA LYS A 308 -54.55 16.39 -28.43
C LYS A 308 -53.36 15.46 -28.60
N PRO A 309 -52.62 15.56 -29.74
CA PRO A 309 -51.52 14.61 -29.92
C PRO A 309 -50.43 14.86 -28.88
N ILE A 310 -49.65 13.82 -28.57
CA ILE A 310 -48.59 13.93 -27.58
C ILE A 310 -47.58 14.99 -27.98
N PHE A 311 -47.25 15.87 -27.04
CA PHE A 311 -46.22 16.89 -27.24
C PHE A 311 -44.84 16.21 -27.33
N GLY A 312 -44.10 16.52 -28.40
CA GLY A 312 -42.76 15.98 -28.63
C GLY A 312 -42.64 14.46 -28.68
N TYR A 313 -43.28 13.82 -29.66
CA TYR A 313 -43.16 12.38 -29.82
C TYR A 313 -41.71 11.87 -29.81
N LEU A 314 -40.84 12.49 -30.63
CA LEU A 314 -39.45 12.00 -30.76
C LEU A 314 -38.60 12.24 -29.50
N PRO A 315 -38.69 13.46 -28.90
CA PRO A 315 -38.08 13.65 -27.57
C PRO A 315 -38.56 12.64 -26.51
N MET A 316 -39.84 12.25 -26.54
CA MET A 316 -40.32 11.21 -25.62
C MET A 316 -39.62 9.88 -25.85
N VAL A 317 -39.50 9.47 -27.12
CA VAL A 317 -38.78 8.24 -27.46
C VAL A 317 -37.30 8.33 -27.02
N TYR A 318 -36.65 9.45 -27.35
CA TYR A 318 -35.24 9.63 -27.07
C TYR A 318 -34.97 9.74 -25.57
N ALA A 319 -35.85 10.44 -24.85
CA ALA A 319 -35.74 10.54 -23.41
C ALA A 319 -35.77 9.14 -22.79
N MET A 320 -36.72 8.30 -23.22
CA MET A 320 -36.80 6.93 -22.75
C MET A 320 -35.55 6.13 -23.05
N VAL A 321 -35.01 6.28 -24.26
CA VAL A 321 -33.80 5.56 -24.66
C VAL A 321 -32.63 6.01 -23.78
N ALA A 322 -32.57 7.32 -23.53
CA ALA A 322 -31.47 7.94 -22.79
C ALA A 322 -31.49 7.50 -21.32
N ILE A 323 -32.67 7.61 -20.70
CA ILE A 323 -32.94 7.12 -19.34
C ILE A 323 -32.57 5.64 -19.20
N GLY A 324 -33.02 4.82 -20.15
CA GLY A 324 -32.70 3.41 -20.19
C GLY A 324 -31.21 3.15 -20.15
N VAL A 325 -30.48 3.88 -21.01
CA VAL A 325 -29.03 3.77 -21.14
C VAL A 325 -28.28 4.29 -19.88
N LEU A 326 -28.59 5.51 -19.46
CA LEU A 326 -27.96 6.12 -18.28
C LEU A 326 -28.30 5.37 -16.95
N GLY A 327 -29.41 4.64 -16.95
CA GLY A 327 -29.81 3.80 -15.84
C GLY A 327 -28.85 2.67 -15.53
N PHE A 328 -27.84 2.47 -16.39
CA PHE A 328 -26.81 1.45 -16.16
C PHE A 328 -25.50 1.96 -15.56
N VAL A 329 -25.43 3.26 -15.31
CA VAL A 329 -24.17 3.87 -14.86
C VAL A 329 -24.33 4.71 -13.58
N VAL A 330 -25.39 4.44 -12.82
CA VAL A 330 -25.70 5.20 -11.60
C VAL A 330 -25.83 4.35 -10.32
N TRP A 331 -25.66 3.04 -10.44
CA TRP A 331 -26.02 2.10 -9.41
C TRP A 331 -25.53 2.41 -7.98
N ALA A 332 -24.31 2.96 -7.86
CA ALA A 332 -23.70 3.10 -6.54
C ALA A 332 -24.28 4.24 -5.70
N HIS A 333 -25.25 5.00 -6.23
CA HIS A 333 -26.02 5.91 -5.36
C HIS A 333 -26.84 5.13 -4.30
N HIS A 334 -26.92 3.81 -4.46
CA HIS A 334 -27.54 2.95 -3.46
C HIS A 334 -26.51 2.49 -2.40
N MET A 335 -25.30 3.06 -2.46
CA MET A 335 -24.15 2.55 -1.73
C MET A 335 -23.28 3.65 -1.14
N TYR A 336 -23.81 4.87 -1.01
CA TYR A 336 -23.04 6.03 -0.57
C TYR A 336 -22.39 5.89 0.84
N THR A 337 -22.99 5.05 1.70
CA THR A 337 -22.47 4.82 3.05
C THR A 337 -21.81 3.45 3.18
N ALA A 338 -21.68 2.73 2.07
CA ALA A 338 -21.18 1.36 2.10
C ALA A 338 -19.66 1.29 2.18
N GLY A 339 -18.97 2.43 1.99
CA GLY A 339 -17.52 2.46 1.99
C GLY A 339 -16.94 2.80 0.63
N LEU A 340 -17.65 3.64 -0.13
CA LEU A 340 -17.16 4.12 -1.42
C LEU A 340 -16.20 5.29 -1.19
N SER A 341 -15.17 5.37 -2.03
CA SER A 341 -14.23 6.48 -2.00
C SER A 341 -14.92 7.79 -2.38
N LEU A 342 -14.27 8.91 -2.05
CA LEU A 342 -14.78 10.23 -2.39
C LEU A 342 -14.95 10.43 -3.92
N THR A 343 -14.04 9.85 -4.69
CA THR A 343 -14.09 9.93 -6.16
C THR A 343 -15.29 9.19 -6.72
N GLN A 344 -15.46 7.94 -6.29
CA GLN A 344 -16.64 7.16 -6.67
C GLN A 344 -17.93 7.89 -6.31
N GLN A 345 -18.04 8.34 -5.07
CA GLN A 345 -19.25 9.02 -4.59
C GLN A 345 -19.58 10.22 -5.46
N SER A 346 -18.54 11.00 -5.77
CA SER A 346 -18.67 12.19 -6.60
C SER A 346 -19.10 11.87 -8.02
N TYR A 347 -18.53 10.82 -8.61
CA TYR A 347 -18.93 10.41 -9.96
C TYR A 347 -20.40 10.00 -10.00
N PHE A 348 -20.80 9.12 -9.09
CA PHE A 348 -22.14 8.56 -9.11
C PHE A 348 -23.17 9.63 -8.83
N MET A 349 -22.78 10.61 -8.01
CA MET A 349 -23.62 11.76 -7.74
C MET A 349 -23.89 12.58 -9.01
N MET A 350 -22.84 12.87 -9.78
CA MET A 350 -22.97 13.59 -11.06
C MET A 350 -23.77 12.84 -12.10
N ALA A 351 -23.44 11.57 -12.32
CA ALA A 351 -24.21 10.68 -13.21
C ALA A 351 -25.70 10.61 -12.86
N THR A 352 -26.00 10.56 -11.57
CA THR A 352 -27.39 10.51 -11.09
C THR A 352 -28.12 11.83 -11.38
N MET A 353 -27.43 12.94 -11.20
CA MET A 353 -28.03 14.23 -11.48
C MET A 353 -28.35 14.42 -12.98
N VAL A 354 -27.47 13.92 -13.84
CA VAL A 354 -27.66 13.99 -15.30
C VAL A 354 -28.96 13.29 -15.72
N ILE A 355 -29.15 12.06 -15.28
CA ILE A 355 -30.34 11.27 -15.63
C ILE A 355 -31.63 11.91 -15.10
N ALA A 356 -31.52 12.69 -14.04
CA ALA A 356 -32.65 13.45 -13.52
C ALA A 356 -33.28 14.39 -14.57
N VAL A 357 -32.44 14.91 -15.46
CA VAL A 357 -32.89 15.89 -16.47
C VAL A 357 -33.89 15.30 -17.50
N PRO A 358 -33.50 14.30 -18.31
CA PRO A 358 -34.52 13.76 -19.22
C PRO A 358 -35.77 13.19 -18.51
N THR A 359 -35.57 12.63 -17.30
CA THR A 359 -36.65 12.03 -16.51
C THR A 359 -37.64 13.09 -16.10
N GLY A 360 -37.14 14.14 -15.43
CA GLY A 360 -37.96 15.25 -14.95
C GLY A 360 -38.60 16.04 -16.08
N ILE A 361 -37.91 16.12 -17.21
CA ILE A 361 -38.40 16.84 -18.41
C ILE A 361 -39.76 16.28 -18.87
N LYS A 362 -39.89 14.96 -18.96
CA LYS A 362 -41.11 14.30 -19.46
C LYS A 362 -42.39 14.80 -18.77
N ILE A 363 -42.27 15.24 -17.52
CA ILE A 363 -43.38 15.87 -16.80
C ILE A 363 -43.89 17.13 -17.53
N PHE A 364 -42.95 17.94 -18.02
CA PHE A 364 -43.25 19.14 -18.77
C PHE A 364 -43.95 18.84 -20.10
N SER A 365 -43.54 17.76 -20.76
CA SER A 365 -44.15 17.30 -22.01
C SER A 365 -45.60 16.84 -21.84
N TRP A 366 -45.88 16.13 -20.74
CA TRP A 366 -47.21 15.67 -20.42
C TRP A 366 -48.13 16.86 -20.12
N ILE A 367 -47.62 17.85 -19.38
CA ILE A 367 -48.38 19.07 -19.11
C ILE A 367 -48.61 19.87 -20.42
N ALA A 368 -47.57 19.94 -21.26
CA ALA A 368 -47.68 20.62 -22.55
C ALA A 368 -48.72 19.93 -23.45
N THR A 369 -48.81 18.61 -23.35
CA THR A 369 -49.83 17.83 -24.06
C THR A 369 -51.25 18.24 -23.66
N MET A 370 -51.46 18.45 -22.36
CA MET A 370 -52.75 18.90 -21.86
C MET A 370 -53.03 20.32 -22.30
N TRP A 371 -51.96 21.13 -22.31
CA TRP A 371 -52.05 22.56 -22.54
C TRP A 371 -52.68 22.84 -23.91
N GLY A 372 -53.73 23.65 -23.92
CA GLY A 372 -54.47 23.98 -25.14
C GLY A 372 -55.38 22.86 -25.62
N GLY A 373 -55.59 21.85 -24.78
CA GLY A 373 -56.41 20.71 -25.18
C GLY A 373 -57.87 20.94 -24.88
N SER A 374 -58.65 19.87 -24.98
CA SER A 374 -60.06 19.91 -24.62
C SER A 374 -60.29 18.75 -23.65
N ILE A 375 -60.15 19.04 -22.35
CA ILE A 375 -59.89 18.00 -21.35
C ILE A 375 -61.13 17.33 -20.74
N GLU A 376 -61.22 16.01 -20.89
CA GLU A 376 -62.23 15.29 -20.13
C GLU A 376 -61.64 14.53 -18.93
N LEU A 377 -62.22 14.75 -17.76
CA LEU A 377 -61.69 14.17 -16.52
C LEU A 377 -62.31 12.81 -16.16
N LYS A 378 -62.32 11.89 -17.12
CA LYS A 378 -62.76 10.52 -16.89
C LYS A 378 -61.72 9.80 -16.02
N THR A 379 -62.10 8.67 -15.43
CA THR A 379 -61.21 7.92 -14.53
C THR A 379 -59.75 7.71 -15.03
N PRO A 380 -59.53 7.21 -16.28
CA PRO A 380 -58.13 6.96 -16.66
C PRO A 380 -57.30 8.23 -16.60
N MET A 381 -57.92 9.37 -16.93
CA MET A 381 -57.24 10.65 -16.94
C MET A 381 -56.89 11.12 -15.55
N LEU A 382 -57.78 10.88 -14.60
CA LEU A 382 -57.52 11.16 -13.18
C LEU A 382 -56.24 10.41 -12.71
N TRP A 383 -56.17 9.11 -12.99
CA TRP A 383 -54.97 8.31 -12.66
C TRP A 383 -53.71 8.91 -13.25
N ALA A 384 -53.78 9.32 -14.53
CA ALA A 384 -52.65 9.92 -15.20
C ALA A 384 -52.20 11.24 -14.57
N LEU A 385 -53.17 12.06 -14.17
CA LEU A 385 -52.86 13.32 -13.51
C LEU A 385 -52.30 13.08 -12.10
N GLY A 386 -52.87 12.09 -11.39
CA GLY A 386 -52.32 11.63 -10.11
C GLY A 386 -50.87 11.18 -10.29
N PHE A 387 -50.60 10.40 -11.34
CA PHE A 387 -49.25 9.98 -11.67
C PHE A 387 -48.29 11.17 -11.77
N LEU A 388 -48.70 12.23 -12.48
CA LEU A 388 -47.82 13.39 -12.70
C LEU A 388 -47.42 14.05 -11.39
N PHE A 389 -48.40 14.20 -10.49
CA PHE A 389 -48.17 14.79 -9.17
C PHE A 389 -47.26 13.90 -8.27
N LEU A 390 -47.61 12.63 -8.13
CA LEU A 390 -46.88 11.72 -7.26
C LEU A 390 -45.46 11.46 -7.77
N PHE A 391 -45.32 11.28 -9.07
CA PHE A 391 -44.01 11.09 -9.70
C PHE A 391 -43.13 12.33 -9.50
N THR A 392 -43.74 13.51 -9.57
CA THR A 392 -43.00 14.74 -9.27
C THR A 392 -42.55 14.79 -7.78
N VAL A 393 -43.47 14.56 -6.85
CA VAL A 393 -43.15 14.57 -5.41
C VAL A 393 -42.04 13.56 -5.09
N GLY A 394 -42.13 12.38 -5.69
CA GLY A 394 -41.09 11.38 -5.54
C GLY A 394 -39.79 11.73 -6.24
N GLY A 395 -39.88 12.33 -7.42
CA GLY A 395 -38.67 12.67 -8.18
C GLY A 395 -37.80 13.72 -7.50
N VAL A 396 -38.43 14.72 -6.88
CA VAL A 396 -37.69 15.77 -6.22
C VAL A 396 -36.94 15.33 -4.95
N THR A 397 -37.47 14.34 -4.23
CA THR A 397 -36.74 13.77 -3.10
C THR A 397 -35.61 12.88 -3.60
N GLY A 398 -35.75 12.36 -4.82
CA GLY A 398 -34.63 11.70 -5.46
C GLY A 398 -33.47 12.68 -5.61
N ILE A 399 -33.78 13.92 -6.02
CA ILE A 399 -32.76 14.96 -6.19
C ILE A 399 -32.01 15.19 -4.89
N VAL A 400 -32.74 15.32 -3.79
CA VAL A 400 -32.17 15.42 -2.46
C VAL A 400 -31.20 14.25 -2.19
N LEU A 401 -31.70 13.03 -2.41
CA LEU A 401 -30.93 11.80 -2.13
C LEU A 401 -29.65 11.67 -2.96
N SER A 402 -29.68 12.15 -4.20
CA SER A 402 -28.51 12.08 -5.09
C SER A 402 -27.30 12.77 -4.47
N GLN A 403 -27.55 13.81 -3.69
CA GLN A 403 -26.49 14.52 -2.99
C GLN A 403 -25.99 13.67 -1.83
N ALA A 404 -24.87 12.98 -2.08
CA ALA A 404 -24.25 12.08 -1.12
C ALA A 404 -24.07 12.67 0.28
N SER A 405 -23.76 13.95 0.39
CA SER A 405 -23.57 14.57 1.70
C SER A 405 -24.85 14.57 2.52
N VAL A 406 -25.99 14.69 1.83
CA VAL A 406 -27.30 14.70 2.47
C VAL A 406 -27.86 13.27 2.63
N ASP A 407 -27.52 12.40 1.69
CA ASP A 407 -27.87 11.00 1.78
C ASP A 407 -27.23 10.36 3.01
N ARG A 408 -26.10 10.91 3.47
CA ARG A 408 -25.45 10.44 4.70
C ARG A 408 -26.46 10.38 5.83
N TYR A 409 -27.31 11.40 5.90
CA TYR A 409 -28.33 11.46 6.93
C TYR A 409 -29.53 10.57 6.56
N TYR A 410 -29.98 10.62 5.30
CA TYR A 410 -31.26 9.97 4.93
C TYR A 410 -31.15 8.49 4.63
N HIS A 411 -29.96 8.03 4.27
CA HIS A 411 -29.81 6.64 3.86
C HIS A 411 -30.27 5.68 4.96
N ASP A 412 -31.03 4.67 4.55
CA ASP A 412 -31.55 3.64 5.47
C ASP A 412 -32.46 4.25 6.53
N THR A 413 -33.20 5.30 6.13
CA THR A 413 -34.26 5.90 6.94
C THR A 413 -35.56 5.90 6.13
N TYR A 414 -36.67 6.20 6.81
CA TYR A 414 -37.96 6.30 6.15
C TYR A 414 -38.12 7.38 5.08
N TYR A 415 -37.16 8.30 4.97
CA TYR A 415 -37.20 9.31 3.93
C TYR A 415 -37.00 8.64 2.56
N VAL A 416 -36.14 7.63 2.52
CA VAL A 416 -35.93 6.85 1.32
C VAL A 416 -37.18 6.02 1.02
N VAL A 417 -37.78 5.42 2.04
CA VAL A 417 -39.04 4.68 1.88
C VAL A 417 -40.15 5.57 1.27
N ALA A 418 -40.26 6.81 1.74
CA ALA A 418 -41.23 7.77 1.21
C ALA A 418 -40.90 8.08 -0.26
N HIS A 419 -39.64 8.42 -0.52
CA HIS A 419 -39.17 8.63 -1.88
C HIS A 419 -39.61 7.55 -2.90
N PHE A 420 -39.26 6.30 -2.63
CA PHE A 420 -39.52 5.29 -3.63
C PHE A 420 -40.97 4.82 -3.70
N HIS A 421 -41.71 4.92 -2.60
CA HIS A 421 -43.14 4.69 -2.70
C HIS A 421 -43.84 5.77 -3.55
N TYR A 422 -43.38 7.02 -3.47
CA TYR A 422 -43.97 8.08 -4.30
C TYR A 422 -43.62 7.88 -5.77
N VAL A 423 -42.31 7.80 -6.05
CA VAL A 423 -41.80 7.85 -7.42
C VAL A 423 -41.99 6.54 -8.15
N MET A 424 -41.79 5.43 -7.45
CA MET A 424 -41.75 4.10 -8.06
C MET A 424 -43.04 3.31 -7.77
N SER A 425 -43.33 3.09 -6.50
CA SER A 425 -44.44 2.24 -6.13
C SER A 425 -45.78 2.81 -6.57
N LEU A 426 -46.04 4.07 -6.23
CA LEU A 426 -47.28 4.75 -6.67
C LEU A 426 -47.26 5.11 -8.16
N GLY A 427 -46.08 5.46 -8.68
CA GLY A 427 -45.92 5.66 -10.12
C GLY A 427 -46.41 4.46 -10.91
N ALA A 428 -45.88 3.28 -10.60
CA ALA A 428 -46.29 2.04 -11.27
C ALA A 428 -47.78 1.73 -11.06
N VAL A 429 -48.22 1.84 -9.81
CA VAL A 429 -49.57 1.54 -9.46
C VAL A 429 -50.61 2.46 -10.16
N PHE A 430 -50.30 3.75 -10.26
CA PHE A 430 -51.20 4.71 -10.93
C PHE A 430 -51.18 4.45 -12.42
N GLY A 431 -50.03 3.99 -12.94
CA GLY A 431 -49.90 3.56 -14.32
C GLY A 431 -50.75 2.34 -14.60
N ILE A 432 -50.72 1.38 -13.68
CA ILE A 432 -51.51 0.17 -13.79
C ILE A 432 -53.00 0.50 -13.78
N PHE A 433 -53.45 1.32 -12.83
CA PHE A 433 -54.87 1.68 -12.74
C PHE A 433 -55.31 2.50 -13.95
N ALA A 434 -54.45 3.39 -14.44
CA ALA A 434 -54.72 4.13 -15.66
C ALA A 434 -54.99 3.17 -16.82
N GLY A 435 -54.15 2.14 -16.95
CA GLY A 435 -54.28 1.15 -18.01
C GLY A 435 -55.56 0.35 -17.90
N ILE A 436 -55.86 -0.10 -16.68
CA ILE A 436 -57.01 -0.95 -16.46
C ILE A 436 -58.32 -0.21 -16.83
N TYR A 437 -58.48 1.03 -16.37
CA TYR A 437 -59.71 1.80 -16.69
C TYR A 437 -59.77 2.19 -18.17
N PHE A 438 -58.61 2.57 -18.73
CA PHE A 438 -58.46 2.86 -20.15
C PHE A 438 -58.90 1.70 -21.03
N TRP A 439 -58.48 0.49 -20.67
CA TRP A 439 -58.52 -0.65 -21.57
C TRP A 439 -59.50 -1.78 -21.21
N ILE A 440 -60.09 -1.74 -20.02
CA ILE A 440 -60.96 -2.83 -19.59
C ILE A 440 -62.14 -3.11 -20.56
N GLY A 441 -62.75 -2.05 -21.08
CA GLY A 441 -63.80 -2.20 -22.11
C GLY A 441 -63.27 -2.90 -23.35
N LYS A 442 -62.09 -2.48 -23.81
CA LYS A 442 -61.43 -3.09 -24.98
C LYS A 442 -61.14 -4.58 -24.76
N MET A 443 -60.62 -4.92 -23.58
CA MET A 443 -60.21 -6.28 -23.27
C MET A 443 -61.39 -7.19 -22.99
N SER A 444 -62.46 -6.67 -22.37
CA SER A 444 -63.52 -7.53 -21.85
C SER A 444 -64.87 -7.44 -22.58
N GLY A 445 -65.11 -6.35 -23.30
CA GLY A 445 -66.43 -6.09 -23.88
C GLY A 445 -67.39 -5.44 -22.91
N ARG A 446 -66.92 -5.14 -21.69
CA ARG A 446 -67.73 -4.52 -20.66
C ARG A 446 -67.05 -3.29 -20.05
N GLN A 447 -67.86 -2.27 -19.76
CA GLN A 447 -67.35 -0.99 -19.29
C GLN A 447 -67.49 -0.85 -17.77
N TYR A 448 -66.55 -0.16 -17.15
CA TYR A 448 -66.60 0.08 -15.70
C TYR A 448 -67.57 1.24 -15.46
N PRO A 449 -68.25 1.27 -14.29
CA PRO A 449 -69.09 2.43 -13.90
C PRO A 449 -68.30 3.67 -13.47
N GLU A 450 -68.54 4.79 -14.15
CA GLU A 450 -67.67 5.96 -14.06
C GLU A 450 -67.57 6.52 -12.65
N TRP A 451 -68.69 6.55 -11.93
CA TRP A 451 -68.72 7.12 -10.57
C TRP A 451 -67.82 6.31 -9.62
N ALA A 452 -67.78 5.00 -9.82
CA ALA A 452 -66.98 4.08 -8.99
C ALA A 452 -65.49 4.21 -9.31
N GLY A 453 -65.17 4.31 -10.60
CA GLY A 453 -63.81 4.67 -11.03
C GLY A 453 -63.27 5.87 -10.27
N LYS A 454 -64.05 6.96 -10.24
CA LYS A 454 -63.65 8.21 -9.63
C LYS A 454 -63.54 8.11 -8.11
N LEU A 455 -64.48 7.40 -7.49
CA LEU A 455 -64.42 7.15 -6.05
C LEU A 455 -63.15 6.37 -5.65
N HIS A 456 -62.81 5.35 -6.45
CA HIS A 456 -61.57 4.59 -6.29
C HIS A 456 -60.39 5.56 -6.36
N PHE A 457 -60.35 6.37 -7.40
CA PHE A 457 -59.27 7.31 -7.56
C PHE A 457 -59.07 8.20 -6.33
N TRP A 458 -60.14 8.85 -5.87
CA TRP A 458 -60.01 9.80 -4.76
C TRP A 458 -59.65 9.14 -3.43
N MET A 459 -60.22 7.97 -3.14
CA MET A 459 -59.86 7.21 -1.94
C MET A 459 -58.36 6.83 -1.96
N MET A 460 -57.92 6.30 -3.10
CA MET A 460 -56.54 5.90 -3.28
C MET A 460 -55.61 7.10 -3.18
N PHE A 461 -56.00 8.21 -3.83
CA PHE A 461 -55.13 9.39 -3.91
C PHE A 461 -54.92 10.02 -2.53
N VAL A 462 -56.00 10.08 -1.76
CA VAL A 462 -55.93 10.65 -0.42
C VAL A 462 -55.20 9.65 0.48
N GLY A 463 -55.58 8.38 0.40
CA GLY A 463 -54.96 7.30 1.18
C GLY A 463 -53.46 7.22 1.00
N ALA A 464 -53.00 7.25 -0.26
CA ALA A 464 -51.56 7.09 -0.57
C ALA A 464 -50.72 8.24 -0.05
N ASN A 465 -51.27 9.45 -0.13
CA ASN A 465 -50.61 10.64 0.41
C ASN A 465 -50.55 10.64 1.92
N LEU A 466 -51.64 10.25 2.58
CA LEU A 466 -51.63 10.06 4.02
C LEU A 466 -50.63 9.01 4.51
N THR A 467 -50.47 7.95 3.72
CA THR A 467 -49.53 6.85 4.01
C THR A 467 -48.09 7.31 3.95
N PHE A 468 -47.72 7.91 2.83
CA PHE A 468 -46.31 8.13 2.54
C PHE A 468 -45.74 9.51 2.84
N PHE A 469 -46.55 10.56 2.75
CA PHE A 469 -45.99 11.89 3.04
C PHE A 469 -45.43 12.00 4.46
N PRO A 470 -46.15 11.50 5.48
CA PRO A 470 -45.60 11.56 6.84
C PRO A 470 -44.28 10.81 7.05
N GLN A 471 -43.99 9.84 6.18
CA GLN A 471 -42.74 9.09 6.26
C GLN A 471 -41.49 9.94 5.95
N HIS A 472 -41.65 11.03 5.19
CA HIS A 472 -40.56 12.02 5.04
C HIS A 472 -40.17 12.61 6.39
N PHE A 473 -41.17 12.89 7.23
CA PHE A 473 -40.95 13.45 8.57
C PHE A 473 -40.25 12.41 9.46
N LEU A 474 -40.69 11.16 9.40
CA LEU A 474 -40.05 10.09 10.18
C LEU A 474 -38.57 9.98 9.82
N GLY A 475 -38.27 10.08 8.53
CA GLY A 475 -36.89 9.98 8.05
C GLY A 475 -36.00 11.14 8.47
N ARG A 476 -36.54 12.36 8.36
CA ARG A 476 -35.86 13.58 8.84
C ARG A 476 -35.55 13.49 10.33
N GLN A 477 -36.44 12.86 11.09
CA GLN A 477 -36.28 12.67 12.53
C GLN A 477 -35.39 11.46 12.86
N GLY A 478 -34.96 10.76 11.81
CA GLY A 478 -33.97 9.70 11.92
C GLY A 478 -34.50 8.27 12.12
N MET A 479 -35.76 8.00 11.76
CA MET A 479 -36.32 6.63 11.89
C MET A 479 -35.73 5.65 10.87
N PRO A 480 -34.99 4.61 11.33
CA PRO A 480 -34.43 3.68 10.34
C PRO A 480 -35.45 2.77 9.63
N ARG A 481 -35.04 2.28 8.46
CA ARG A 481 -35.77 1.25 7.72
C ARG A 481 -35.64 -0.09 8.42
N ARG A 482 -36.62 -0.96 8.18
CA ARG A 482 -36.58 -2.37 8.58
C ARG A 482 -36.68 -2.66 10.09
N TYR A 483 -37.41 -1.78 10.78
CA TYR A 483 -37.59 -1.85 12.22
C TYR A 483 -38.99 -2.28 12.59
N ILE A 484 -39.07 -3.32 13.42
CA ILE A 484 -40.36 -3.77 13.99
C ILE A 484 -40.97 -2.75 14.98
N ASP A 485 -40.12 -1.99 15.64
CA ASP A 485 -40.55 -1.14 16.73
C ASP A 485 -39.69 0.10 16.72
N TYR A 486 -40.17 1.17 17.35
CA TYR A 486 -39.49 2.46 17.25
C TYR A 486 -39.70 3.31 18.53
N PRO A 487 -38.74 4.19 18.84
CA PRO A 487 -38.83 5.16 19.94
C PRO A 487 -40.16 5.93 19.94
N GLU A 488 -40.70 6.15 21.12
CA GLU A 488 -42.00 6.78 21.37
C GLU A 488 -42.23 8.03 20.51
N ALA A 489 -41.20 8.86 20.38
CA ALA A 489 -41.28 10.12 19.63
C ALA A 489 -41.72 9.98 18.16
N PHE A 490 -41.58 8.79 17.58
CA PHE A 490 -41.96 8.60 16.17
C PHE A 490 -43.44 8.24 16.05
N ALA A 491 -44.15 8.20 17.18
CA ALA A 491 -45.51 7.70 17.23
C ALA A 491 -46.50 8.44 16.31
N THR A 492 -46.52 9.77 16.37
CA THR A 492 -47.55 10.54 15.65
C THR A 492 -47.64 10.25 14.16
N TRP A 493 -46.52 10.41 13.46
CA TRP A 493 -46.48 10.26 12.01
C TRP A 493 -46.60 8.80 11.55
N ASN A 494 -46.13 7.86 12.37
CA ASN A 494 -46.43 6.44 12.15
C ASN A 494 -47.93 6.11 12.21
N PHE A 495 -48.62 6.72 13.17
CA PHE A 495 -50.06 6.53 13.32
C PHE A 495 -50.81 7.08 12.10
N VAL A 496 -50.46 8.28 11.68
CA VAL A 496 -51.06 8.89 10.48
C VAL A 496 -50.77 8.01 9.24
N SER A 497 -49.51 7.60 9.09
CA SER A 497 -49.10 6.70 7.98
C SER A 497 -49.96 5.44 7.93
N SER A 498 -50.15 4.81 9.08
CA SER A 498 -50.97 3.61 9.18
C SER A 498 -52.46 3.81 8.84
N LEU A 499 -53.04 4.93 9.27
CA LEU A 499 -54.42 5.25 8.87
C LEU A 499 -54.51 5.43 7.36
N GLY A 500 -53.52 6.09 6.77
CA GLY A 500 -53.45 6.17 5.31
C GLY A 500 -53.43 4.81 4.61
N ALA A 501 -52.64 3.88 5.15
CA ALA A 501 -52.55 2.53 4.59
C ALA A 501 -53.87 1.78 4.68
N PHE A 502 -54.61 2.02 5.76
CA PHE A 502 -55.88 1.31 5.95
C PHE A 502 -56.92 1.83 4.96
N LEU A 503 -56.90 3.15 4.73
CA LEU A 503 -57.75 3.79 3.71
C LEU A 503 -57.39 3.35 2.28
N SER A 504 -56.08 3.31 1.95
CA SER A 504 -55.65 2.77 0.67
C SER A 504 -56.14 1.33 0.48
N PHE A 505 -56.02 0.50 1.53
CA PHE A 505 -56.54 -0.88 1.49
C PHE A 505 -58.03 -0.98 1.20
N ALA A 506 -58.84 -0.26 1.97
CA ALA A 506 -60.26 -0.08 1.68
C ALA A 506 -60.49 0.29 0.19
N SER A 507 -59.72 1.22 -0.36
CA SER A 507 -59.86 1.64 -1.76
C SER A 507 -59.54 0.54 -2.75
N PHE A 508 -58.59 -0.31 -2.38
CA PHE A 508 -58.20 -1.44 -3.22
C PHE A 508 -59.23 -2.56 -3.20
N LEU A 509 -59.80 -2.86 -2.04
CA LEU A 509 -60.93 -3.79 -1.92
C LEU A 509 -62.17 -3.31 -2.71
N PHE A 510 -62.41 -1.99 -2.67
CA PHE A 510 -63.48 -1.36 -3.47
C PHE A 510 -63.17 -1.56 -4.96
N PHE A 511 -61.95 -1.24 -5.38
CA PHE A 511 -61.47 -1.55 -6.73
C PHE A 511 -61.76 -2.98 -7.20
N LEU A 512 -61.44 -3.96 -6.35
CA LEU A 512 -61.66 -5.36 -6.69
C LEU A 512 -63.17 -5.60 -6.88
N GLY A 513 -63.98 -4.97 -6.02
CA GLY A 513 -65.44 -4.92 -6.21
C GLY A 513 -65.83 -4.34 -7.56
N VAL A 514 -65.23 -3.21 -7.92
CA VAL A 514 -65.48 -2.55 -9.21
C VAL A 514 -65.15 -3.46 -10.39
N ILE A 515 -64.03 -4.17 -10.30
CA ILE A 515 -63.61 -5.08 -11.36
C ILE A 515 -64.56 -6.27 -11.46
N PHE A 516 -64.97 -6.82 -10.32
CA PHE A 516 -65.89 -7.94 -10.30
C PHE A 516 -67.23 -7.51 -10.93
N TYR A 517 -67.76 -6.38 -10.47
CA TYR A 517 -68.95 -5.77 -11.07
C TYR A 517 -68.80 -5.60 -12.59
N THR A 518 -67.73 -4.93 -13.02
CA THR A 518 -67.52 -4.66 -14.44
C THR A 518 -67.55 -5.95 -15.28
N LEU A 519 -66.83 -6.97 -14.82
CA LEU A 519 -66.66 -8.18 -15.64
C LEU A 519 -67.90 -9.08 -15.63
N THR A 520 -68.74 -8.96 -14.59
CA THR A 520 -69.94 -9.81 -14.52
C THR A 520 -71.20 -9.09 -15.03
N ARG A 521 -71.32 -7.80 -14.76
CA ARG A 521 -72.53 -7.07 -15.13
C ARG A 521 -72.32 -5.61 -15.59
N GLY A 522 -71.12 -5.27 -16.04
CA GLY A 522 -70.85 -3.93 -16.54
C GLY A 522 -71.55 -3.66 -17.87
N ALA A 523 -71.84 -2.39 -18.15
CA ALA A 523 -72.49 -2.01 -19.40
C ALA A 523 -71.73 -2.61 -20.59
N ARG A 524 -72.47 -3.21 -21.51
CA ARG A 524 -71.91 -3.79 -22.72
C ARG A 524 -71.24 -2.70 -23.53
N VAL A 525 -70.00 -2.97 -23.96
CA VAL A 525 -69.30 -2.08 -24.88
C VAL A 525 -69.80 -2.42 -26.29
N THR A 526 -70.15 -1.41 -27.07
CA THR A 526 -70.65 -1.67 -28.44
C THR A 526 -69.72 -1.12 -29.50
N ALA A 527 -68.90 -0.12 -29.13
CA ALA A 527 -68.04 0.57 -30.08
C ALA A 527 -66.63 0.00 -30.08
N ASN A 528 -65.99 0.06 -31.24
CA ASN A 528 -64.57 -0.25 -31.41
C ASN A 528 -63.72 0.74 -30.60
N ASN A 529 -64.07 2.01 -30.74
CA ASN A 529 -63.42 3.08 -30.03
C ASN A 529 -64.49 3.77 -29.18
N TYR A 530 -64.55 3.40 -27.90
CA TYR A 530 -65.56 3.93 -26.99
C TYR A 530 -65.07 5.20 -26.28
N TRP A 531 -63.91 5.70 -26.68
CA TRP A 531 -63.39 6.95 -26.12
C TRP A 531 -63.66 8.13 -27.07
N ASN A 532 -62.67 8.47 -27.89
CA ASN A 532 -62.79 9.52 -28.90
C ASN A 532 -61.71 9.32 -29.94
N GLU A 533 -61.80 10.08 -31.04
CA GLU A 533 -60.92 9.95 -32.21
C GLU A 533 -59.44 10.11 -31.87
N HIS A 534 -59.13 10.81 -30.79
CA HIS A 534 -57.73 11.01 -30.37
C HIS A 534 -57.08 9.81 -29.68
N ALA A 535 -57.88 8.77 -29.39
CA ALA A 535 -57.35 7.43 -29.14
C ALA A 535 -57.19 6.83 -30.52
N ASP A 536 -56.00 6.96 -31.08
CA ASP A 536 -55.80 6.82 -32.52
C ASP A 536 -54.84 5.70 -32.90
N THR A 537 -54.61 4.77 -31.99
CA THR A 537 -53.73 3.64 -32.22
C THR A 537 -54.60 2.45 -32.64
N LEU A 538 -53.98 1.38 -33.13
CA LEU A 538 -54.71 0.30 -33.79
C LEU A 538 -55.75 -0.49 -32.99
N GLU A 539 -55.60 -0.58 -31.67
CA GLU A 539 -56.55 -1.40 -30.90
C GLU A 539 -57.94 -0.79 -30.97
N TRP A 540 -58.00 0.53 -31.16
CA TRP A 540 -59.25 1.28 -31.26
C TRP A 540 -59.94 1.14 -32.64
N THR A 541 -59.28 0.43 -33.57
CA THR A 541 -59.88 0.10 -34.87
C THR A 541 -60.43 -1.32 -34.89
N LEU A 542 -60.25 -2.04 -33.77
CA LEU A 542 -60.75 -3.41 -33.68
C LEU A 542 -61.98 -3.45 -32.79
N THR A 543 -62.67 -4.58 -32.79
CA THR A 543 -63.87 -4.73 -31.96
C THR A 543 -63.48 -4.81 -30.48
N SER A 544 -64.49 -4.79 -29.60
CA SER A 544 -64.27 -4.90 -28.16
C SER A 544 -65.04 -6.09 -27.59
N PRO A 545 -64.33 -7.19 -27.24
CA PRO A 545 -62.89 -7.44 -27.37
C PRO A 545 -62.46 -7.64 -28.83
N PRO A 546 -61.13 -7.53 -29.13
CA PRO A 546 -60.67 -7.73 -30.50
C PRO A 546 -60.90 -9.18 -30.95
N PRO A 547 -60.91 -9.43 -32.28
CA PRO A 547 -61.02 -10.81 -32.77
C PRO A 547 -59.95 -11.73 -32.18
N GLU A 548 -60.31 -13.00 -32.02
CA GLU A 548 -59.38 -14.06 -31.62
C GLU A 548 -58.03 -13.93 -32.36
N HIS A 549 -58.08 -13.97 -33.69
CA HIS A 549 -56.90 -13.73 -34.53
C HIS A 549 -56.99 -12.32 -35.09
N THR A 550 -56.13 -11.44 -34.60
CA THR A 550 -56.08 -10.08 -35.10
C THR A 550 -55.03 -9.97 -36.20
N PHE A 551 -55.26 -9.05 -37.13
CA PHE A 551 -54.32 -8.76 -38.23
C PHE A 551 -54.00 -9.99 -39.10
N LEU B 5 -26.30 15.92 31.99
CA LEU B 5 -26.17 16.21 30.55
C LEU B 5 -27.55 16.32 29.92
N GLU B 6 -27.70 17.29 29.01
CA GLU B 6 -28.94 17.50 28.29
C GLU B 6 -29.10 16.45 27.16
N ILE B 7 -30.28 15.85 27.05
CA ILE B 7 -30.56 14.97 25.92
C ILE B 7 -30.86 15.82 24.69
N ILE B 8 -29.93 15.84 23.74
CA ILE B 8 -30.06 16.70 22.55
C ILE B 8 -30.33 15.90 21.26
N GLY B 9 -29.53 14.87 21.00
CA GLY B 9 -29.65 14.07 19.79
C GLY B 9 -30.69 12.98 19.91
N ARG B 10 -31.95 13.36 19.69
CA ARG B 10 -33.06 12.43 19.81
C ARG B 10 -34.25 12.90 18.95
N PRO B 11 -35.10 11.95 18.51
CA PRO B 11 -36.34 12.41 17.89
C PRO B 11 -37.24 13.07 18.92
N GLN B 12 -38.02 14.06 18.49
CA GLN B 12 -39.01 14.71 19.35
C GLN B 12 -40.42 14.41 18.85
N PRO B 13 -41.41 14.33 19.76
CA PRO B 13 -42.79 13.97 19.40
C PRO B 13 -43.38 14.84 18.28
N GLY B 14 -43.89 14.17 17.24
CA GLY B 14 -44.49 14.85 16.10
C GLY B 14 -43.52 15.63 15.23
N GLY B 15 -42.22 15.43 15.43
CA GLY B 15 -41.21 16.19 14.65
C GLY B 15 -41.30 16.00 13.15
N THR B 16 -40.90 17.04 12.42
CA THR B 16 -40.93 17.07 10.96
C THR B 16 -39.60 17.52 10.40
N GLY B 17 -38.73 18.05 11.26
CA GLY B 17 -37.42 18.50 10.84
C GLY B 17 -36.33 17.52 11.23
N PHE B 18 -35.09 17.91 10.96
CA PHE B 18 -33.91 17.17 11.39
C PHE B 18 -33.79 17.17 12.91
N GLN B 19 -33.03 16.22 13.43
CA GLN B 19 -32.63 16.27 14.83
C GLN B 19 -31.71 17.48 14.99
N PRO B 20 -31.60 18.06 16.22
CA PRO B 20 -30.69 19.21 16.36
C PRO B 20 -29.27 18.91 15.91
N SER B 21 -28.60 19.92 15.36
CA SER B 21 -27.21 19.80 14.96
C SER B 21 -26.30 19.90 16.17
N ALA B 22 -25.23 19.12 16.18
CA ALA B 22 -24.20 19.25 17.22
C ALA B 22 -22.81 19.09 16.65
N SER B 23 -22.69 19.19 15.34
CA SER B 23 -21.40 19.19 14.66
C SER B 23 -21.45 20.20 13.51
N PRO B 24 -20.27 20.66 13.02
CA PRO B 24 -20.29 21.53 11.83
C PRO B 24 -20.73 20.82 10.55
N VAL B 25 -20.51 19.51 10.47
CA VAL B 25 -20.97 18.71 9.33
C VAL B 25 -22.50 18.61 9.33
N ALA B 26 -23.10 18.40 10.51
CA ALA B 26 -24.55 18.34 10.62
C ALA B 26 -25.18 19.67 10.21
N THR B 27 -24.57 20.77 10.64
CA THR B 27 -25.01 22.11 10.26
C THR B 27 -25.00 22.30 8.74
N GLN B 28 -23.94 21.82 8.08
CA GLN B 28 -23.86 21.87 6.63
C GLN B 28 -24.96 21.07 5.93
N ILE B 29 -25.26 19.88 6.47
CA ILE B 29 -26.37 19.06 5.95
C ILE B 29 -27.70 19.79 6.10
N HIS B 30 -27.95 20.40 7.26
CA HIS B 30 -29.19 21.13 7.52
C HIS B 30 -29.36 22.30 6.54
N TRP B 31 -28.26 23.02 6.28
CA TRP B 31 -28.27 24.14 5.35
C TRP B 31 -28.50 23.71 3.90
N LEU B 32 -27.77 22.69 3.47
CA LEU B 32 -27.89 22.15 2.11
C LEU B 32 -29.30 21.60 1.86
N ASP B 33 -29.79 20.79 2.79
CA ASP B 33 -31.16 20.29 2.69
C ASP B 33 -32.18 21.44 2.67
N GLY B 34 -32.01 22.43 3.54
CA GLY B 34 -32.90 23.61 3.57
C GLY B 34 -32.92 24.37 2.24
N PHE B 35 -31.76 24.41 1.59
CA PHE B 35 -31.60 25.08 0.30
C PHE B 35 -32.29 24.28 -0.81
N ILE B 36 -32.05 22.98 -0.84
CA ILE B 36 -32.72 22.10 -1.79
C ILE B 36 -34.22 22.05 -1.53
N LEU B 37 -34.63 22.03 -0.26
CA LEU B 37 -36.06 22.01 0.06
C LEU B 37 -36.84 23.19 -0.56
N VAL B 38 -36.29 24.39 -0.49
CA VAL B 38 -36.90 25.59 -1.10
C VAL B 38 -37.11 25.38 -2.61
N ILE B 39 -36.05 24.95 -3.30
CA ILE B 39 -36.10 24.65 -4.73
C ILE B 39 -37.17 23.59 -5.07
N ILE B 40 -37.10 22.43 -4.41
CA ILE B 40 -38.04 21.34 -4.72
C ILE B 40 -39.49 21.64 -4.31
N ALA B 41 -39.70 22.43 -3.26
CA ALA B 41 -41.05 22.87 -2.94
C ALA B 41 -41.57 23.82 -4.04
N ALA B 42 -40.70 24.68 -4.54
CA ALA B 42 -41.03 25.58 -5.65
C ALA B 42 -41.38 24.78 -6.92
N ILE B 43 -40.52 23.84 -7.31
CA ILE B 43 -40.76 22.95 -8.45
C ILE B 43 -42.11 22.20 -8.35
N THR B 44 -42.39 21.70 -7.16
CA THR B 44 -43.56 20.90 -6.90
C THR B 44 -44.83 21.74 -6.94
N ILE B 45 -44.79 22.92 -6.30
CA ILE B 45 -45.91 23.87 -6.36
C ILE B 45 -46.15 24.33 -7.81
N PHE B 46 -45.06 24.63 -8.52
CA PHE B 46 -45.10 25.02 -9.92
C PHE B 46 -45.79 23.97 -10.77
N VAL B 47 -45.27 22.74 -10.73
CA VAL B 47 -45.87 21.63 -11.48
C VAL B 47 -47.33 21.43 -11.08
N THR B 48 -47.64 21.45 -9.79
CA THR B 48 -49.03 21.23 -9.34
C THR B 48 -49.98 22.35 -9.81
N LEU B 49 -49.56 23.60 -9.65
CA LEU B 49 -50.37 24.71 -10.14
C LEU B 49 -50.55 24.68 -11.67
N LEU B 50 -49.52 24.28 -12.41
CA LEU B 50 -49.66 24.11 -13.85
C LEU B 50 -50.74 23.08 -14.22
N ILE B 51 -50.70 21.91 -13.57
CA ILE B 51 -51.66 20.84 -13.84
C ILE B 51 -53.07 21.32 -13.56
N LEU B 52 -53.25 21.96 -12.40
CA LEU B 52 -54.55 22.43 -11.96
C LEU B 52 -55.08 23.59 -12.85
N TYR B 53 -54.18 24.49 -13.23
CA TYR B 53 -54.54 25.54 -14.18
C TYR B 53 -54.98 24.96 -15.54
N ALA B 54 -54.14 24.11 -16.12
CA ALA B 54 -54.44 23.47 -17.41
C ALA B 54 -55.78 22.73 -17.42
N VAL B 55 -56.11 22.05 -16.32
CA VAL B 55 -57.37 21.31 -16.18
C VAL B 55 -58.57 22.27 -16.10
N TRP B 56 -58.38 23.41 -15.45
CA TRP B 56 -59.44 24.41 -15.35
C TRP B 56 -59.62 25.17 -16.68
N ARG B 57 -58.52 25.68 -17.21
CA ARG B 57 -58.53 26.52 -18.39
C ARG B 57 -58.91 25.74 -19.67
N PHE B 58 -58.43 24.50 -19.77
CA PHE B 58 -58.65 23.71 -20.97
C PHE B 58 -59.62 22.54 -20.79
N HIS B 59 -60.41 22.59 -19.73
CA HIS B 59 -61.53 21.65 -19.59
C HIS B 59 -62.40 21.67 -20.86
N GLU B 60 -62.92 20.51 -21.24
CA GLU B 60 -63.71 20.38 -22.46
C GLU B 60 -64.92 21.34 -22.56
N LYS B 61 -65.44 21.77 -21.41
CA LYS B 61 -66.56 22.72 -21.38
C LYS B 61 -66.12 24.17 -21.62
N ARG B 62 -64.85 24.47 -21.33
CA ARG B 62 -64.29 25.81 -21.50
C ARG B 62 -63.52 25.97 -22.82
N ASN B 63 -62.89 24.89 -23.29
CA ASN B 63 -62.15 24.93 -24.54
C ASN B 63 -62.63 23.79 -25.41
N LYS B 64 -63.54 24.10 -26.33
CA LYS B 64 -64.30 23.07 -27.04
C LYS B 64 -63.56 22.44 -28.20
N VAL B 65 -62.67 23.20 -28.82
CA VAL B 65 -61.85 22.67 -29.91
C VAL B 65 -60.40 22.65 -29.47
N PRO B 66 -59.80 21.44 -29.42
CA PRO B 66 -58.42 21.32 -28.95
C PRO B 66 -57.38 21.85 -29.97
N ALA B 67 -56.29 22.44 -29.48
CA ALA B 67 -55.15 22.76 -30.33
C ALA B 67 -54.45 21.46 -30.78
N ARG B 68 -53.46 21.61 -31.65
CA ARG B 68 -52.81 20.47 -32.28
C ARG B 68 -51.28 20.56 -32.25
N PHE B 69 -50.76 21.60 -31.61
CA PHE B 69 -49.31 21.79 -31.54
C PHE B 69 -48.59 20.66 -30.79
N THR B 70 -47.35 20.38 -31.19
CA THR B 70 -46.52 19.34 -30.55
C THR B 70 -45.08 19.85 -30.32
N HIS B 71 -44.86 21.15 -30.57
CA HIS B 71 -43.55 21.78 -30.42
C HIS B 71 -43.70 23.20 -29.90
N ASN B 72 -42.64 23.71 -29.27
CA ASN B 72 -42.51 25.11 -28.86
C ASN B 72 -41.07 25.34 -28.48
N SER B 73 -40.24 25.63 -29.48
CA SER B 73 -38.78 25.68 -29.31
C SER B 73 -38.23 26.52 -28.16
N PRO B 74 -38.60 27.81 -28.07
CA PRO B 74 -38.21 28.61 -26.90
C PRO B 74 -38.49 27.91 -25.55
N LEU B 75 -39.69 27.32 -25.45
CA LEU B 75 -40.12 26.64 -24.22
C LEU B 75 -39.29 25.39 -23.94
N GLU B 76 -39.03 24.60 -25.00
CA GLU B 76 -38.23 23.38 -24.90
C GLU B 76 -36.76 23.69 -24.58
N ILE B 77 -36.30 24.86 -25.02
CA ILE B 77 -34.94 25.33 -24.72
C ILE B 77 -34.89 25.68 -23.24
N ALA B 78 -35.80 26.56 -22.83
CA ALA B 78 -35.91 27.01 -21.45
C ALA B 78 -36.08 25.84 -20.47
N TRP B 79 -37.00 24.93 -20.78
CA TRP B 79 -37.29 23.85 -19.83
C TRP B 79 -36.22 22.77 -19.79
N THR B 80 -35.21 22.87 -20.66
CA THR B 80 -34.06 21.97 -20.61
C THR B 80 -32.89 22.62 -19.86
N ILE B 81 -32.60 23.88 -20.17
CA ILE B 81 -31.50 24.62 -19.56
C ILE B 81 -31.73 24.86 -18.08
N VAL B 82 -32.95 25.26 -17.72
CA VAL B 82 -33.27 25.61 -16.34
C VAL B 82 -33.00 24.45 -15.34
N PRO B 83 -33.53 23.24 -15.60
CA PRO B 83 -33.11 22.07 -14.80
C PRO B 83 -31.59 21.86 -14.72
N ILE B 84 -30.90 21.96 -15.85
CA ILE B 84 -29.42 21.85 -15.86
C ILE B 84 -28.75 22.90 -14.92
N VAL B 85 -29.26 24.13 -14.96
CA VAL B 85 -28.73 25.22 -14.12
C VAL B 85 -28.98 24.94 -12.64
N ILE B 86 -30.21 24.51 -12.33
CA ILE B 86 -30.63 24.20 -10.97
C ILE B 86 -29.71 23.16 -10.32
N LEU B 87 -29.41 22.09 -11.06
CA LEU B 87 -28.58 21.01 -10.57
C LEU B 87 -27.10 21.42 -10.41
N VAL B 88 -26.60 22.24 -11.33
CA VAL B 88 -25.23 22.77 -11.22
C VAL B 88 -25.10 23.63 -9.96
N ALA B 89 -26.08 24.49 -9.71
CA ALA B 89 -26.09 25.31 -8.50
C ALA B 89 -26.07 24.48 -7.21
N ILE B 90 -26.83 23.38 -7.20
CA ILE B 90 -26.87 22.48 -6.06
C ILE B 90 -25.52 21.75 -5.92
N GLY B 91 -25.05 21.14 -7.01
CA GLY B 91 -23.74 20.50 -7.04
C GLY B 91 -22.58 21.38 -6.58
N ALA B 92 -22.63 22.67 -6.95
CA ALA B 92 -21.62 23.65 -6.55
C ALA B 92 -21.55 23.86 -5.04
N PHE B 93 -22.71 23.89 -4.39
CA PHE B 93 -22.78 23.94 -2.93
C PHE B 93 -22.55 22.57 -2.28
N SER B 94 -22.98 21.53 -2.97
CA SER B 94 -23.03 20.18 -2.41
C SER B 94 -21.69 19.45 -2.36
N LEU B 95 -20.90 19.54 -3.43
CA LEU B 95 -19.59 18.88 -3.47
C LEU B 95 -18.60 19.30 -2.37
N PRO B 96 -18.47 20.62 -2.08
CA PRO B 96 -17.58 21.02 -0.97
C PRO B 96 -18.00 20.40 0.36
N VAL B 97 -19.32 20.31 0.60
CA VAL B 97 -19.84 19.66 1.80
C VAL B 97 -19.45 18.18 1.79
N LEU B 98 -19.59 17.53 0.63
CA LEU B 98 -19.19 16.13 0.53
C LEU B 98 -17.70 15.96 0.84
N PHE B 99 -16.88 16.88 0.34
CA PHE B 99 -15.43 16.86 0.54
C PHE B 99 -15.08 17.07 2.02
N ASN B 100 -15.73 18.03 2.65
CA ASN B 100 -15.61 18.22 4.10
C ASN B 100 -15.98 16.97 4.90
N GLN B 101 -17.00 16.23 4.47
CA GLN B 101 -17.45 15.03 5.17
C GLN B 101 -16.45 13.87 5.08
N GLN B 102 -15.94 13.63 3.88
CA GLN B 102 -15.23 12.39 3.58
C GLN B 102 -13.71 12.48 3.68
N GLU B 103 -13.18 13.70 3.75
CA GLU B 103 -11.75 13.88 4.00
C GLU B 103 -11.54 13.81 5.50
N ILE B 104 -10.91 12.72 5.94
CA ILE B 104 -10.71 12.47 7.36
C ILE B 104 -9.54 13.32 7.91
N PRO B 105 -9.83 14.26 8.83
CA PRO B 105 -8.75 15.07 9.38
C PRO B 105 -7.99 14.31 10.48
N GLU B 106 -6.93 14.93 11.01
CA GLU B 106 -6.16 14.36 12.12
C GLU B 106 -7.01 14.26 13.39
N ALA B 107 -6.94 13.10 14.02
CA ALA B 107 -7.76 12.80 15.19
C ALA B 107 -7.16 13.36 16.47
N ASP B 108 -8.01 13.97 17.30
CA ASP B 108 -7.69 14.18 18.72
C ASP B 108 -8.03 12.92 19.49
N VAL B 109 -9.16 12.30 19.15
CA VAL B 109 -9.63 11.08 19.80
C VAL B 109 -9.93 10.05 18.73
N THR B 110 -9.48 8.82 18.95
CA THR B 110 -9.72 7.71 18.01
C THR B 110 -10.49 6.59 18.71
N VAL B 111 -11.64 6.25 18.13
CA VAL B 111 -12.43 5.12 18.61
C VAL B 111 -12.60 4.11 17.49
N LYS B 112 -12.40 2.84 17.80
CA LYS B 112 -12.71 1.77 16.88
C LYS B 112 -14.02 1.09 17.30
N VAL B 113 -15.00 1.12 16.40
CA VAL B 113 -16.34 0.57 16.65
C VAL B 113 -16.56 -0.70 15.84
N THR B 114 -16.99 -1.76 16.53
CA THR B 114 -17.31 -3.00 15.84
C THR B 114 -18.79 -3.35 16.05
N GLY B 115 -19.52 -3.55 14.95
CA GLY B 115 -20.91 -4.03 15.03
C GLY B 115 -20.99 -5.54 15.18
N TYR B 116 -21.82 -6.01 16.11
CA TYR B 116 -22.07 -7.42 16.29
C TYR B 116 -23.56 -7.60 16.29
N GLN B 117 -23.99 -8.82 16.03
CA GLN B 117 -25.36 -9.23 16.25
C GLN B 117 -25.53 -9.57 17.75
N TRP B 118 -26.19 -8.73 18.60
CA TRP B 118 -26.74 -7.40 18.29
C TRP B 118 -26.33 -6.39 19.37
N TYR B 119 -25.18 -5.77 19.15
CA TYR B 119 -24.57 -4.80 20.06
C TYR B 119 -23.35 -4.19 19.40
N TRP B 120 -22.82 -3.12 20.00
CA TRP B 120 -21.63 -2.48 19.49
C TRP B 120 -20.47 -2.67 20.46
N GLY B 121 -19.28 -2.96 19.91
CA GLY B 121 -18.06 -3.00 20.69
C GLY B 121 -17.28 -1.73 20.42
N TYR B 122 -16.77 -1.10 21.48
CA TYR B 122 -15.97 0.13 21.36
C TYR B 122 -14.56 -0.11 21.90
N GLU B 123 -13.56 0.38 21.17
CA GLU B 123 -12.16 0.32 21.60
CA GLU B 123 -12.17 0.33 21.62
C GLU B 123 -11.52 1.69 21.42
N TYR B 124 -10.85 2.18 22.46
CA TYR B 124 -10.08 3.43 22.35
C TYR B 124 -8.61 3.02 22.31
N PRO B 125 -8.02 2.86 21.10
CA PRO B 125 -6.66 2.30 21.04
C PRO B 125 -5.58 3.11 21.80
N ASP B 126 -5.69 4.43 21.83
CA ASP B 126 -4.77 5.28 22.60
C ASP B 126 -4.86 5.11 24.11
N GLU B 127 -5.99 4.60 24.60
CA GLU B 127 -6.27 4.54 26.04
C GLU B 127 -6.34 3.13 26.56
N GLU B 128 -6.18 2.15 25.66
CA GLU B 128 -6.37 0.75 26.01
C GLU B 128 -7.67 0.51 26.77
N ILE B 129 -8.74 1.16 26.30
CA ILE B 129 -10.08 0.97 26.86
C ILE B 129 -10.92 0.22 25.84
N SER B 130 -11.70 -0.73 26.33
CA SER B 130 -12.53 -1.54 25.49
C SER B 130 -13.77 -1.92 26.27
N PHE B 131 -14.92 -1.96 25.61
CA PHE B 131 -16.19 -2.32 26.23
C PHE B 131 -17.29 -2.57 25.20
N GLU B 132 -18.37 -3.20 25.64
CA GLU B 132 -19.50 -3.47 24.77
C GLU B 132 -20.72 -2.66 25.22
N SER B 133 -21.59 -2.37 24.27
CA SER B 133 -22.70 -1.48 24.53
C SER B 133 -24.00 -2.10 24.02
N TYR B 134 -24.90 -2.37 24.96
CA TYR B 134 -26.16 -3.05 24.71
C TYR B 134 -27.34 -2.12 24.98
N MET B 135 -28.44 -2.30 24.24
CA MET B 135 -29.68 -1.60 24.53
C MET B 135 -30.10 -1.91 25.97
N ILE B 136 -30.50 -0.86 26.70
CA ILE B 136 -31.15 -1.09 27.98
C ILE B 136 -32.49 -1.73 27.69
N GLY B 137 -32.68 -2.93 28.22
CA GLY B 137 -33.85 -3.71 27.90
C GLY B 137 -33.58 -4.89 26.96
N SER B 138 -32.39 -4.96 26.37
CA SER B 138 -31.98 -6.17 25.62
C SER B 138 -31.77 -7.36 26.57
N PRO B 139 -31.69 -8.61 26.03
CA PRO B 139 -31.36 -9.73 26.92
C PRO B 139 -30.07 -9.57 27.76
N ALA B 140 -29.08 -8.84 27.26
CA ALA B 140 -27.87 -8.54 28.02
C ALA B 140 -28.13 -7.87 29.38
N THR B 141 -29.15 -6.99 29.44
CA THR B 141 -29.48 -6.27 30.67
C THR B 141 -30.63 -6.97 31.39
N GLY B 142 -30.99 -8.15 30.92
CA GLY B 142 -32.03 -8.95 31.58
C GLY B 142 -33.42 -8.82 30.98
N GLY B 143 -33.54 -8.10 29.87
CA GLY B 143 -34.86 -7.85 29.26
C GLY B 143 -35.12 -8.74 28.05
N ASP B 144 -36.20 -8.47 27.32
CA ASP B 144 -36.43 -9.15 26.05
C ASP B 144 -36.89 -8.18 24.96
N ASN B 145 -36.29 -7.00 24.98
CA ASN B 145 -36.45 -5.95 23.97
C ASN B 145 -37.79 -5.19 23.99
N ARG B 146 -38.47 -5.25 25.13
CA ARG B 146 -39.71 -4.48 25.35
C ARG B 146 -39.66 -3.68 26.65
N MET B 147 -40.51 -2.66 26.76
CA MET B 147 -40.68 -1.90 27.99
C MET B 147 -41.26 -2.81 29.06
N SER B 148 -40.80 -2.59 30.29
CA SER B 148 -41.33 -3.27 31.48
C SER B 148 -40.95 -2.38 32.67
N PRO B 149 -41.57 -2.60 33.85
CA PRO B 149 -41.12 -1.86 35.04
C PRO B 149 -39.61 -1.97 35.31
N GLU B 150 -39.05 -3.18 35.16
CA GLU B 150 -37.62 -3.40 35.34
C GLU B 150 -36.82 -2.56 34.36
N VAL B 151 -37.25 -2.52 33.09
CA VAL B 151 -36.56 -1.73 32.07
C VAL B 151 -36.63 -0.24 32.40
N GLU B 152 -37.79 0.25 32.86
CA GLU B 152 -37.93 1.67 33.19
C GLU B 152 -36.99 2.04 34.35
N GLN B 153 -36.95 1.16 35.34
CA GLN B 153 -36.03 1.27 36.47
C GLN B 153 -34.58 1.41 36.03
N GLN B 154 -34.15 0.56 35.10
CA GLN B 154 -32.76 0.61 34.60
C GLN B 154 -32.48 1.89 33.84
N LEU B 155 -33.45 2.36 33.06
CA LEU B 155 -33.30 3.63 32.34
C LEU B 155 -33.07 4.78 33.33
N ILE B 156 -33.92 4.86 34.34
CA ILE B 156 -33.78 5.87 35.41
C ILE B 156 -32.40 5.80 36.09
N GLU B 157 -31.99 4.61 36.54
CA GLU B 157 -30.67 4.43 37.20
C GLU B 157 -29.49 4.86 36.33
N ALA B 158 -29.65 4.75 35.01
CA ALA B 158 -28.56 5.05 34.09
C ALA B 158 -28.58 6.52 33.70
N GLY B 159 -29.52 7.27 34.27
CA GLY B 159 -29.60 8.71 33.99
C GLY B 159 -30.58 9.10 32.90
N TYR B 160 -31.43 8.14 32.49
CA TYR B 160 -32.44 8.39 31.45
C TYR B 160 -33.85 8.35 32.02
N SER B 161 -34.84 8.17 31.13
CA SER B 161 -36.23 8.04 31.52
C SER B 161 -36.87 7.06 30.55
N ARG B 162 -38.13 6.71 30.81
CA ARG B 162 -38.93 5.84 29.96
C ARG B 162 -38.87 6.25 28.46
N ASP B 163 -38.80 7.55 28.21
CA ASP B 163 -38.84 8.10 26.85
C ASP B 163 -37.63 7.76 25.96
N GLU B 164 -36.53 7.37 26.59
CA GLU B 164 -35.31 7.01 25.88
C GLU B 164 -35.24 5.52 25.57
N PHE B 165 -36.28 4.74 25.92
CA PHE B 165 -36.28 3.32 25.60
C PHE B 165 -36.10 3.11 24.08
N LEU B 166 -35.22 2.17 23.73
CA LEU B 166 -34.84 1.83 22.33
C LEU B 166 -33.66 2.67 21.84
N LEU B 167 -33.35 3.74 22.58
CA LEU B 167 -32.23 4.60 22.23
C LEU B 167 -31.06 4.41 23.20
N ALA B 168 -31.37 4.41 24.49
CA ALA B 168 -30.36 4.37 25.56
C ALA B 168 -29.67 3.01 25.65
N THR B 169 -28.36 3.04 25.85
CA THR B 169 -27.58 1.82 26.03
C THR B 169 -26.97 1.80 27.44
N ASP B 170 -26.57 0.60 27.90
CA ASP B 170 -25.99 0.40 29.23
C ASP B 170 -24.68 1.17 29.42
N THR B 171 -23.89 1.28 28.36
CA THR B 171 -22.64 2.04 28.37
C THR B 171 -22.67 2.98 27.16
N ALA B 172 -21.97 4.12 27.29
CA ALA B 172 -21.95 5.11 26.23
C ALA B 172 -20.54 5.26 25.71
N MET B 173 -20.44 5.70 24.47
CA MET B 173 -19.19 6.17 23.94
C MET B 173 -19.00 7.60 24.41
N VAL B 174 -17.97 7.84 25.21
CA VAL B 174 -17.74 9.13 25.83
C VAL B 174 -16.60 9.86 25.11
N VAL B 175 -16.84 11.12 24.75
CA VAL B 175 -15.85 11.93 24.05
C VAL B 175 -15.84 13.36 24.60
N PRO B 176 -14.72 14.09 24.44
CA PRO B 176 -14.67 15.49 24.85
C PRO B 176 -15.22 16.45 23.80
N VAL B 177 -15.90 17.49 24.26
CA VAL B 177 -16.41 18.56 23.40
C VAL B 177 -15.29 19.29 22.63
N ASN B 178 -15.63 19.79 21.43
CA ASN B 178 -14.72 20.60 20.60
C ASN B 178 -13.42 19.92 20.27
N LYS B 179 -13.46 18.61 20.16
CA LYS B 179 -12.29 17.86 19.72
C LYS B 179 -12.69 17.02 18.52
N THR B 180 -11.72 16.76 17.65
CA THR B 180 -11.91 15.99 16.46
C THR B 180 -11.87 14.51 16.79
N VAL B 181 -13.03 13.85 16.65
CA VAL B 181 -13.13 12.41 16.87
C VAL B 181 -13.15 11.69 15.53
N VAL B 182 -12.23 10.75 15.36
CA VAL B 182 -12.26 9.87 14.20
C VAL B 182 -12.71 8.49 14.68
N VAL B 183 -13.74 7.96 14.01
CA VAL B 183 -14.32 6.68 14.35
C VAL B 183 -14.02 5.69 13.22
N GLN B 184 -13.38 4.58 13.56
CA GLN B 184 -13.08 3.51 12.61
C GLN B 184 -14.14 2.43 12.80
N VAL B 185 -14.88 2.12 11.73
CA VAL B 185 -16.07 1.26 11.82
C VAL B 185 -15.91 -0.04 11.03
N THR B 186 -16.18 -1.16 11.66
CA THR B 186 -16.19 -2.43 10.98
C THR B 186 -17.28 -3.33 11.55
N GLY B 187 -17.60 -4.40 10.82
CA GLY B 187 -18.54 -5.41 11.32
C GLY B 187 -17.88 -6.74 11.61
N ALA B 188 -18.40 -7.45 12.59
CA ALA B 188 -17.85 -8.71 13.05
C ALA B 188 -18.48 -9.93 12.41
N ASP B 189 -19.72 -9.80 11.96
CA ASP B 189 -20.45 -11.00 11.56
C ASP B 189 -21.25 -10.71 10.28
N VAL B 190 -22.17 -9.74 10.35
CA VAL B 190 -22.89 -9.26 9.18
C VAL B 190 -22.66 -7.78 9.09
N ILE B 191 -23.24 -7.14 8.07
CA ILE B 191 -23.17 -5.70 7.97
C ILE B 191 -24.16 -5.05 8.95
N HIS B 192 -23.63 -4.06 9.67
CA HIS B 192 -24.41 -3.17 10.53
C HIS B 192 -24.15 -1.76 10.01
N SER B 193 -24.75 -0.74 10.61
CA SER B 193 -24.38 0.63 10.25
C SER B 193 -24.43 1.55 11.45
N TRP B 194 -23.34 2.29 11.66
CA TRP B 194 -23.16 3.11 12.84
C TRP B 194 -23.47 4.56 12.49
N THR B 195 -24.34 5.21 13.25
CA THR B 195 -24.79 6.54 12.89
C THR B 195 -25.14 7.36 14.12
N VAL B 196 -24.92 8.67 14.02
CA VAL B 196 -25.47 9.61 14.98
C VAL B 196 -26.04 10.81 14.19
N PRO B 197 -27.38 10.88 14.05
CA PRO B 197 -28.00 11.98 13.29
C PRO B 197 -27.57 13.38 13.71
N ALA B 198 -27.44 13.61 15.03
CA ALA B 198 -26.98 14.94 15.53
C ALA B 198 -25.58 15.32 15.04
N PHE B 199 -24.76 14.34 14.65
CA PHE B 199 -23.41 14.62 14.14
C PHE B 199 -23.30 14.60 12.60
N GLY B 200 -24.37 14.19 11.91
CA GLY B 200 -24.35 14.10 10.45
C GLY B 200 -23.44 13.01 9.93
N VAL B 201 -23.34 11.92 10.70
CA VAL B 201 -22.46 10.80 10.31
C VAL B 201 -23.20 9.48 10.23
N LYS B 202 -22.74 8.64 9.29
CA LYS B 202 -23.26 7.28 9.10
C LYS B 202 -22.23 6.50 8.32
N GLN B 203 -21.92 5.29 8.78
CA GLN B 203 -20.97 4.47 8.07
C GLN B 203 -21.29 3.01 8.26
N ASP B 204 -21.49 2.29 7.17
CA ASP B 204 -21.75 0.86 7.28
C ASP B 204 -20.55 0.15 7.95
N ALA B 205 -20.88 -0.83 8.78
CA ALA B 205 -19.91 -1.63 9.51
C ALA B 205 -19.78 -2.93 8.75
N VAL B 206 -18.88 -2.97 7.78
CA VAL B 206 -18.79 -4.12 6.88
C VAL B 206 -17.71 -5.12 7.29
N PRO B 207 -18.08 -6.39 7.53
CA PRO B 207 -17.04 -7.40 7.80
C PRO B 207 -15.93 -7.37 6.76
N GLY B 208 -14.67 -7.35 7.23
CA GLY B 208 -13.50 -7.37 6.33
C GLY B 208 -13.00 -6.00 5.91
N ARG B 209 -13.73 -4.95 6.26
CA ARG B 209 -13.35 -3.58 5.92
C ARG B 209 -13.35 -2.69 7.16
N LEU B 210 -12.38 -1.80 7.23
CA LEU B 210 -12.33 -0.75 8.23
C LEU B 210 -12.53 0.57 7.51
N ALA B 211 -13.65 1.24 7.80
CA ALA B 211 -13.97 2.50 7.15
C ALA B 211 -13.98 3.59 8.21
N GLN B 212 -13.70 4.81 7.82
CA GLN B 212 -13.57 5.89 8.80
C GLN B 212 -14.59 6.99 8.59
N LEU B 213 -14.95 7.64 9.68
CA LEU B 213 -15.77 8.85 9.66
C LEU B 213 -15.20 9.79 10.71
N TRP B 214 -15.60 11.04 10.68
CA TRP B 214 -15.18 11.98 11.71
C TRP B 214 -16.32 12.85 12.14
N PHE B 215 -16.23 13.35 13.36
CA PHE B 215 -17.09 14.44 13.82
C PHE B 215 -16.36 15.27 14.86
N ARG B 216 -16.75 16.53 15.00
CA ARG B 216 -16.34 17.35 16.12
C ARG B 216 -17.61 17.88 16.75
N ALA B 217 -17.87 17.48 18.00
CA ALA B 217 -19.08 17.89 18.69
C ALA B 217 -18.89 19.29 19.30
N GLU B 218 -19.86 20.16 19.07
CA GLU B 218 -19.78 21.59 19.39
C GLU B 218 -20.52 21.94 20.67
N ARG B 219 -21.16 20.95 21.28
CA ARG B 219 -21.77 21.13 22.58
C ARG B 219 -21.88 19.82 23.33
N GLU B 220 -21.90 19.93 24.64
CA GLU B 220 -22.01 18.79 25.55
C GLU B 220 -23.45 18.27 25.53
N GLY B 221 -23.60 16.97 25.78
CA GLY B 221 -24.92 16.37 25.95
C GLY B 221 -24.94 14.93 25.50
N ILE B 222 -26.15 14.39 25.40
CA ILE B 222 -26.39 13.00 25.05
C ILE B 222 -26.99 12.97 23.62
N PHE B 223 -26.49 12.05 22.78
CA PHE B 223 -26.86 11.96 21.38
C PHE B 223 -27.00 10.49 21.01
N PHE B 224 -28.14 10.15 20.40
CA PHE B 224 -28.46 8.76 20.07
C PHE B 224 -28.45 8.49 18.59
N GLY B 225 -28.05 7.28 18.24
CA GLY B 225 -28.24 6.71 16.90
C GLY B 225 -28.77 5.29 17.01
N GLN B 226 -29.17 4.70 15.89
CA GLN B 226 -29.69 3.34 15.84
C GLN B 226 -29.09 2.60 14.65
N CYS B 227 -28.90 1.27 14.77
CA CYS B 227 -28.23 0.47 13.74
C CYS B 227 -28.95 0.63 12.40
N SER B 228 -28.21 1.10 11.39
CA SER B 228 -28.81 1.47 10.10
C SER B 228 -28.53 0.55 8.89
N GLU B 229 -28.28 -0.72 9.15
CA GLU B 229 -28.35 -1.72 8.06
C GLU B 229 -28.94 -2.99 8.62
N LEU B 230 -30.01 -3.49 8.01
CA LEU B 230 -30.66 -4.70 8.52
C LEU B 230 -29.66 -5.84 8.68
N CYS B 231 -29.62 -6.38 9.90
CA CYS B 231 -28.59 -7.31 10.36
C CYS B 231 -29.22 -8.46 11.10
N GLY B 232 -30.51 -8.69 10.91
CA GLY B 232 -31.16 -9.82 11.55
C GLY B 232 -32.17 -9.46 12.62
N ILE B 233 -32.48 -10.44 13.49
CA ILE B 233 -33.65 -10.38 14.38
C ILE B 233 -33.71 -9.15 15.31
N SER B 234 -32.56 -8.64 15.76
CA SER B 234 -32.55 -7.52 16.72
C SER B 234 -31.91 -6.24 16.18
N HIS B 235 -31.99 -6.07 14.85
CA HIS B 235 -31.64 -4.83 14.14
C HIS B 235 -32.25 -3.55 14.83
N ALA B 236 -33.52 -3.66 15.23
CA ALA B 236 -34.28 -2.57 15.88
C ALA B 236 -33.81 -2.28 17.31
N TYR B 237 -32.95 -3.17 17.82
CA TYR B 237 -32.59 -3.24 19.24
C TYR B 237 -31.09 -3.18 19.58
N MET B 238 -30.33 -2.39 18.82
CA MET B 238 -28.88 -2.23 19.08
C MET B 238 -28.43 -0.80 18.77
N PRO B 239 -28.88 0.17 19.60
CA PRO B 239 -28.62 1.58 19.38
C PRO B 239 -27.26 2.05 19.88
N ILE B 240 -27.06 3.35 19.77
CA ILE B 240 -25.77 4.01 19.95
C ILE B 240 -26.03 5.20 20.85
N THR B 241 -25.26 5.30 21.93
CA THR B 241 -25.32 6.47 22.79
C THR B 241 -23.93 7.09 22.81
N VAL B 242 -23.84 8.36 22.43
CA VAL B 242 -22.63 9.15 22.58
C VAL B 242 -22.86 10.24 23.63
N LYS B 243 -21.91 10.33 24.56
CA LYS B 243 -21.93 11.37 25.57
C LYS B 243 -20.77 12.31 25.30
N VAL B 244 -21.10 13.56 24.98
CA VAL B 244 -20.10 14.59 24.75
C VAL B 244 -19.94 15.40 26.04
N VAL B 245 -18.71 15.44 26.57
CA VAL B 245 -18.45 16.03 27.90
C VAL B 245 -17.26 17.00 27.84
N SER B 246 -17.01 17.69 28.95
CA SER B 246 -15.82 18.54 29.06
C SER B 246 -14.58 17.67 28.95
N GLU B 247 -13.48 18.30 28.53
CA GLU B 247 -12.15 17.70 28.56
C GLU B 247 -11.79 17.06 29.91
N GLU B 248 -12.15 17.72 30.99
CA GLU B 248 -11.86 17.23 32.33
C GLU B 248 -12.72 16.00 32.67
N ALA B 249 -14.02 16.09 32.38
CA ALA B 249 -14.94 14.96 32.63
C ALA B 249 -14.59 13.73 31.78
N TYR B 250 -14.13 13.97 30.56
CA TYR B 250 -13.62 12.91 29.69
C TYR B 250 -12.39 12.25 30.33
N ALA B 251 -11.45 13.08 30.77
CA ALA B 251 -10.27 12.55 31.49
C ALA B 251 -10.66 11.72 32.72
N ALA B 252 -11.62 12.23 33.49
CA ALA B 252 -12.11 11.54 34.67
C ALA B 252 -12.66 10.16 34.29
N TRP B 253 -13.45 10.13 33.21
CA TRP B 253 -14.01 8.91 32.65
C TRP B 253 -12.89 7.95 32.27
N LEU B 254 -11.85 8.47 31.62
CA LEU B 254 -10.70 7.64 31.24
C LEU B 254 -10.03 7.01 32.46
N GLU B 255 -9.78 7.82 33.49
CA GLU B 255 -9.08 7.34 34.69
C GLU B 255 -9.86 6.25 35.41
N GLN B 256 -11.19 6.37 35.40
CA GLN B 256 -12.08 5.34 35.95
C GLN B 256 -11.86 3.97 35.30
N HIS B 257 -11.40 3.95 34.05
CA HIS B 257 -11.14 2.70 33.34
C HIS B 257 -9.71 2.21 33.49
N HIS B 258 -8.84 3.01 34.12
CA HIS B 258 -7.43 2.65 34.21
C HIS B 258 -7.19 1.66 35.34
N HIS B 259 -6.57 0.54 35.00
CA HIS B 259 -6.24 -0.51 35.97
C HIS B 259 -4.84 -0.31 36.55
N HIS B 260 -4.77 -0.22 37.87
CA HIS B 260 -3.48 -0.05 38.55
C HIS B 260 -2.99 -1.38 39.14
N TRP C 20 6.60 12.44 8.74
CA TRP C 20 8.06 12.12 8.60
C TRP C 20 8.36 11.23 7.41
N PHE C 21 7.94 9.96 7.49
CA PHE C 21 8.14 8.99 6.41
C PHE C 21 7.33 9.34 5.16
N MET C 22 6.35 10.22 5.33
CA MET C 22 5.49 10.69 4.25
C MET C 22 6.08 11.92 3.54
N SER C 23 6.88 12.68 4.28
CA SER C 23 7.40 13.97 3.82
C SER C 23 8.29 13.86 2.58
N THR C 24 8.10 14.79 1.64
CA THR C 24 8.92 14.86 0.43
C THR C 24 9.89 16.03 0.49
N ASN C 25 9.96 16.68 1.65
CA ASN C 25 10.87 17.79 1.87
C ASN C 25 12.31 17.32 2.11
N HIS C 26 13.25 17.90 1.36
CA HIS C 26 14.67 17.54 1.41
C HIS C 26 15.28 17.51 2.81
N LYS C 27 14.83 18.39 3.70
CA LYS C 27 15.31 18.41 5.08
C LYS C 27 14.83 17.19 5.85
N ASP C 28 13.58 16.81 5.64
CA ASP C 28 12.99 15.64 6.31
C ASP C 28 13.58 14.34 5.78
N ILE C 29 13.81 14.30 4.47
CA ILE C 29 14.43 13.16 3.80
C ILE C 29 15.88 12.99 4.25
N GLY C 30 16.63 14.11 4.22
CA GLY C 30 17.99 14.18 4.76
C GLY C 30 18.13 13.67 6.19
N VAL C 31 17.18 14.03 7.05
CA VAL C 31 17.19 13.59 8.46
C VAL C 31 16.85 12.10 8.60
N LEU C 32 15.97 11.62 7.73
CA LEU C 32 15.61 10.20 7.73
C LEU C 32 16.83 9.33 7.39
N TYR C 33 17.50 9.65 6.27
CA TYR C 33 18.76 9.02 5.86
C TYR C 33 19.81 9.03 6.98
N LEU C 34 19.99 10.17 7.65
CA LEU C 34 20.99 10.31 8.71
C LEU C 34 20.73 9.39 9.89
N PHE C 35 19.48 9.35 10.35
CA PHE C 35 19.07 8.47 11.45
C PHE C 35 19.13 6.97 11.09
N THR C 36 18.68 6.64 9.88
CA THR C 36 18.67 5.25 9.39
C THR C 36 20.10 4.74 9.16
N GLY C 37 20.89 5.52 8.41
CA GLY C 37 22.33 5.29 8.23
C GLY C 37 23.05 5.03 9.55
N GLY C 38 22.67 5.78 10.59
CA GLY C 38 23.24 5.63 11.92
C GLY C 38 22.81 4.34 12.61
N LEU C 39 21.55 3.94 12.40
CA LEU C 39 21.04 2.72 12.98
C LEU C 39 21.76 1.51 12.33
N VAL C 40 21.77 1.49 10.99
CA VAL C 40 22.47 0.47 10.22
C VAL C 40 23.96 0.44 10.59
N GLY C 41 24.54 1.63 10.76
CA GLY C 41 25.92 1.76 11.23
C GLY C 41 26.16 1.03 12.53
N LEU C 42 25.25 1.22 13.48
CA LEU C 42 25.33 0.52 14.77
C LEU C 42 25.34 -1.01 14.61
N ILE C 43 24.48 -1.51 13.72
CA ILE C 43 24.38 -2.94 13.45
C ILE C 43 25.70 -3.46 12.87
N SER C 44 26.14 -2.83 11.77
CA SER C 44 27.43 -3.16 11.16
C SER C 44 28.62 -3.07 12.11
N VAL C 45 28.62 -2.07 13.00
CA VAL C 45 29.70 -1.92 13.99
C VAL C 45 29.64 -3.02 15.03
N ALA C 46 28.42 -3.41 15.40
CA ALA C 46 28.20 -4.55 16.29
C ALA C 46 28.82 -5.82 15.71
N PHE C 47 28.67 -6.04 14.40
CA PHE C 47 29.36 -7.16 13.69
C PHE C 47 30.86 -7.11 13.91
N THR C 48 31.46 -5.92 13.75
CA THR C 48 32.91 -5.78 13.87
C THR C 48 33.39 -6.08 15.29
N VAL C 49 32.55 -5.78 16.28
CA VAL C 49 32.90 -6.10 17.67
C VAL C 49 32.95 -7.61 17.82
N TYR C 50 31.95 -8.30 17.27
CA TYR C 50 31.89 -9.75 17.28
C TYR C 50 33.05 -10.36 16.50
N MET C 51 33.33 -9.79 15.33
CA MET C 51 34.53 -10.10 14.55
C MET C 51 35.82 -9.95 15.36
N ARG C 52 35.97 -8.84 16.06
CA ARG C 52 37.16 -8.60 16.88
C ARG C 52 37.23 -9.42 18.17
N MET C 53 36.09 -9.90 18.64
CA MET C 53 36.07 -10.84 19.75
C MET C 53 36.75 -12.14 19.31
N GLU C 54 36.29 -12.70 18.19
CA GLU C 54 36.90 -13.90 17.60
C GLU C 54 38.38 -13.72 17.17
N LEU C 55 38.77 -12.53 16.70
CA LEU C 55 40.16 -12.36 16.28
C LEU C 55 41.11 -11.93 17.39
N MET C 56 40.53 -11.64 18.55
CA MET C 56 41.32 -11.27 19.73
C MET C 56 42.33 -12.33 20.12
N ALA C 57 41.98 -13.60 19.92
CA ALA C 57 42.84 -14.72 20.28
C ALA C 57 42.84 -15.84 19.23
N PRO C 58 44.02 -16.46 19.00
CA PRO C 58 44.12 -17.58 18.06
C PRO C 58 43.33 -18.77 18.61
N GLY C 59 42.84 -19.62 17.72
CA GLY C 59 41.87 -20.66 18.06
C GLY C 59 40.50 -20.05 18.02
N VAL C 60 39.49 -20.86 17.68
CA VAL C 60 38.10 -20.42 17.64
C VAL C 60 37.37 -20.70 18.98
N GLN C 61 36.79 -19.65 19.56
CA GLN C 61 36.17 -19.71 20.88
C GLN C 61 34.71 -19.25 20.87
N PHE C 62 34.31 -18.52 19.83
CA PHE C 62 32.93 -17.98 19.75
C PHE C 62 32.10 -18.61 18.64
N MET C 63 32.64 -18.64 17.42
CA MET C 63 31.88 -19.09 16.27
C MET C 63 31.88 -20.61 16.15
N CYS C 64 31.27 -21.25 17.15
CA CYS C 64 31.22 -22.70 17.30
C CYS C 64 30.01 -23.27 16.55
N ALA C 65 30.24 -24.36 15.82
CA ALA C 65 29.17 -25.15 15.19
C ALA C 65 28.15 -25.68 16.19
N GLU C 66 28.59 -25.92 17.43
CA GLU C 66 27.71 -26.34 18.52
C GLU C 66 26.53 -25.38 18.73
N HIS C 67 26.74 -24.09 18.43
CA HIS C 67 25.68 -23.08 18.54
C HIS C 67 24.60 -23.19 17.46
N LEU C 68 24.80 -24.05 16.46
CA LEU C 68 23.83 -24.27 15.38
C LEU C 68 22.72 -25.27 15.74
N GLU C 69 23.02 -26.20 16.65
CA GLU C 69 22.05 -27.20 17.12
C GLU C 69 21.09 -26.59 18.14
N SER C 70 21.49 -25.46 18.73
CA SER C 70 20.61 -24.68 19.60
C SER C 70 19.61 -23.87 18.78
N GLY C 71 18.87 -22.99 19.46
CA GLY C 71 17.92 -22.09 18.81
C GLY C 71 18.62 -20.89 18.17
N LEU C 72 17.85 -20.08 17.45
CA LEU C 72 18.37 -18.88 16.79
C LEU C 72 18.61 -17.77 17.83
N VAL C 73 17.73 -17.69 18.82
CA VAL C 73 17.89 -16.73 19.91
C VAL C 73 18.79 -17.28 21.03
N LYS C 74 18.57 -18.54 21.40
CA LYS C 74 19.42 -19.21 22.41
C LYS C 74 20.88 -19.30 21.94
N GLY C 75 21.07 -19.63 20.66
CA GLY C 75 22.41 -19.76 20.06
C GLY C 75 23.15 -18.43 19.92
N PHE C 76 22.38 -17.34 19.81
CA PHE C 76 22.92 -15.98 19.75
C PHE C 76 23.71 -15.63 21.02
N PHE C 77 23.07 -15.77 22.19
CA PHE C 77 23.70 -15.41 23.47
C PHE C 77 24.79 -16.40 23.90
N GLN C 78 24.66 -17.64 23.42
CA GLN C 78 25.71 -18.66 23.54
C GLN C 78 27.01 -18.16 22.92
N SER C 79 26.88 -17.68 21.69
CA SER C 79 28.00 -17.28 20.85
C SER C 79 28.74 -16.03 21.34
N LEU C 80 28.12 -15.31 22.27
CA LEU C 80 28.73 -14.11 22.85
C LEU C 80 29.69 -14.47 23.98
N TRP C 81 29.65 -15.73 24.40
CA TRP C 81 30.51 -16.24 25.46
C TRP C 81 31.57 -17.19 24.92
N PRO C 82 32.83 -17.02 25.35
CA PRO C 82 33.92 -17.87 24.85
C PRO C 82 33.84 -19.32 25.34
N SER C 83 34.04 -20.27 24.43
CA SER C 83 34.18 -21.69 24.76
C SER C 83 35.64 -22.07 24.72
N ALA C 84 35.97 -23.20 25.36
CA ALA C 84 37.30 -23.79 25.21
C ALA C 84 37.37 -24.37 23.80
N VAL C 85 38.57 -24.30 23.21
CA VAL C 85 38.81 -24.82 21.86
C VAL C 85 38.30 -26.25 21.69
N GLU C 86 38.55 -27.09 22.70
CA GLU C 86 38.11 -28.49 22.68
C GLU C 86 36.58 -28.66 22.66
N ASN C 87 35.84 -27.60 23.01
CA ASN C 87 34.37 -27.62 22.96
C ASN C 87 33.76 -26.78 21.85
N CYS C 88 34.63 -26.25 20.98
CA CYS C 88 34.21 -25.34 19.91
C CYS C 88 34.65 -25.83 18.54
N THR C 89 33.70 -26.36 17.77
CA THR C 89 33.97 -26.79 16.40
C THR C 89 33.90 -25.57 15.48
N PRO C 90 35.04 -25.19 14.87
CA PRO C 90 35.07 -23.95 14.10
C PRO C 90 34.02 -23.94 13.00
N ASN C 91 33.26 -22.84 12.95
CA ASN C 91 32.31 -22.63 11.87
C ASN C 91 32.74 -21.45 10.98
N GLY C 92 33.58 -21.74 9.98
CA GLY C 92 34.04 -20.74 9.05
C GLY C 92 32.93 -19.99 8.31
N HIS C 93 31.79 -20.65 8.09
CA HIS C 93 30.71 -20.00 7.35
C HIS C 93 30.18 -18.77 8.07
N LEU C 94 30.11 -18.86 9.40
CA LEU C 94 29.59 -17.75 10.20
C LEU C 94 30.51 -16.53 10.06
N TRP C 95 31.82 -16.77 10.14
CA TRP C 95 32.80 -15.71 9.92
C TRP C 95 32.55 -15.03 8.58
N ASN C 96 32.49 -15.85 7.53
CA ASN C 96 32.35 -15.34 6.17
C ASN C 96 31.06 -14.56 6.00
N VAL C 97 30.01 -14.99 6.68
CA VAL C 97 28.70 -14.30 6.70
C VAL C 97 28.80 -12.96 7.45
N MET C 98 29.40 -12.96 8.65
CA MET C 98 29.57 -11.71 9.41
C MET C 98 30.32 -10.63 8.62
N ILE C 99 31.49 -10.97 8.06
CA ILE C 99 32.31 -9.98 7.35
C ILE C 99 31.67 -9.49 6.04
N THR C 100 30.98 -10.40 5.35
CA THR C 100 30.23 -10.06 4.15
C THR C 100 29.09 -9.12 4.51
N GLY C 101 28.39 -9.41 5.61
CA GLY C 101 27.34 -8.53 6.11
C GLY C 101 27.90 -7.17 6.50
N HIS C 102 29.02 -7.18 7.22
CA HIS C 102 29.70 -5.95 7.62
C HIS C 102 30.03 -5.03 6.44
N GLY C 103 30.68 -5.60 5.42
CA GLY C 103 31.09 -4.85 4.24
C GLY C 103 29.94 -4.37 3.37
N ILE C 104 28.97 -5.25 3.11
CA ILE C 104 27.81 -4.86 2.30
C ILE C 104 27.00 -3.72 2.98
N LEU C 105 26.77 -3.84 4.29
CA LEU C 105 26.05 -2.80 5.05
C LEU C 105 26.80 -1.46 4.99
N MET C 106 28.11 -1.48 5.20
CA MET C 106 28.90 -0.24 5.17
C MET C 106 28.88 0.41 3.79
N MET C 107 29.14 -0.40 2.76
CA MET C 107 29.39 0.12 1.42
C MET C 107 28.13 0.52 0.64
N PHE C 108 26.98 0.00 1.05
CA PHE C 108 25.70 0.27 0.38
C PHE C 108 24.66 0.92 1.28
N PHE C 109 24.70 0.62 2.57
CA PHE C 109 23.59 0.94 3.46
C PHE C 109 23.95 1.80 4.69
N VAL C 110 25.21 2.26 4.79
CA VAL C 110 25.60 3.14 5.91
C VAL C 110 26.13 4.52 5.48
N VAL C 111 27.34 4.57 4.91
CA VAL C 111 28.06 5.85 4.75
C VAL C 111 27.58 6.76 3.60
N ILE C 112 27.23 6.17 2.47
CA ILE C 112 26.67 6.94 1.36
C ILE C 112 25.25 7.44 1.71
N PRO C 113 24.34 6.55 2.17
CA PRO C 113 23.09 7.08 2.73
C PRO C 113 23.26 8.23 3.76
N ALA C 114 24.35 8.21 4.52
CA ALA C 114 24.55 9.27 5.52
C ALA C 114 25.15 10.56 4.94
N LEU C 115 26.14 10.43 4.05
CA LEU C 115 26.84 11.60 3.52
C LEU C 115 26.08 12.25 2.36
N PHE C 116 25.60 11.40 1.46
CA PHE C 116 24.95 11.79 0.23
C PHE C 116 23.45 11.97 0.42
N GLY C 117 22.78 10.92 0.90
CA GLY C 117 21.34 10.99 1.16
C GLY C 117 21.01 11.84 2.37
N GLY C 118 21.96 11.96 3.30
CA GLY C 118 21.74 12.64 4.58
C GLY C 118 22.08 14.11 4.48
N PHE C 119 23.37 14.43 4.52
CA PHE C 119 23.82 15.82 4.45
C PHE C 119 23.62 16.40 3.05
N GLY C 120 23.78 15.56 2.02
CA GLY C 120 23.53 15.99 0.65
C GLY C 120 22.12 16.49 0.42
N ASN C 121 21.12 15.67 0.80
CA ASN C 121 19.71 16.09 0.71
C ASN C 121 19.40 17.32 1.55
N TYR C 122 19.80 17.31 2.83
CA TYR C 122 19.55 18.43 3.72
C TYR C 122 20.21 19.73 3.25
N PHE C 123 21.50 19.67 2.92
CA PHE C 123 22.29 20.90 2.79
C PHE C 123 22.64 21.41 1.40
N MET C 124 22.54 20.55 0.39
CA MET C 124 22.89 20.98 -0.97
C MET C 124 21.92 22.04 -1.52
N PRO C 125 20.59 21.87 -1.30
CA PRO C 125 19.65 22.92 -1.73
C PRO C 125 19.89 24.21 -0.95
N LEU C 126 20.01 24.12 0.38
CA LEU C 126 20.36 25.27 1.22
C LEU C 126 21.58 26.02 0.71
N HIS C 127 22.65 25.31 0.33
CA HIS C 127 23.88 25.94 -0.15
C HIS C 127 23.76 26.63 -1.51
N ILE C 128 22.83 26.15 -2.33
CA ILE C 128 22.64 26.72 -3.67
C ILE C 128 21.44 27.67 -3.73
N GLY C 129 20.74 27.81 -2.60
CA GLY C 129 19.53 28.63 -2.49
C GLY C 129 18.36 28.06 -3.28
N ALA C 130 18.20 26.74 -3.23
CA ALA C 130 17.07 26.06 -3.86
C ALA C 130 16.04 25.69 -2.79
N PRO C 131 14.74 25.88 -3.10
CA PRO C 131 13.68 25.62 -2.12
C PRO C 131 13.65 24.14 -1.72
N ASP C 132 13.70 23.27 -2.73
CA ASP C 132 13.70 21.83 -2.54
C ASP C 132 14.39 21.18 -3.74
N MET C 133 14.41 19.85 -3.76
CA MET C 133 14.94 19.10 -4.91
C MET C 133 13.96 19.21 -6.08
N ALA C 134 14.49 19.10 -7.30
CA ALA C 134 13.67 19.13 -8.51
C ALA C 134 12.44 18.21 -8.46
N PHE C 135 12.63 16.99 -7.95
CA PHE C 135 11.55 16.00 -7.94
C PHE C 135 11.34 15.46 -6.53
N PRO C 136 10.69 16.25 -5.65
CA PRO C 136 10.55 15.83 -4.24
C PRO C 136 9.93 14.44 -4.04
N ARG C 137 9.11 14.00 -5.00
CA ARG C 137 8.48 12.68 -4.90
C ARG C 137 9.49 11.56 -5.21
N MET C 138 10.28 11.76 -6.25
CA MET C 138 11.43 10.90 -6.59
C MET C 138 12.40 10.75 -5.40
N ASN C 139 12.63 11.85 -4.68
CA ASN C 139 13.47 11.87 -3.47
C ASN C 139 12.91 11.03 -2.32
N ASN C 140 11.59 11.07 -2.11
CA ASN C 140 10.96 10.21 -1.11
C ASN C 140 11.05 8.73 -1.50
N LEU C 141 10.87 8.44 -2.79
CA LEU C 141 10.98 7.07 -3.29
C LEU C 141 12.37 6.49 -2.99
N SER C 142 13.41 7.27 -3.31
CA SER C 142 14.81 6.90 -3.05
C SER C 142 15.02 6.43 -1.62
N TYR C 143 14.43 7.12 -0.64
CA TYR C 143 14.58 6.69 0.75
C TYR C 143 13.93 5.32 1.04
N TRP C 144 12.80 5.04 0.39
CA TRP C 144 12.12 3.77 0.62
C TRP C 144 12.81 2.60 -0.08
N LEU C 145 13.39 2.89 -1.25
CA LEU C 145 14.21 1.92 -1.95
C LEU C 145 15.45 1.52 -1.12
N TYR C 146 16.03 2.52 -0.41
CA TYR C 146 17.14 2.30 0.51
C TYR C 146 16.74 1.43 1.70
N VAL C 147 15.55 1.70 2.26
CA VAL C 147 15.02 0.89 3.37
C VAL C 147 14.71 -0.54 2.92
N ALA C 148 14.18 -0.68 1.71
CA ALA C 148 13.84 -1.98 1.11
C ALA C 148 15.12 -2.79 0.87
N GLY C 149 16.09 -2.16 0.20
CA GLY C 149 17.43 -2.69 0.04
C GLY C 149 18.01 -3.17 1.36
N THR C 150 18.00 -2.31 2.37
CA THR C 150 18.53 -2.65 3.70
C THR C 150 17.85 -3.86 4.31
N SER C 151 16.52 -3.92 4.19
CA SER C 151 15.71 -5.02 4.72
C SER C 151 16.05 -6.36 4.07
N LEU C 152 16.23 -6.34 2.75
CA LEU C 152 16.63 -7.54 2.00
C LEU C 152 18.03 -8.02 2.38
N ALA C 153 18.96 -7.07 2.59
CA ALA C 153 20.34 -7.38 3.01
C ALA C 153 20.34 -8.06 4.36
N VAL C 154 19.57 -7.52 5.30
CA VAL C 154 19.41 -8.13 6.62
C VAL C 154 18.75 -9.51 6.50
N ALA C 155 17.73 -9.60 5.64
CA ALA C 155 17.05 -10.86 5.40
C ALA C 155 18.03 -11.93 4.91
N SER C 156 18.91 -11.55 3.98
CA SER C 156 19.91 -12.48 3.42
C SER C 156 20.69 -13.21 4.52
N LEU C 157 20.90 -12.53 5.65
CA LEU C 157 21.62 -13.08 6.80
C LEU C 157 20.86 -14.20 7.50
N PHE C 158 19.54 -14.24 7.31
CA PHE C 158 18.68 -15.23 7.95
C PHE C 158 18.05 -16.21 6.96
N ALA C 159 18.35 -16.04 5.67
CA ALA C 159 17.85 -16.92 4.62
C ALA C 159 18.81 -18.11 4.35
N PRO C 160 18.26 -19.26 3.90
CA PRO C 160 19.07 -20.40 3.49
C PRO C 160 20.19 -20.02 2.51
N GLY C 161 21.42 -20.37 2.87
CA GLY C 161 22.61 -19.98 2.10
C GLY C 161 23.65 -21.08 2.04
N GLY C 162 24.93 -20.69 2.15
CA GLY C 162 26.04 -21.62 1.97
C GLY C 162 26.13 -22.73 3.00
N ASN C 163 26.61 -23.90 2.54
CA ASN C 163 26.98 -25.03 3.41
C ASN C 163 25.84 -25.56 4.31
N GLY C 164 24.62 -25.52 3.79
CA GLY C 164 23.43 -25.88 4.59
C GLY C 164 23.21 -24.97 5.81
N GLN C 165 23.72 -23.76 5.75
CA GLN C 165 23.53 -22.80 6.86
C GLN C 165 22.72 -21.60 6.39
N LEU C 166 22.59 -20.59 7.26
CA LEU C 166 21.98 -19.31 6.84
C LEU C 166 23.06 -18.28 6.42
N GLY C 167 22.71 -17.43 5.45
CA GLY C 167 23.57 -16.30 5.07
C GLY C 167 24.59 -16.63 3.99
N SER C 168 25.08 -15.59 3.31
CA SER C 168 26.07 -15.73 2.23
C SER C 168 27.51 -15.43 2.66
N GLY C 169 28.37 -16.43 2.54
CA GLY C 169 29.77 -16.29 2.96
C GLY C 169 30.65 -16.02 1.75
N ILE C 170 30.42 -14.87 1.13
CA ILE C 170 30.94 -14.64 -0.23
C ILE C 170 31.79 -13.38 -0.42
N GLY C 171 31.98 -12.60 0.63
CA GLY C 171 32.72 -11.33 0.55
C GLY C 171 31.88 -10.23 -0.10
N TRP C 172 32.13 -8.97 0.26
CA TRP C 172 31.24 -7.86 -0.17
C TRP C 172 31.21 -7.65 -1.70
N VAL C 173 32.23 -8.17 -2.39
CA VAL C 173 32.37 -8.03 -3.84
C VAL C 173 31.81 -9.23 -4.64
N LEU C 174 31.36 -10.28 -3.95
CA LEU C 174 30.61 -11.40 -4.54
C LEU C 174 31.28 -12.08 -5.75
N TYR C 175 32.58 -12.35 -5.68
CA TYR C 175 33.31 -12.99 -6.78
C TYR C 175 32.69 -14.37 -7.08
N PRO C 176 32.41 -14.65 -8.37
CA PRO C 176 32.08 -16.00 -8.81
C PRO C 176 33.36 -16.80 -9.12
N PRO C 177 33.27 -18.15 -9.26
CA PRO C 177 32.13 -19.03 -9.05
C PRO C 177 31.69 -19.24 -7.61
N LEU C 178 32.42 -18.70 -6.63
CA LEU C 178 31.97 -18.81 -5.24
C LEU C 178 30.55 -18.26 -5.05
N SER C 179 30.31 -17.03 -5.51
CA SER C 179 29.01 -16.37 -5.31
C SER C 179 27.89 -17.07 -6.09
N THR C 180 28.23 -17.60 -7.26
CA THR C 180 27.25 -18.28 -8.10
C THR C 180 26.99 -19.75 -7.71
N SER C 181 27.84 -20.31 -6.85
CA SER C 181 27.65 -21.71 -6.46
C SER C 181 27.21 -21.82 -5.02
N GLU C 182 27.16 -20.68 -4.31
CA GLU C 182 26.72 -20.63 -2.91
C GLU C 182 25.29 -21.18 -2.83
N SER C 183 25.06 -22.19 -2.02
CA SER C 183 23.75 -22.83 -1.98
C SER C 183 22.66 -21.93 -1.35
N GLY C 184 21.39 -22.25 -1.61
CA GLY C 184 20.26 -21.48 -1.09
C GLY C 184 19.94 -20.23 -1.89
N TYR C 185 19.13 -19.34 -1.33
CA TYR C 185 18.74 -18.10 -2.03
C TYR C 185 19.19 -16.83 -1.33
N SER C 186 19.79 -16.99 -0.15
CA SER C 186 20.42 -15.87 0.57
C SER C 186 21.18 -14.91 -0.35
N THR C 187 21.92 -15.46 -1.31
CA THR C 187 22.75 -14.67 -2.23
C THR C 187 21.90 -13.90 -3.23
N ASP C 188 20.77 -14.49 -3.64
CA ASP C 188 19.83 -13.82 -4.56
C ASP C 188 19.19 -12.62 -3.87
N LEU C 189 18.85 -12.78 -2.60
CA LEU C 189 18.32 -11.70 -1.76
C LEU C 189 19.34 -10.57 -1.57
N ALA C 190 20.62 -10.96 -1.41
CA ALA C 190 21.72 -10.00 -1.32
C ALA C 190 21.88 -9.24 -2.64
N ILE C 191 21.73 -9.93 -3.76
CA ILE C 191 21.80 -9.32 -5.08
C ILE C 191 20.66 -8.30 -5.30
N PHE C 192 19.46 -8.65 -4.81
CA PHE C 192 18.31 -7.75 -4.93
C PHE C 192 18.51 -6.52 -4.05
N ALA C 193 19.01 -6.74 -2.84
CA ALA C 193 19.35 -5.66 -1.90
C ALA C 193 20.25 -4.59 -2.53
N VAL C 194 21.27 -5.05 -3.27
CA VAL C 194 22.21 -4.17 -3.95
C VAL C 194 21.54 -3.45 -5.14
N HIS C 195 20.66 -4.15 -5.86
CA HIS C 195 19.85 -3.54 -6.92
C HIS C 195 19.04 -2.34 -6.42
N LEU C 196 18.39 -2.52 -5.27
CA LEU C 196 17.55 -1.49 -4.68
C LEU C 196 18.40 -0.32 -4.16
N SER C 197 19.54 -0.64 -3.56
CA SER C 197 20.52 0.38 -3.17
C SER C 197 20.94 1.20 -4.40
N GLY C 198 21.33 0.50 -5.46
CA GLY C 198 21.68 1.13 -6.73
C GLY C 198 20.58 2.06 -7.23
N ALA C 199 19.33 1.62 -7.09
CA ALA C 199 18.16 2.40 -7.55
C ALA C 199 18.01 3.67 -6.72
N SER C 200 18.00 3.50 -5.40
CA SER C 200 18.00 4.60 -4.45
C SER C 200 19.06 5.65 -4.77
N SER C 201 20.29 5.19 -5.00
CA SER C 201 21.43 6.08 -5.31
C SER C 201 21.26 6.81 -6.64
N ILE C 202 20.77 6.09 -7.65
CA ILE C 202 20.56 6.63 -9.00
C ILE C 202 19.44 7.69 -9.01
N LEU C 203 18.33 7.40 -8.36
CA LEU C 203 17.26 8.38 -8.18
C LEU C 203 17.80 9.60 -7.46
N GLY C 204 18.50 9.38 -6.35
CA GLY C 204 19.18 10.45 -5.61
C GLY C 204 20.09 11.29 -6.48
N ALA C 205 20.92 10.62 -7.28
CA ALA C 205 21.83 11.26 -8.22
C ALA C 205 21.10 12.11 -9.28
N ILE C 206 19.97 11.62 -9.77
CA ILE C 206 19.19 12.34 -10.76
C ILE C 206 18.66 13.65 -10.15
N ASN C 207 18.08 13.57 -8.96
CA ASN C 207 17.70 14.76 -8.21
C ASN C 207 18.82 15.78 -8.04
N MET C 208 19.96 15.35 -7.48
CA MET C 208 21.08 16.26 -7.19
C MET C 208 21.51 17.05 -8.42
N ILE C 209 21.68 16.35 -9.53
CA ILE C 209 22.18 16.93 -10.77
C ILE C 209 21.19 17.95 -11.36
N THR C 210 19.91 17.60 -11.38
CA THR C 210 18.86 18.47 -11.90
C THR C 210 18.68 19.70 -11.01
N THR C 211 18.56 19.49 -9.70
CA THR C 211 18.45 20.58 -8.73
C THR C 211 19.65 21.53 -8.78
N PHE C 212 20.84 20.95 -8.94
CA PHE C 212 22.07 21.72 -8.98
C PHE C 212 22.17 22.62 -10.21
N LEU C 213 21.80 22.08 -11.37
CA LEU C 213 21.97 22.79 -12.64
C LEU C 213 20.84 23.78 -12.95
N ASN C 214 19.69 23.61 -12.30
CA ASN C 214 18.46 24.34 -12.70
C ASN C 214 17.76 25.16 -11.62
N MET C 215 18.11 24.93 -10.36
CA MET C 215 17.36 25.54 -9.26
C MET C 215 18.20 26.39 -8.31
N ARG C 216 19.38 26.79 -8.77
CA ARG C 216 20.19 27.74 -8.03
C ARG C 216 19.51 29.11 -8.02
N ALA C 217 19.41 29.71 -6.83
CA ALA C 217 18.94 31.09 -6.68
C ALA C 217 19.61 32.02 -7.68
N PRO C 218 18.89 33.06 -8.17
CA PRO C 218 19.49 34.05 -9.09
C PRO C 218 20.73 34.74 -8.49
N GLY C 219 21.82 34.79 -9.27
CA GLY C 219 23.08 35.37 -8.79
C GLY C 219 24.06 34.37 -8.19
N MET C 220 23.55 33.19 -7.84
CA MET C 220 24.38 32.07 -7.39
C MET C 220 25.08 31.46 -8.61
N THR C 221 26.20 32.08 -9.00
CA THR C 221 26.96 31.62 -10.16
C THR C 221 27.64 30.28 -9.87
N MET C 222 28.02 29.60 -10.94
CA MET C 222 28.78 28.33 -10.85
C MET C 222 29.98 28.45 -9.91
N HIS C 223 30.66 29.60 -9.95
CA HIS C 223 31.85 29.87 -9.13
C HIS C 223 31.52 30.47 -7.75
N LYS C 224 30.24 30.50 -7.38
CA LYS C 224 29.82 30.97 -6.06
C LYS C 224 29.33 29.80 -5.17
N VAL C 225 29.02 28.67 -5.82
CA VAL C 225 28.48 27.48 -5.15
C VAL C 225 29.49 26.93 -4.14
N PRO C 226 29.06 26.72 -2.88
CA PRO C 226 29.96 26.24 -1.84
C PRO C 226 30.50 24.84 -2.16
N LEU C 227 31.65 24.48 -1.59
CA LEU C 227 32.35 23.25 -1.96
C LEU C 227 31.58 21.96 -1.64
N PHE C 228 30.82 21.94 -0.56
CA PHE C 228 30.00 20.77 -0.26
C PHE C 228 28.99 20.47 -1.37
N ALA C 229 28.32 21.51 -1.88
CA ALA C 229 27.36 21.36 -2.96
C ALA C 229 28.01 20.80 -4.23
N TRP C 230 29.21 21.31 -4.53
CA TRP C 230 30.03 20.78 -5.62
C TRP C 230 30.38 19.31 -5.42
N SER C 231 30.76 18.95 -4.19
CA SER C 231 31.18 17.58 -3.87
C SER C 231 30.03 16.60 -4.09
N ILE C 232 28.84 17.00 -3.63
CA ILE C 232 27.60 16.26 -3.87
C ILE C 232 27.32 16.12 -5.37
N PHE C 233 27.53 17.21 -6.12
CA PHE C 233 27.28 17.24 -7.55
C PHE C 233 28.16 16.23 -8.30
N VAL C 234 29.48 16.31 -8.09
CA VAL C 234 30.45 15.35 -8.69
C VAL C 234 30.10 13.89 -8.35
N THR C 235 29.85 13.62 -7.06
CA THR C 235 29.42 12.30 -6.57
C THR C 235 28.25 11.72 -7.39
N ALA C 236 27.26 12.57 -7.67
CA ALA C 236 26.07 12.15 -8.38
C ALA C 236 26.37 11.69 -9.80
N TRP C 237 27.29 12.38 -10.48
CA TRP C 237 27.78 11.95 -11.79
C TRP C 237 28.50 10.59 -11.75
N LEU C 238 29.32 10.36 -10.71
CA LEU C 238 29.98 9.07 -10.54
C LEU C 238 28.93 7.96 -10.37
N ILE C 239 27.93 8.22 -9.53
CA ILE C 239 26.82 7.29 -9.30
C ILE C 239 26.12 6.85 -10.61
N LEU C 240 25.87 7.80 -11.51
CA LEU C 240 25.15 7.52 -12.76
C LEU C 240 25.89 6.61 -13.72
N LEU C 241 27.21 6.70 -13.80
CA LEU C 241 27.94 5.75 -14.65
C LEU C 241 28.29 4.44 -13.93
N ALA C 242 28.61 4.53 -12.65
CA ALA C 242 29.12 3.38 -11.89
C ALA C 242 28.02 2.38 -11.57
N LEU C 243 26.93 2.86 -10.99
CA LEU C 243 25.85 1.97 -10.52
C LEU C 243 25.09 1.15 -11.60
N PRO C 244 24.89 1.72 -12.82
CA PRO C 244 24.39 0.90 -13.93
C PRO C 244 25.32 -0.27 -14.29
N VAL C 245 26.63 -0.04 -14.21
CA VAL C 245 27.60 -1.08 -14.50
C VAL C 245 27.52 -2.19 -13.43
N LEU C 246 27.43 -1.81 -12.16
CA LEU C 246 27.26 -2.81 -11.08
C LEU C 246 25.99 -3.61 -11.31
N ALA C 247 24.92 -2.92 -11.66
CA ALA C 247 23.64 -3.55 -11.98
C ALA C 247 23.82 -4.64 -13.06
N GLY C 248 24.62 -4.34 -14.08
CA GLY C 248 24.98 -5.35 -15.08
C GLY C 248 25.65 -6.55 -14.41
N ALA C 249 26.74 -6.31 -13.70
CA ALA C 249 27.53 -7.33 -13.01
C ALA C 249 26.70 -8.29 -12.17
N ILE C 250 25.89 -7.75 -11.26
CA ILE C 250 25.11 -8.60 -10.34
C ILE C 250 23.95 -9.36 -11.00
N THR C 251 23.49 -8.86 -12.15
CA THR C 251 22.40 -9.51 -12.88
C THR C 251 22.97 -10.73 -13.60
N MET C 252 24.17 -10.56 -14.16
CA MET C 252 24.95 -11.67 -14.67
C MET C 252 25.17 -12.77 -13.61
N LEU C 253 25.37 -12.37 -12.36
CA LEU C 253 25.45 -13.34 -11.26
C LEU C 253 24.11 -14.03 -11.07
N LEU C 254 23.03 -13.26 -11.14
CA LEU C 254 21.70 -13.79 -10.89
C LEU C 254 21.29 -14.79 -11.96
N THR C 255 21.70 -14.54 -13.20
CA THR C 255 21.36 -15.40 -14.31
C THR C 255 22.22 -16.68 -14.34
N ASP C 256 23.52 -16.55 -14.05
CA ASP C 256 24.39 -17.72 -13.85
C ASP C 256 23.85 -18.60 -12.73
N ARG C 257 23.24 -17.98 -11.72
CA ARG C 257 22.65 -18.70 -10.59
C ARG C 257 21.34 -19.39 -10.96
N ASN C 258 20.47 -18.68 -11.69
CA ASN C 258 19.06 -19.05 -11.79
C ASN C 258 18.52 -19.31 -13.20
N PHE C 259 19.20 -18.79 -14.23
CA PHE C 259 18.66 -18.84 -15.59
C PHE C 259 19.65 -19.41 -16.62
N GLY C 260 20.48 -20.34 -16.17
CA GLY C 260 21.35 -21.14 -17.04
C GLY C 260 22.34 -20.42 -17.94
N THR C 261 22.63 -19.15 -17.64
CA THR C 261 23.73 -18.47 -18.33
C THR C 261 25.04 -18.99 -17.77
N THR C 262 26.13 -18.82 -18.51
CA THR C 262 27.45 -19.22 -18.06
C THR C 262 28.47 -18.11 -18.30
N PHE C 263 28.10 -16.88 -17.97
CA PHE C 263 29.01 -15.73 -18.15
C PHE C 263 30.35 -15.92 -17.43
N PHE C 264 30.30 -16.54 -16.25
CA PHE C 264 31.48 -16.69 -15.39
C PHE C 264 31.87 -18.14 -15.11
N GLN C 265 31.22 -19.08 -15.82
CA GLN C 265 31.45 -20.51 -15.64
C GLN C 265 32.22 -21.06 -16.84
N PRO C 266 33.48 -21.52 -16.63
CA PRO C 266 34.37 -21.97 -17.71
C PRO C 266 33.84 -23.15 -18.54
N SER C 267 32.99 -23.99 -17.93
CA SER C 267 32.40 -25.12 -18.65
C SER C 267 31.45 -24.68 -19.77
N GLY C 268 30.87 -23.50 -19.62
CA GLY C 268 30.06 -22.90 -20.67
C GLY C 268 30.79 -21.82 -21.43
N GLY C 269 32.11 -21.83 -21.36
CA GLY C 269 32.92 -20.80 -22.02
C GLY C 269 33.03 -19.47 -21.26
N GLY C 270 32.64 -19.46 -20.00
CA GLY C 270 32.73 -18.26 -19.18
C GLY C 270 34.11 -17.97 -18.62
N ASP C 271 34.28 -16.75 -18.09
CA ASP C 271 35.52 -16.32 -17.46
C ASP C 271 35.24 -15.56 -16.18
N PRO C 272 35.54 -16.17 -15.01
CA PRO C 272 35.29 -15.54 -13.70
C PRO C 272 35.96 -14.17 -13.56
N VAL C 273 37.08 -13.97 -14.25
CA VAL C 273 37.80 -12.69 -14.23
C VAL C 273 37.01 -11.55 -14.94
N LEU C 274 36.15 -11.91 -15.89
CA LEU C 274 35.28 -10.91 -16.55
C LEU C 274 34.44 -10.19 -15.51
N TYR C 275 33.85 -10.94 -14.60
CA TYR C 275 33.10 -10.33 -13.52
C TYR C 275 33.93 -9.31 -12.75
N GLN C 276 35.19 -9.64 -12.47
CA GLN C 276 36.04 -8.77 -11.66
C GLN C 276 36.24 -7.39 -12.32
N HIS C 277 36.45 -7.39 -13.64
CA HIS C 277 36.57 -6.14 -14.39
C HIS C 277 35.28 -5.31 -14.25
N ILE C 278 34.13 -5.92 -14.51
CA ILE C 278 32.84 -5.22 -14.43
C ILE C 278 32.56 -4.73 -13.00
N LEU C 279 32.73 -5.61 -12.00
CA LEU C 279 32.56 -5.24 -10.59
C LEU C 279 33.45 -4.06 -10.21
N TRP C 280 34.75 -4.16 -10.46
CA TRP C 280 35.69 -3.13 -10.03
C TRP C 280 35.60 -1.83 -10.86
N PHE C 281 34.97 -1.93 -12.03
CA PHE C 281 34.64 -0.74 -12.82
C PHE C 281 33.66 0.14 -12.05
N PHE C 282 32.74 -0.49 -11.31
CA PHE C 282 31.91 0.22 -10.33
C PHE C 282 32.69 0.45 -9.05
N GLY C 283 33.49 -0.56 -8.68
CA GLY C 283 34.04 -0.67 -7.34
C GLY C 283 35.05 0.39 -7.00
N HIS C 284 35.88 0.78 -7.96
CA HIS C 284 36.68 1.93 -7.63
C HIS C 284 35.91 3.27 -7.48
N PRO C 285 35.15 3.70 -8.51
CA PRO C 285 34.27 4.87 -8.37
C PRO C 285 33.52 4.88 -7.05
N GLU C 286 33.03 3.71 -6.62
CA GLU C 286 32.37 3.57 -5.33
C GLU C 286 33.15 4.20 -4.15
N VAL C 287 34.47 4.04 -4.12
CA VAL C 287 35.22 4.52 -2.94
C VAL C 287 35.30 6.06 -2.94
N TYR C 288 35.32 6.63 -4.14
CA TYR C 288 35.29 8.09 -4.33
C TYR C 288 33.89 8.65 -4.11
N ILE C 289 32.86 7.88 -4.44
CA ILE C 289 31.49 8.23 -4.11
C ILE C 289 31.34 8.38 -2.59
N ILE C 290 32.00 7.49 -1.86
CA ILE C 290 32.05 7.56 -0.40
C ILE C 290 32.77 8.81 0.10
N VAL C 291 33.94 9.10 -0.44
CA VAL C 291 34.80 10.09 0.19
C VAL C 291 34.53 11.56 -0.21
N LEU C 292 34.10 11.79 -1.45
CA LEU C 292 33.88 13.16 -1.97
C LEU C 292 32.98 14.07 -1.11
N PRO C 293 31.77 13.61 -0.70
CA PRO C 293 31.01 14.43 0.25
C PRO C 293 31.78 14.74 1.54
N ALA C 294 32.63 13.82 2.00
CA ALA C 294 33.49 14.12 3.16
C ALA C 294 34.47 15.26 2.86
N PHE C 295 35.02 15.30 1.64
CA PHE C 295 35.88 16.40 1.22
C PHE C 295 35.15 17.75 1.37
N GLY C 296 33.90 17.80 0.90
CA GLY C 296 33.02 18.97 1.04
C GLY C 296 32.90 19.43 2.47
N ILE C 297 32.46 18.52 3.35
CA ILE C 297 32.29 18.83 4.75
C ILE C 297 33.56 19.36 5.39
N VAL C 298 34.68 18.68 5.12
CA VAL C 298 35.97 19.07 5.62
C VAL C 298 36.33 20.51 5.22
N SER C 299 36.13 20.83 3.95
CA SER C 299 36.37 22.18 3.45
C SER C 299 35.53 23.24 4.19
N HIS C 300 34.24 22.96 4.39
CA HIS C 300 33.35 23.86 5.13
C HIS C 300 33.75 23.99 6.60
N VAL C 301 34.04 22.87 7.25
CA VAL C 301 34.43 22.87 8.64
C VAL C 301 35.75 23.62 8.84
N ILE C 302 36.74 23.37 7.97
CA ILE C 302 38.05 23.98 8.17
C ILE C 302 38.00 25.50 7.93
N ALA C 303 37.41 25.93 6.82
CA ALA C 303 37.17 27.35 6.56
C ALA C 303 36.54 28.08 7.75
N THR C 304 35.52 27.48 8.37
CA THR C 304 34.77 28.09 9.46
C THR C 304 35.61 28.27 10.74
N PHE C 305 36.33 27.22 11.13
CA PHE C 305 37.03 27.23 12.41
C PHE C 305 38.47 27.74 12.33
N ALA C 306 39.00 27.85 11.11
CA ALA C 306 40.23 28.58 10.88
C ALA C 306 39.93 30.09 10.70
N LYS C 307 38.64 30.41 10.55
CA LYS C 307 38.12 31.78 10.28
C LYS C 307 38.77 32.37 9.04
N LYS C 308 38.79 31.59 7.97
CA LYS C 308 39.58 31.89 6.79
C LYS C 308 38.97 31.16 5.58
N PRO C 309 38.96 31.82 4.40
CA PRO C 309 38.35 31.15 3.26
C PRO C 309 39.21 29.98 2.78
N ILE C 310 38.56 29.00 2.14
CA ILE C 310 39.25 27.83 1.61
C ILE C 310 40.35 28.26 0.64
N PHE C 311 41.55 27.74 0.85
CA PHE C 311 42.67 27.97 -0.05
C PHE C 311 42.39 27.29 -1.40
N GLY C 312 42.53 28.06 -2.49
CA GLY C 312 42.33 27.56 -3.84
C GLY C 312 40.96 26.95 -4.09
N TYR C 313 39.92 27.77 -4.06
CA TYR C 313 38.55 27.30 -4.31
C TYR C 313 38.39 26.54 -5.64
N LEU C 314 38.95 27.08 -6.73
CA LEU C 314 38.84 26.48 -8.06
C LEU C 314 39.66 25.19 -8.25
N PRO C 315 40.96 25.20 -7.84
CA PRO C 315 41.68 23.92 -7.83
C PRO C 315 40.93 22.82 -7.05
N MET C 316 40.33 23.16 -5.91
CA MET C 316 39.53 22.23 -5.12
C MET C 316 38.35 21.67 -5.91
N VAL C 317 37.69 22.53 -6.68
CA VAL C 317 36.59 22.11 -7.54
C VAL C 317 37.14 21.20 -8.64
N TYR C 318 38.25 21.62 -9.25
CA TYR C 318 38.85 20.90 -10.37
C TYR C 318 39.48 19.56 -9.97
N ALA C 319 40.11 19.51 -8.79
CA ALA C 319 40.65 18.26 -8.26
C ALA C 319 39.54 17.22 -8.09
N MET C 320 38.39 17.64 -7.57
CA MET C 320 37.27 16.73 -7.45
C MET C 320 36.78 16.17 -8.78
N VAL C 321 36.76 17.03 -9.80
CA VAL C 321 36.31 16.61 -11.13
C VAL C 321 37.36 15.68 -11.75
N ALA C 322 38.63 16.04 -11.59
CA ALA C 322 39.73 15.23 -12.11
C ALA C 322 39.82 13.86 -11.42
N ILE C 323 39.72 13.87 -10.09
CA ILE C 323 39.68 12.63 -9.29
C ILE C 323 38.47 11.77 -9.69
N GLY C 324 37.31 12.40 -9.82
CA GLY C 324 36.09 11.73 -10.24
C GLY C 324 36.18 11.07 -11.61
N VAL C 325 36.81 11.75 -12.57
CA VAL C 325 36.94 11.22 -13.92
C VAL C 325 38.01 10.11 -13.98
N LEU C 326 39.20 10.39 -13.42
CA LEU C 326 40.30 9.44 -13.38
C LEU C 326 39.98 8.17 -12.56
N GLY C 327 39.00 8.27 -11.66
CA GLY C 327 38.55 7.14 -10.86
C GLY C 327 37.87 6.04 -11.64
N PHE C 328 37.65 6.26 -12.94
CA PHE C 328 37.03 5.27 -13.85
C PHE C 328 38.04 4.51 -14.70
N VAL C 329 39.32 4.88 -14.62
CA VAL C 329 40.37 4.25 -15.42
C VAL C 329 41.48 3.54 -14.60
N VAL C 330 41.16 3.14 -13.37
CA VAL C 330 42.19 2.61 -12.45
C VAL C 330 41.82 1.28 -11.79
N TRP C 331 40.63 0.78 -12.14
CA TRP C 331 39.98 -0.31 -11.43
C TRP C 331 40.80 -1.61 -11.23
N ALA C 332 41.70 -1.90 -12.17
CA ALA C 332 42.39 -3.20 -12.16
C ALA C 332 43.56 -3.27 -11.17
N HIS C 333 43.80 -2.20 -10.42
CA HIS C 333 44.72 -2.27 -9.30
C HIS C 333 44.13 -3.15 -8.17
N HIS C 334 42.85 -3.48 -8.31
CA HIS C 334 42.19 -4.44 -7.48
C HIS C 334 42.35 -5.88 -8.01
N MET C 335 43.15 -6.04 -9.07
CA MET C 335 43.23 -7.30 -9.82
C MET C 335 44.68 -7.66 -10.24
N TYR C 336 45.66 -7.11 -9.54
CA TYR C 336 47.05 -7.34 -9.89
C TYR C 336 47.47 -8.82 -9.84
N THR C 337 46.85 -9.62 -8.97
CA THR C 337 47.16 -11.04 -8.86
C THR C 337 46.13 -11.94 -9.52
N ALA C 338 45.15 -11.35 -10.21
CA ALA C 338 44.08 -12.15 -10.81
C ALA C 338 44.44 -12.76 -12.17
N GLY C 339 45.59 -12.39 -12.71
CA GLY C 339 46.05 -12.95 -13.99
C GLY C 339 46.17 -11.93 -15.11
N LEU C 340 46.41 -10.67 -14.75
CA LEU C 340 46.62 -9.60 -15.74
C LEU C 340 47.99 -9.70 -16.36
N SER C 341 48.09 -9.32 -17.63
CA SER C 341 49.37 -9.26 -18.31
C SER C 341 50.22 -8.17 -17.70
N LEU C 342 51.52 -8.29 -17.89
CA LEU C 342 52.47 -7.29 -17.44
C LEU C 342 52.15 -5.88 -17.97
N THR C 343 51.69 -5.80 -19.23
CA THR C 343 51.32 -4.54 -19.86
C THR C 343 50.13 -3.88 -19.16
N GLN C 344 49.06 -4.65 -18.96
CA GLN C 344 47.89 -4.20 -18.22
C GLN C 344 48.26 -3.74 -16.81
N GLN C 345 49.03 -4.55 -16.09
CA GLN C 345 49.50 -4.20 -14.75
C GLN C 345 50.27 -2.89 -14.74
N SER C 346 51.12 -2.70 -15.75
CA SER C 346 51.93 -1.49 -15.89
C SER C 346 51.07 -0.24 -16.14
N TYR C 347 50.14 -0.31 -17.09
CA TYR C 347 49.24 0.81 -17.32
C TYR C 347 48.51 1.22 -16.04
N PHE C 348 47.84 0.26 -15.39
CA PHE C 348 46.98 0.58 -14.26
C PHE C 348 47.75 1.13 -13.06
N MET C 349 48.98 0.66 -12.90
CA MET C 349 49.90 1.23 -11.93
C MET C 349 50.17 2.73 -12.20
N MET C 350 50.52 3.07 -13.45
CA MET C 350 50.75 4.47 -13.85
C MET C 350 49.53 5.35 -13.59
N ALA C 351 48.37 4.90 -14.06
CA ALA C 351 47.13 5.65 -13.93
C ALA C 351 46.75 5.85 -12.45
N THR C 352 47.02 4.85 -11.62
CA THR C 352 46.73 4.92 -10.19
C THR C 352 47.61 5.97 -9.52
N MET C 353 48.88 6.00 -9.95
CA MET C 353 49.85 6.98 -9.47
C MET C 353 49.46 8.42 -9.85
N VAL C 354 48.87 8.61 -11.04
CA VAL C 354 48.42 9.92 -11.49
C VAL C 354 47.33 10.49 -10.58
N ILE C 355 46.25 9.72 -10.39
CA ILE C 355 45.11 10.17 -9.57
C ILE C 355 45.54 10.49 -8.12
N ALA C 356 46.63 9.87 -7.67
CA ALA C 356 47.16 10.14 -6.33
C ALA C 356 47.59 11.59 -6.13
N VAL C 357 48.03 12.23 -7.21
CA VAL C 357 48.52 13.62 -7.17
C VAL C 357 47.46 14.67 -6.76
N PRO C 358 46.36 14.84 -7.55
CA PRO C 358 45.31 15.75 -7.08
C PRO C 358 44.67 15.34 -5.75
N THR C 359 44.65 14.03 -5.44
CA THR C 359 44.06 13.55 -4.19
C THR C 359 44.91 14.01 -3.01
N GLY C 360 46.19 13.69 -3.09
CA GLY C 360 47.13 14.02 -2.02
C GLY C 360 47.28 15.51 -1.80
N ILE C 361 47.30 16.28 -2.89
CA ILE C 361 47.46 17.74 -2.82
C ILE C 361 46.41 18.43 -1.93
N LYS C 362 45.14 18.00 -2.04
CA LYS C 362 44.05 18.58 -1.25
C LYS C 362 44.37 18.67 0.25
N ILE C 363 45.22 17.75 0.73
CA ILE C 363 45.70 17.81 2.11
C ILE C 363 46.42 19.15 2.35
N PHE C 364 47.28 19.52 1.40
CA PHE C 364 48.04 20.79 1.43
C PHE C 364 47.13 22.01 1.45
N SER C 365 46.16 22.05 0.53
CA SER C 365 45.18 23.12 0.47
C SER C 365 44.42 23.30 1.78
N TRP C 366 44.09 22.19 2.43
CA TRP C 366 43.43 22.22 3.73
C TRP C 366 44.36 22.74 4.83
N ILE C 367 45.62 22.33 4.79
CA ILE C 367 46.64 22.85 5.72
C ILE C 367 46.88 24.35 5.49
N ALA C 368 46.88 24.76 4.22
CA ALA C 368 47.10 26.15 3.83
C ALA C 368 45.90 27.05 4.15
N THR C 369 44.73 26.44 4.36
CA THR C 369 43.55 27.16 4.81
C THR C 369 43.70 27.53 6.28
N MET C 370 44.16 26.58 7.08
CA MET C 370 44.45 26.80 8.49
C MET C 370 45.58 27.81 8.69
N TRP C 371 46.53 27.80 7.77
CA TRP C 371 47.74 28.62 7.89
C TRP C 371 47.39 30.12 7.83
N GLY C 372 47.86 30.87 8.82
CA GLY C 372 47.53 32.30 8.91
C GLY C 372 46.19 32.58 9.58
N GLY C 373 45.41 31.53 9.85
CA GLY C 373 44.08 31.70 10.41
C GLY C 373 44.02 32.04 11.89
N SER C 374 42.83 31.92 12.46
CA SER C 374 42.59 32.16 13.87
C SER C 374 41.75 30.98 14.38
N ILE C 375 42.46 29.92 14.77
CA ILE C 375 41.89 28.59 14.89
C ILE C 375 41.27 28.33 16.26
N GLU C 376 40.00 27.92 16.25
CA GLU C 376 39.37 27.39 17.45
C GLU C 376 39.13 25.89 17.35
N LEU C 377 39.50 25.17 18.40
CA LEU C 377 39.48 23.71 18.38
C LEU C 377 38.20 23.17 18.98
N LYS C 378 37.08 23.55 18.38
CA LYS C 378 35.79 23.01 18.74
C LYS C 378 35.68 21.61 18.14
N THR C 379 34.80 20.79 18.71
CA THR C 379 34.57 19.41 18.25
C THR C 379 34.60 19.19 16.72
N PRO C 380 33.82 19.98 15.93
CA PRO C 380 33.82 19.73 14.48
C PRO C 380 35.20 19.89 13.85
N MET C 381 35.99 20.84 14.35
CA MET C 381 37.32 21.08 13.82
C MET C 381 38.29 19.92 14.19
N LEU C 382 38.15 19.39 15.40
CA LEU C 382 38.90 18.20 15.80
C LEU C 382 38.68 17.04 14.83
N TRP C 383 37.42 16.74 14.51
CA TRP C 383 37.08 15.72 13.51
C TRP C 383 37.77 15.97 12.18
N ALA C 384 37.76 17.22 11.72
CA ALA C 384 38.36 17.57 10.42
C ALA C 384 39.88 17.41 10.40
N LEU C 385 40.53 17.73 11.52
CA LEU C 385 41.98 17.54 11.68
C LEU C 385 42.36 16.05 11.79
N GLY C 386 41.55 15.29 12.52
CA GLY C 386 41.66 13.84 12.56
C GLY C 386 41.53 13.28 11.15
N PHE C 387 40.56 13.79 10.38
CA PHE C 387 40.40 13.37 8.99
C PHE C 387 41.70 13.57 8.21
N LEU C 388 42.32 14.74 8.38
CA LEU C 388 43.57 15.05 7.68
C LEU C 388 44.70 14.06 7.98
N PHE C 389 44.93 13.79 9.27
CA PHE C 389 45.92 12.81 9.69
C PHE C 389 45.59 11.42 9.11
N LEU C 390 44.37 10.94 9.37
CA LEU C 390 43.95 9.59 9.00
C LEU C 390 43.94 9.35 7.50
N PHE C 391 43.43 10.33 6.75
CA PHE C 391 43.43 10.28 5.28
C PHE C 391 44.85 10.23 4.71
N THR C 392 45.79 10.89 5.39
CA THR C 392 47.20 10.87 4.96
C THR C 392 47.83 9.48 5.19
N VAL C 393 47.73 8.98 6.42
CA VAL C 393 48.20 7.63 6.77
C VAL C 393 47.59 6.58 5.84
N GLY C 394 46.31 6.73 5.55
CA GLY C 394 45.61 5.84 4.64
C GLY C 394 46.07 5.97 3.20
N GLY C 395 46.20 7.20 2.71
CA GLY C 395 46.62 7.44 1.33
C GLY C 395 48.03 7.01 0.98
N VAL C 396 48.96 7.15 1.94
CA VAL C 396 50.34 6.74 1.69
C VAL C 396 50.49 5.21 1.52
N THR C 397 49.68 4.43 2.23
CA THR C 397 49.71 2.96 2.05
C THR C 397 49.10 2.58 0.71
N GLY C 398 48.17 3.42 0.23
CA GLY C 398 47.71 3.36 -1.16
C GLY C 398 48.88 3.53 -2.13
N ILE C 399 49.77 4.47 -1.85
CA ILE C 399 50.93 4.66 -2.72
C ILE C 399 51.70 3.33 -2.80
N VAL C 400 51.93 2.69 -1.64
CA VAL C 400 52.62 1.40 -1.58
C VAL C 400 51.93 0.35 -2.45
N LEU C 401 50.62 0.18 -2.25
CA LEU C 401 49.81 -0.82 -2.96
C LEU C 401 49.73 -0.63 -4.48
N SER C 402 49.84 0.63 -4.93
CA SER C 402 49.79 0.92 -6.37
C SER C 402 50.97 0.28 -7.11
N GLN C 403 52.08 0.10 -6.39
CA GLN C 403 53.23 -0.61 -6.95
C GLN C 403 52.93 -2.13 -7.02
N ALA C 404 52.54 -2.59 -8.22
CA ALA C 404 52.11 -3.99 -8.42
C ALA C 404 53.07 -5.04 -7.88
N SER C 405 54.37 -4.77 -7.96
CA SER C 405 55.36 -5.73 -7.45
C SER C 405 55.35 -5.87 -5.93
N VAL C 406 54.92 -4.81 -5.23
CA VAL C 406 54.78 -4.85 -3.76
C VAL C 406 53.39 -5.36 -3.36
N ASP C 407 52.37 -4.97 -4.13
CA ASP C 407 51.04 -5.51 -3.97
C ASP C 407 51.01 -7.04 -4.07
N ARG C 408 51.96 -7.62 -4.82
CA ARG C 408 52.05 -9.10 -4.92
C ARG C 408 52.04 -9.71 -3.53
N TYR C 409 52.79 -9.09 -2.62
CA TYR C 409 52.89 -9.53 -1.24
C TYR C 409 51.65 -9.12 -0.42
N TYR C 410 51.23 -7.86 -0.54
CA TYR C 410 50.19 -7.31 0.32
C TYR C 410 48.77 -7.66 -0.09
N HIS C 411 48.56 -8.03 -1.35
CA HIS C 411 47.20 -8.29 -1.81
C HIS C 411 46.53 -9.40 -1.03
N ASP C 412 45.27 -9.15 -0.65
CA ASP C 412 44.45 -10.09 0.10
C ASP C 412 45.10 -10.41 1.45
N THR C 413 45.73 -9.41 2.05
CA THR C 413 46.26 -9.47 3.43
C THR C 413 45.70 -8.30 4.21
N TYR C 414 45.99 -8.28 5.52
CA TYR C 414 45.51 -7.24 6.42
C TYR C 414 46.14 -5.87 6.21
N TYR C 415 47.23 -5.80 5.43
CA TYR C 415 47.78 -4.51 5.04
C TYR C 415 46.79 -3.70 4.20
N VAL C 416 46.06 -4.39 3.32
CA VAL C 416 45.02 -3.77 2.50
C VAL C 416 43.86 -3.32 3.39
N VAL C 417 43.45 -4.20 4.31
CA VAL C 417 42.43 -3.88 5.31
C VAL C 417 42.79 -2.63 6.13
N ALA C 418 44.04 -2.55 6.56
CA ALA C 418 44.54 -1.38 7.29
C ALA C 418 44.43 -0.13 6.41
N HIS C 419 44.91 -0.24 5.16
CA HIS C 419 44.83 0.86 4.19
C HIS C 419 43.42 1.45 4.01
N PHE C 420 42.43 0.60 3.73
CA PHE C 420 41.11 1.14 3.41
C PHE C 420 40.28 1.55 4.62
N HIS C 421 40.53 0.94 5.77
CA HIS C 421 39.93 1.46 6.99
C HIS C 421 40.43 2.85 7.40
N TYR C 422 41.71 3.12 7.18
CA TYR C 422 42.26 4.47 7.40
C TYR C 422 41.71 5.51 6.40
N VAL C 423 41.88 5.24 5.11
CA VAL C 423 41.62 6.23 4.07
C VAL C 423 40.12 6.39 3.80
N MET C 424 39.39 5.29 3.89
CA MET C 424 38.01 5.26 3.43
C MET C 424 37.06 5.15 4.61
N SER C 425 37.22 4.09 5.41
CA SER C 425 36.32 3.87 6.54
C SER C 425 36.38 5.03 7.52
N LEU C 426 37.54 5.27 8.11
CA LEU C 426 37.75 6.38 9.05
C LEU C 426 37.59 7.76 8.41
N GLY C 427 38.05 7.91 7.16
CA GLY C 427 37.82 9.13 6.39
C GLY C 427 36.33 9.48 6.34
N ALA C 428 35.52 8.52 5.90
CA ALA C 428 34.06 8.66 5.85
C ALA C 428 33.48 8.94 7.22
N VAL C 429 33.86 8.15 8.20
CA VAL C 429 33.31 8.28 9.55
C VAL C 429 33.64 9.63 10.21
N PHE C 430 34.88 10.08 10.04
CA PHE C 430 35.32 11.37 10.57
C PHE C 430 34.62 12.55 9.87
N GLY C 431 34.42 12.42 8.56
CA GLY C 431 33.63 13.37 7.78
C GLY C 431 32.19 13.47 8.25
N ILE C 432 31.61 12.32 8.60
CA ILE C 432 30.26 12.22 9.16
C ILE C 432 30.15 12.84 10.57
N PHE C 433 31.11 12.53 11.44
CA PHE C 433 31.14 13.14 12.77
C PHE C 433 31.39 14.66 12.71
N ALA C 434 32.24 15.10 11.77
CA ALA C 434 32.42 16.52 11.51
C ALA C 434 31.06 17.16 11.19
N GLY C 435 30.41 16.66 10.15
CA GLY C 435 29.09 17.12 9.72
C GLY C 435 28.08 17.18 10.85
N ILE C 436 27.98 16.09 11.61
CA ILE C 436 27.01 15.98 12.70
C ILE C 436 27.21 17.08 13.76
N TYR C 437 28.43 17.24 14.24
CA TYR C 437 28.72 18.24 15.26
C TYR C 437 28.63 19.68 14.70
N PHE C 438 29.02 19.85 13.45
CA PHE C 438 28.91 21.13 12.74
C PHE C 438 27.44 21.57 12.64
N TRP C 439 26.58 20.62 12.30
CA TRP C 439 25.25 20.93 11.81
C TRP C 439 24.08 20.52 12.70
N ILE C 440 24.34 19.88 13.84
CA ILE C 440 23.26 19.41 14.69
C ILE C 440 22.40 20.54 15.28
N GLY C 441 23.05 21.63 15.66
CA GLY C 441 22.33 22.81 16.19
C GLY C 441 21.39 23.36 15.15
N LYS C 442 21.89 23.47 13.92
CA LYS C 442 21.16 23.94 12.76
C LYS C 442 19.98 23.05 12.38
N MET C 443 20.13 21.73 12.56
CA MET C 443 19.11 20.78 12.15
C MET C 443 18.03 20.58 13.21
N SER C 444 18.42 20.73 14.47
CA SER C 444 17.57 20.37 15.58
C SER C 444 17.11 21.53 16.48
N GLY C 445 17.81 22.66 16.40
CA GLY C 445 17.56 23.77 17.33
C GLY C 445 18.10 23.51 18.73
N ARG C 446 18.82 22.41 18.91
CA ARG C 446 19.53 22.14 20.16
C ARG C 446 21.01 21.87 19.93
N GLN C 447 21.83 22.12 20.94
CA GLN C 447 23.27 22.07 20.80
C GLN C 447 23.90 20.96 21.66
N TYR C 448 24.95 20.33 21.14
CA TYR C 448 25.67 19.27 21.88
C TYR C 448 26.52 19.88 23.01
N PRO C 449 26.65 19.16 24.14
CA PRO C 449 27.63 19.62 25.14
C PRO C 449 29.06 19.51 24.60
N GLU C 450 29.82 20.59 24.68
CA GLU C 450 31.15 20.63 24.08
C GLU C 450 32.13 19.60 24.67
N TRP C 451 32.18 19.51 25.99
CA TRP C 451 33.05 18.56 26.68
C TRP C 451 32.87 17.11 26.16
N ALA C 452 31.65 16.78 25.75
CA ALA C 452 31.29 15.42 25.36
C ALA C 452 31.62 15.15 23.89
N GLY C 453 31.50 16.19 23.07
CA GLY C 453 31.95 16.12 21.69
C GLY C 453 33.44 15.83 21.64
N LYS C 454 34.18 16.43 22.56
CA LYS C 454 35.63 16.29 22.61
C LYS C 454 36.07 14.94 23.17
N LEU C 455 35.35 14.45 24.18
CA LEU C 455 35.65 13.15 24.77
C LEU C 455 35.41 12.05 23.72
N HIS C 456 34.25 12.12 23.06
CA HIS C 456 33.96 11.27 21.91
C HIS C 456 35.11 11.29 20.90
N PHE C 457 35.55 12.48 20.49
CA PHE C 457 36.67 12.59 19.54
C PHE C 457 37.91 11.83 19.99
N TRP C 458 38.38 12.10 21.21
CA TRP C 458 39.63 11.50 21.67
C TRP C 458 39.54 10.00 21.90
N MET C 459 38.39 9.52 22.36
CA MET C 459 38.16 8.07 22.51
C MET C 459 38.19 7.36 21.14
N MET C 460 37.55 7.99 20.15
CA MET C 460 37.51 7.48 18.79
C MET C 460 38.86 7.57 18.06
N PHE C 461 39.56 8.69 18.19
CA PHE C 461 40.86 8.85 17.55
C PHE C 461 41.90 7.84 18.07
N VAL C 462 41.95 7.68 19.39
CA VAL C 462 42.84 6.71 20.01
C VAL C 462 42.38 5.28 19.66
N GLY C 463 41.09 5.02 19.84
CA GLY C 463 40.52 3.72 19.54
C GLY C 463 40.74 3.26 18.11
N ALA C 464 40.50 4.16 17.15
CA ALA C 464 40.61 3.81 15.73
C ALA C 464 42.06 3.51 15.29
N ASN C 465 43.02 4.26 15.84
CA ASN C 465 44.42 4.00 15.56
C ASN C 465 44.91 2.68 16.17
N LEU C 466 44.48 2.39 17.40
CA LEU C 466 44.80 1.11 18.03
C LEU C 466 44.19 -0.07 17.27
N THR C 467 43.04 0.14 16.65
CA THR C 467 42.38 -0.92 15.88
C THR C 467 43.16 -1.20 14.61
N PHE C 468 43.46 -0.15 13.85
CA PHE C 468 43.90 -0.35 12.47
C PHE C 468 45.40 -0.26 12.21
N PHE C 469 46.12 0.50 13.02
CA PHE C 469 47.55 0.56 12.78
C PHE C 469 48.26 -0.81 12.91
N PRO C 470 47.97 -1.60 13.98
CA PRO C 470 48.60 -2.92 14.06
C PRO C 470 48.27 -3.86 12.90
N GLN C 471 47.20 -3.59 12.15
CA GLN C 471 46.86 -4.45 11.02
C GLN C 471 47.88 -4.36 9.87
N HIS C 472 48.63 -3.27 9.81
CA HIS C 472 49.75 -3.14 8.88
C HIS C 472 50.79 -4.20 9.19
N PHE C 473 51.04 -4.43 10.48
CA PHE C 473 52.02 -5.41 10.98
C PHE C 473 51.60 -6.82 10.59
N LEU C 474 50.32 -7.11 10.80
CA LEU C 474 49.71 -8.38 10.47
C LEU C 474 49.81 -8.68 8.98
N GLY C 475 49.56 -7.68 8.14
CA GLY C 475 49.77 -7.77 6.70
C GLY C 475 51.22 -8.00 6.27
N ARG C 476 52.14 -7.24 6.86
CA ARG C 476 53.56 -7.45 6.56
C ARG C 476 54.02 -8.87 6.96
N GLN C 477 53.37 -9.44 7.98
CA GLN C 477 53.68 -10.79 8.46
C GLN C 477 52.94 -11.90 7.70
N GLY C 478 52.02 -11.51 6.83
CA GLY C 478 51.42 -12.43 5.89
C GLY C 478 50.03 -12.94 6.23
N MET C 479 49.33 -12.24 7.13
CA MET C 479 47.97 -12.65 7.53
C MET C 479 46.98 -12.34 6.42
N PRO C 480 46.31 -13.38 5.87
CA PRO C 480 45.32 -13.14 4.83
C PRO C 480 44.05 -12.49 5.34
N ARG C 481 43.31 -11.88 4.43
CA ARG C 481 41.97 -11.40 4.65
C ARG C 481 41.01 -12.56 4.71
N ARG C 482 39.88 -12.30 5.39
CA ARG C 482 38.71 -13.17 5.38
C ARG C 482 38.91 -14.50 6.13
N TYR C 483 39.74 -14.47 7.18
CA TYR C 483 40.05 -15.61 8.04
C TYR C 483 39.40 -15.61 9.42
N ILE C 484 38.70 -16.70 9.72
CA ILE C 484 38.14 -16.96 11.04
C ILE C 484 39.22 -17.17 12.11
N ASP C 485 40.34 -17.76 11.70
CA ASP C 485 41.38 -18.14 12.65
C ASP C 485 42.75 -17.94 12.00
N TYR C 486 43.79 -17.90 12.82
CA TYR C 486 45.11 -17.56 12.33
C TYR C 486 46.22 -18.26 13.14
N PRO C 487 47.37 -18.51 12.50
CA PRO C 487 48.55 -18.97 13.21
C PRO C 487 48.89 -18.15 14.47
N GLU C 488 49.29 -18.87 15.51
CA GLU C 488 49.60 -18.33 16.84
C GLU C 488 50.46 -17.07 16.83
N ALA C 489 51.43 -17.00 15.90
CA ALA C 489 52.36 -15.89 15.82
C ALA C 489 51.70 -14.53 15.52
N PHE C 490 50.45 -14.55 15.03
CA PHE C 490 49.71 -13.31 14.74
C PHE C 490 48.94 -12.78 15.95
N ALA C 491 49.02 -13.47 17.08
CA ALA C 491 48.21 -13.15 18.28
C ALA C 491 48.40 -11.74 18.85
N THR C 492 49.64 -11.28 19.02
CA THR C 492 49.91 -9.99 19.67
C THR C 492 49.15 -8.82 19.03
N TRP C 493 49.37 -8.58 17.73
CA TRP C 493 48.76 -7.42 17.09
C TRP C 493 47.25 -7.59 16.86
N ASN C 494 46.79 -8.84 16.78
CA ASN C 494 45.35 -9.11 16.73
C ASN C 494 44.65 -8.78 18.05
N PHE C 495 45.35 -9.02 19.16
CA PHE C 495 44.86 -8.68 20.50
C PHE C 495 44.74 -7.16 20.64
N VAL C 496 45.79 -6.45 20.25
CA VAL C 496 45.80 -5.00 20.30
C VAL C 496 44.70 -4.41 19.40
N SER C 497 44.62 -4.87 18.15
CA SER C 497 43.58 -4.42 17.22
C SER C 497 42.20 -4.57 17.87
N SER C 498 41.96 -5.71 18.52
CA SER C 498 40.69 -6.01 19.14
C SER C 498 40.36 -5.05 20.30
N LEU C 499 41.33 -4.80 21.17
CA LEU C 499 41.21 -3.80 22.23
C LEU C 499 40.86 -2.42 21.65
N GLY C 500 41.59 -1.99 20.62
CA GLY C 500 41.25 -0.79 19.85
C GLY C 500 39.78 -0.74 19.44
N ALA C 501 39.28 -1.83 18.87
CA ALA C 501 37.91 -1.91 18.38
C ALA C 501 36.88 -1.83 19.51
N PHE C 502 37.24 -2.34 20.68
CA PHE C 502 36.36 -2.31 21.85
C PHE C 502 36.26 -0.89 22.41
N LEU C 503 37.40 -0.18 22.46
CA LEU C 503 37.41 1.24 22.83
C LEU C 503 36.63 2.12 21.83
N SER C 504 36.78 1.84 20.54
CA SER C 504 36.05 2.56 19.48
C SER C 504 34.54 2.36 19.61
N PHE C 505 34.13 1.14 19.97
CA PHE C 505 32.71 0.83 20.16
C PHE C 505 32.13 1.57 21.37
N ALA C 506 32.90 1.60 22.47
CA ALA C 506 32.54 2.36 23.67
C ALA C 506 32.36 3.84 23.32
N SER C 507 33.26 4.37 22.49
CA SER C 507 33.17 5.75 22.01
C SER C 507 31.88 6.00 21.23
N PHE C 508 31.42 4.99 20.48
CA PHE C 508 30.24 5.10 19.63
C PHE C 508 28.92 4.99 20.41
N LEU C 509 28.94 4.21 21.49
CA LEU C 509 27.79 4.13 22.41
C LEU C 509 27.69 5.44 23.19
N PHE C 510 28.85 5.98 23.60
CA PHE C 510 28.93 7.28 24.22
C PHE C 510 28.39 8.37 23.28
N PHE C 511 28.85 8.37 22.04
CA PHE C 511 28.28 9.23 20.99
C PHE C 511 26.76 9.13 20.88
N LEU C 512 26.22 7.91 20.86
CA LEU C 512 24.76 7.73 20.82
C LEU C 512 24.09 8.37 22.04
N GLY C 513 24.74 8.24 23.19
CA GLY C 513 24.32 8.89 24.42
C GLY C 513 24.35 10.41 24.29
N VAL C 514 25.37 10.92 23.59
CA VAL C 514 25.52 12.35 23.35
C VAL C 514 24.41 12.91 22.45
N ILE C 515 24.16 12.25 21.32
CA ILE C 515 23.07 12.63 20.43
C ILE C 515 21.72 12.59 21.14
N PHE C 516 21.51 11.58 21.98
CA PHE C 516 20.26 11.43 22.69
C PHE C 516 20.01 12.57 23.68
N TYR C 517 21.04 12.91 24.46
CA TYR C 517 20.99 14.03 25.37
C TYR C 517 20.75 15.34 24.62
N THR C 518 21.54 15.57 23.57
CA THR C 518 21.42 16.78 22.76
C THR C 518 19.98 16.99 22.29
N LEU C 519 19.39 15.97 21.66
CA LEU C 519 18.09 16.13 21.02
C LEU C 519 16.88 16.24 21.98
N THR C 520 17.08 15.85 23.22
CA THR C 520 16.00 15.89 24.21
C THR C 520 16.19 17.01 25.23
N ARG C 521 17.45 17.28 25.57
CA ARG C 521 17.77 18.11 26.73
C ARG C 521 18.94 19.05 26.49
N GLY C 522 19.43 19.10 25.25
CA GLY C 522 20.53 19.99 24.91
C GLY C 522 20.09 21.44 24.93
N ALA C 523 20.97 22.31 25.42
CA ALA C 523 20.77 23.76 25.38
C ALA C 523 20.18 24.17 24.05
N ARG C 524 19.13 24.97 24.08
CA ARG C 524 18.42 25.39 22.87
C ARG C 524 19.28 26.37 22.11
N VAL C 525 19.21 26.30 20.79
CA VAL C 525 19.95 27.22 19.94
C VAL C 525 19.10 28.47 19.74
N THR C 526 19.70 29.65 19.91
CA THR C 526 19.01 30.91 19.67
C THR C 526 19.40 31.50 18.32
N ALA C 527 20.71 31.60 18.08
CA ALA C 527 21.24 32.24 16.87
C ALA C 527 20.96 31.46 15.59
N ASN C 528 20.96 32.19 14.48
CA ASN C 528 20.94 31.60 13.16
C ASN C 528 22.30 31.00 12.83
N ASN C 529 23.36 31.78 13.10
CA ASN C 529 24.73 31.33 13.02
C ASN C 529 25.33 31.29 14.42
N TYR C 530 25.40 30.09 15.00
CA TYR C 530 25.93 29.93 16.36
C TYR C 530 27.45 29.68 16.38
N TRP C 531 28.10 29.75 15.23
CA TRP C 531 29.56 29.59 15.17
C TRP C 531 30.25 30.94 15.13
N ASN C 532 30.52 31.43 13.92
CA ASN C 532 31.14 32.73 13.69
C ASN C 532 30.88 33.20 12.25
N GLU C 533 31.27 34.43 11.97
CA GLU C 533 30.97 35.09 10.69
C GLU C 533 31.62 34.42 9.46
N HIS C 534 32.55 33.50 9.72
CA HIS C 534 33.29 32.81 8.65
C HIS C 534 32.60 31.51 8.20
N ALA C 535 31.54 31.13 8.90
CA ALA C 535 30.54 30.18 8.38
C ALA C 535 29.57 31.01 7.55
N ASP C 536 29.86 31.14 6.26
CA ASP C 536 29.24 32.17 5.43
C ASP C 536 28.42 31.61 4.27
N THR C 537 27.82 30.44 4.48
CA THR C 537 26.94 29.84 3.48
C THR C 537 25.48 30.00 3.93
N LEU C 538 24.55 29.82 2.99
CA LEU C 538 23.16 30.24 3.16
C LEU C 538 22.43 29.68 4.38
N GLU C 539 22.72 28.44 4.76
CA GLU C 539 22.01 27.80 5.88
C GLU C 539 22.21 28.54 7.21
N TRP C 540 23.28 29.32 7.30
CA TRP C 540 23.60 30.09 8.51
C TRP C 540 22.87 31.44 8.54
N THR C 541 22.25 31.82 7.41
CA THR C 541 21.36 32.98 7.33
C THR C 541 19.94 32.62 7.78
N LEU C 542 19.57 31.35 7.62
CA LEU C 542 18.26 30.85 8.05
C LEU C 542 18.25 30.55 9.53
N THR C 543 17.08 30.24 10.07
CA THR C 543 16.93 29.93 11.50
C THR C 543 17.40 28.50 11.85
N SER C 544 17.41 28.18 13.15
CA SER C 544 17.85 26.87 13.62
C SER C 544 16.77 26.19 14.48
N PRO C 545 15.99 25.25 13.89
CA PRO C 545 16.01 24.72 12.52
C PRO C 545 15.37 25.66 11.50
N PRO C 546 15.72 25.54 10.19
CA PRO C 546 15.14 26.37 9.14
C PRO C 546 13.62 26.18 8.97
N PRO C 547 12.91 27.20 8.44
CA PRO C 547 11.46 27.12 8.16
C PRO C 547 11.10 25.93 7.26
N GLU C 548 9.90 25.38 7.44
CA GLU C 548 9.39 24.31 6.57
C GLU C 548 9.63 24.60 5.08
N HIS C 549 9.27 25.81 4.64
CA HIS C 549 9.49 26.25 3.26
C HIS C 549 10.61 27.28 3.22
N THR C 550 11.80 26.88 2.74
CA THR C 550 12.93 27.80 2.60
C THR C 550 13.35 28.03 1.15
N LEU D 5 65.54 -29.58 8.35
CA LEU D 5 65.24 -28.27 7.69
C LEU D 5 64.74 -27.22 8.67
N GLU D 6 65.33 -26.04 8.57
CA GLU D 6 64.97 -24.86 9.36
C GLU D 6 63.63 -24.29 8.88
N ILE D 7 62.73 -23.97 9.80
CA ILE D 7 61.49 -23.27 9.44
C ILE D 7 61.78 -21.76 9.29
N ILE D 8 61.67 -21.28 8.06
CA ILE D 8 62.08 -19.91 7.74
C ILE D 8 60.89 -19.05 7.33
N GLY D 9 60.09 -19.52 6.37
CA GLY D 9 58.96 -18.77 5.83
C GLY D 9 57.75 -18.96 6.73
N ARG D 10 57.73 -18.20 7.81
CA ARG D 10 56.62 -18.25 8.78
C ARG D 10 56.49 -16.90 9.51
N PRO D 11 55.27 -16.56 9.97
CA PRO D 11 55.18 -15.38 10.81
C PRO D 11 55.87 -15.63 12.15
N GLN D 12 56.35 -14.56 12.79
CA GLN D 12 56.97 -14.62 14.11
C GLN D 12 56.18 -13.77 15.11
N PRO D 13 56.12 -14.21 16.40
CA PRO D 13 55.38 -13.49 17.44
C PRO D 13 55.74 -12.01 17.49
N GLY D 14 54.72 -11.14 17.52
CA GLY D 14 54.91 -9.69 17.56
C GLY D 14 55.56 -9.09 16.33
N GLY D 15 55.65 -9.85 15.24
CA GLY D 15 56.31 -9.40 14.02
C GLY D 15 55.69 -8.14 13.47
N THR D 16 56.53 -7.22 13.02
CA THR D 16 56.08 -5.96 12.46
C THR D 16 56.59 -5.79 11.03
N GLY D 17 57.55 -6.65 10.64
CA GLY D 17 58.15 -6.62 9.31
C GLY D 17 57.72 -7.77 8.40
N PHE D 18 58.31 -7.82 7.21
CA PHE D 18 58.11 -8.95 6.28
C PHE D 18 58.61 -10.27 6.87
N GLN D 19 58.03 -11.36 6.39
CA GLN D 19 58.64 -12.66 6.63
C GLN D 19 60.00 -12.67 5.91
N PRO D 20 60.96 -13.51 6.39
CA PRO D 20 62.29 -13.50 5.76
C PRO D 20 62.23 -13.73 4.25
N SER D 21 63.15 -13.10 3.52
CA SER D 21 63.33 -13.35 2.09
C SER D 21 64.11 -14.67 1.85
N ALA D 22 63.68 -15.43 0.85
CA ALA D 22 64.38 -16.65 0.44
C ALA D 22 64.47 -16.73 -1.08
N SER D 23 64.20 -15.62 -1.76
CA SER D 23 64.30 -15.53 -3.21
C SER D 23 64.79 -14.13 -3.60
N PRO D 24 65.39 -13.98 -4.80
CA PRO D 24 65.80 -12.65 -5.26
C PRO D 24 64.61 -11.68 -5.41
N VAL D 25 63.47 -12.18 -5.86
CA VAL D 25 62.25 -11.38 -5.94
C VAL D 25 61.76 -10.88 -4.56
N ALA D 26 61.77 -11.74 -3.55
CA ALA D 26 61.36 -11.32 -2.20
C ALA D 26 62.25 -10.21 -1.69
N THR D 27 63.56 -10.38 -1.90
CA THR D 27 64.56 -9.36 -1.57
C THR D 27 64.25 -8.01 -2.24
N GLN D 28 63.85 -8.06 -3.52
CA GLN D 28 63.51 -6.85 -4.27
C GLN D 28 62.27 -6.17 -3.70
N ILE D 29 61.27 -6.95 -3.31
CA ILE D 29 60.07 -6.44 -2.68
C ILE D 29 60.43 -5.73 -1.37
N HIS D 30 61.25 -6.40 -0.55
CA HIS D 30 61.72 -5.84 0.72
C HIS D 30 62.42 -4.50 0.51
N TRP D 31 63.28 -4.44 -0.51
CA TRP D 31 64.02 -3.22 -0.80
C TRP D 31 63.08 -2.10 -1.23
N LEU D 32 62.20 -2.41 -2.19
CA LEU D 32 61.27 -1.44 -2.74
C LEU D 32 60.33 -0.87 -1.67
N ASP D 33 59.76 -1.75 -0.85
CA ASP D 33 58.92 -1.35 0.28
C ASP D 33 59.67 -0.50 1.31
N GLY D 34 60.93 -0.83 1.57
CA GLY D 34 61.76 -0.09 2.54
C GLY D 34 62.05 1.32 2.05
N PHE D 35 62.27 1.43 0.75
CA PHE D 35 62.49 2.69 0.06
C PHE D 35 61.24 3.57 0.07
N ILE D 36 60.09 2.97 -0.23
CA ILE D 36 58.81 3.70 -0.20
C ILE D 36 58.46 4.09 1.24
N LEU D 37 58.76 3.21 2.19
CA LEU D 37 58.47 3.46 3.60
C LEU D 37 59.18 4.69 4.18
N VAL D 38 60.44 4.91 3.78
CA VAL D 38 61.18 6.10 4.22
C VAL D 38 60.46 7.36 3.71
N ILE D 39 60.11 7.34 2.43
CA ILE D 39 59.41 8.43 1.77
C ILE D 39 58.01 8.71 2.39
N ILE D 40 57.21 7.67 2.59
CA ILE D 40 55.85 7.87 3.11
C ILE D 40 55.86 8.17 4.62
N ALA D 41 56.90 7.72 5.32
CA ALA D 41 57.09 8.09 6.72
C ALA D 41 57.41 9.57 6.81
N ALA D 42 58.27 10.05 5.90
CA ALA D 42 58.64 11.46 5.83
C ALA D 42 57.44 12.35 5.52
N ILE D 43 56.66 11.97 4.50
CA ILE D 43 55.38 12.65 4.19
C ILE D 43 54.44 12.72 5.40
N THR D 44 54.26 11.60 6.09
CA THR D 44 53.33 11.51 7.22
C THR D 44 53.82 12.34 8.42
N ILE D 45 55.12 12.33 8.65
CA ILE D 45 55.71 13.15 9.71
C ILE D 45 55.58 14.64 9.33
N PHE D 46 55.91 14.96 8.09
CA PHE D 46 55.82 16.31 7.56
C PHE D 46 54.40 16.89 7.76
N VAL D 47 53.39 16.18 7.27
CA VAL D 47 51.99 16.62 7.36
C VAL D 47 51.54 16.77 8.81
N THR D 48 51.89 15.81 9.66
CA THR D 48 51.50 15.83 11.06
C THR D 48 52.11 17.03 11.79
N LEU D 49 53.40 17.27 11.54
CA LEU D 49 54.08 18.42 12.13
C LEU D 49 53.48 19.76 11.66
N LEU D 50 53.20 19.88 10.36
CA LEU D 50 52.57 21.07 9.81
C LEU D 50 51.23 21.37 10.49
N ILE D 51 50.39 20.34 10.61
CA ILE D 51 49.08 20.45 11.25
C ILE D 51 49.21 20.88 12.71
N LEU D 52 50.07 20.20 13.46
CA LEU D 52 50.21 20.51 14.89
C LEU D 52 50.84 21.89 15.10
N TYR D 53 51.78 22.26 14.23
CA TYR D 53 52.37 23.57 14.27
C TYR D 53 51.34 24.67 13.96
N ALA D 54 50.62 24.51 12.86
CA ALA D 54 49.57 25.46 12.44
C ALA D 54 48.53 25.67 13.54
N VAL D 55 48.18 24.60 14.21
CA VAL D 55 47.22 24.64 15.31
C VAL D 55 47.81 25.41 16.50
N TRP D 56 49.11 25.24 16.74
CA TRP D 56 49.77 25.91 17.84
C TRP D 56 49.95 27.41 17.56
N ARG D 57 50.61 27.71 16.44
CA ARG D 57 50.95 29.06 16.05
C ARG D 57 49.74 29.95 15.79
N PHE D 58 48.75 29.41 15.09
CA PHE D 58 47.59 30.19 14.65
C PHE D 58 46.33 29.88 15.45
N HIS D 59 46.50 29.36 16.66
CA HIS D 59 45.37 29.20 17.56
C HIS D 59 44.79 30.59 17.89
N GLU D 60 43.48 30.65 18.14
CA GLU D 60 42.75 31.91 18.35
C GLU D 60 43.32 32.79 19.49
N LYS D 61 43.78 32.15 20.57
CA LYS D 61 44.43 32.86 21.69
C LYS D 61 45.77 33.50 21.31
N ARG D 62 46.48 32.91 20.36
CA ARG D 62 47.81 33.36 19.95
C ARG D 62 47.73 34.25 18.72
N ASN D 63 46.72 34.01 17.90
CA ASN D 63 46.54 34.72 16.64
C ASN D 63 45.06 35.11 16.54
N LYS D 64 44.78 36.39 16.76
CA LYS D 64 43.40 36.84 16.87
C LYS D 64 42.84 37.34 15.54
N VAL D 65 43.72 37.68 14.61
CA VAL D 65 43.31 38.21 13.31
C VAL D 65 43.74 37.28 12.17
N PRO D 66 42.76 36.56 11.57
CA PRO D 66 43.04 35.64 10.46
C PRO D 66 43.41 36.36 9.15
N ALA D 67 44.37 35.82 8.41
CA ALA D 67 44.73 36.32 7.09
C ALA D 67 43.62 36.00 6.09
N ARG D 68 43.76 36.49 4.86
CA ARG D 68 42.69 36.33 3.85
C ARG D 68 43.18 35.73 2.53
N PHE D 69 44.47 35.38 2.46
CA PHE D 69 45.03 34.80 1.24
C PHE D 69 44.39 33.45 0.88
N THR D 70 44.25 33.20 -0.42
CA THR D 70 43.74 31.92 -0.91
C THR D 70 44.60 31.39 -2.07
N HIS D 71 45.73 32.07 -2.30
CA HIS D 71 46.69 31.70 -3.34
C HIS D 71 48.12 31.88 -2.84
N ASN D 72 49.05 31.19 -3.53
CA ASN D 72 50.48 31.33 -3.34
C ASN D 72 51.15 30.53 -4.45
N SER D 73 51.36 31.17 -5.60
CA SER D 73 51.85 30.47 -6.80
C SER D 73 53.17 29.69 -6.63
N PRO D 74 54.21 30.31 -6.03
CA PRO D 74 55.46 29.59 -5.72
C PRO D 74 55.23 28.25 -4.98
N LEU D 75 54.37 28.27 -3.96
CA LEU D 75 54.08 27.11 -3.14
C LEU D 75 53.19 26.08 -3.86
N GLU D 76 52.18 26.56 -4.58
CA GLU D 76 51.28 25.71 -5.36
C GLU D 76 52.02 24.98 -6.48
N ILE D 77 53.03 25.64 -7.03
CA ILE D 77 53.88 25.02 -8.07
C ILE D 77 54.73 23.91 -7.44
N ALA D 78 55.42 24.23 -6.35
CA ALA D 78 56.28 23.28 -5.66
C ALA D 78 55.51 22.04 -5.18
N TRP D 79 54.36 22.26 -4.51
CA TRP D 79 53.60 21.15 -3.95
C TRP D 79 52.82 20.34 -5.00
N THR D 80 52.97 20.71 -6.27
CA THR D 80 52.44 19.90 -7.37
C THR D 80 53.57 19.10 -8.01
N ILE D 81 54.73 19.74 -8.14
CA ILE D 81 55.89 19.13 -8.79
C ILE D 81 56.55 18.10 -7.88
N VAL D 82 56.73 18.43 -6.60
CA VAL D 82 57.36 17.53 -5.65
C VAL D 82 56.68 16.13 -5.61
N PRO D 83 55.35 16.08 -5.37
CA PRO D 83 54.65 14.79 -5.48
C PRO D 83 54.90 14.07 -6.80
N ILE D 84 54.81 14.78 -7.92
CA ILE D 84 55.06 14.16 -9.23
C ILE D 84 56.46 13.56 -9.28
N VAL D 85 57.45 14.27 -8.76
CA VAL D 85 58.83 13.80 -8.79
C VAL D 85 59.04 12.56 -7.90
N ILE D 86 58.42 12.57 -6.73
CA ILE D 86 58.48 11.42 -5.81
C ILE D 86 57.97 10.16 -6.49
N LEU D 87 56.83 10.29 -7.20
CA LEU D 87 56.17 9.17 -7.84
C LEU D 87 56.93 8.65 -9.06
N VAL D 88 57.54 9.57 -9.80
CA VAL D 88 58.41 9.19 -10.92
C VAL D 88 59.63 8.42 -10.39
N ALA D 89 60.21 8.89 -9.29
CA ALA D 89 61.34 8.19 -8.68
C ALA D 89 60.98 6.78 -8.20
N ILE D 90 59.86 6.66 -7.48
CA ILE D 90 59.34 5.34 -7.08
C ILE D 90 59.07 4.46 -8.31
N GLY D 91 58.44 5.02 -9.33
CA GLY D 91 58.12 4.30 -10.57
C GLY D 91 59.34 3.78 -11.30
N ALA D 92 60.42 4.55 -11.25
CA ALA D 92 61.69 4.22 -11.89
C ALA D 92 62.37 3.00 -11.27
N PHE D 93 62.21 2.85 -9.96
CA PHE D 93 62.73 1.69 -9.24
C PHE D 93 61.77 0.51 -9.28
N SER D 94 60.48 0.81 -9.36
CA SER D 94 59.41 -0.17 -9.23
C SER D 94 59.12 -0.98 -10.50
N LEU D 95 59.13 -0.31 -11.67
CA LEU D 95 58.84 -0.99 -12.93
C LEU D 95 59.83 -2.13 -13.33
N PRO D 96 61.16 -1.92 -13.15
CA PRO D 96 62.09 -3.05 -13.37
C PRO D 96 61.74 -4.26 -12.51
N VAL D 97 61.49 -4.05 -11.21
CA VAL D 97 61.11 -5.13 -10.29
C VAL D 97 59.88 -5.87 -10.79
N LEU D 98 58.86 -5.11 -11.22
CA LEU D 98 57.63 -5.70 -11.77
C LEU D 98 57.91 -6.57 -13.00
N PHE D 99 58.79 -6.08 -13.87
CA PHE D 99 59.18 -6.81 -15.07
C PHE D 99 59.90 -8.11 -14.71
N ASN D 100 60.83 -8.02 -13.77
CA ASN D 100 61.54 -9.20 -13.23
C ASN D 100 60.59 -10.26 -12.65
N GLN D 101 59.55 -9.81 -11.95
CA GLN D 101 58.55 -10.69 -11.37
C GLN D 101 57.72 -11.43 -12.40
N GLN D 102 57.24 -10.70 -13.41
CA GLN D 102 56.21 -11.20 -14.31
C GLN D 102 56.71 -11.87 -15.58
N GLU D 103 57.98 -11.66 -15.91
CA GLU D 103 58.56 -12.36 -17.05
C GLU D 103 59.02 -13.74 -16.58
N ILE D 104 58.37 -14.76 -17.12
CA ILE D 104 58.65 -16.11 -16.66
C ILE D 104 59.94 -16.57 -17.31
N PRO D 105 60.94 -16.94 -16.50
CA PRO D 105 62.15 -17.46 -17.10
C PRO D 105 61.95 -18.92 -17.48
N GLU D 106 63.01 -19.55 -17.97
CA GLU D 106 62.92 -20.94 -18.35
C GLU D 106 63.06 -21.78 -17.10
N ALA D 107 62.19 -22.78 -16.99
CA ALA D 107 62.09 -23.59 -15.78
C ALA D 107 63.19 -24.64 -15.67
N ASP D 108 63.79 -24.74 -14.49
CA ASP D 108 64.58 -25.91 -14.14
C ASP D 108 63.63 -26.98 -13.64
N VAL D 109 62.61 -26.55 -12.89
CA VAL D 109 61.59 -27.41 -12.29
C VAL D 109 60.22 -26.79 -12.61
N THR D 110 59.27 -27.65 -12.95
CA THR D 110 57.93 -27.22 -13.33
C THR D 110 56.89 -27.94 -12.47
N VAL D 111 56.06 -27.16 -11.79
CA VAL D 111 55.00 -27.70 -10.95
C VAL D 111 53.67 -27.09 -11.37
N LYS D 112 52.67 -27.94 -11.52
CA LYS D 112 51.32 -27.50 -11.81
C LYS D 112 50.49 -27.65 -10.55
N VAL D 113 49.92 -26.54 -10.12
CA VAL D 113 49.19 -26.45 -8.86
C VAL D 113 47.70 -26.20 -9.09
N THR D 114 46.86 -26.99 -8.44
CA THR D 114 45.42 -26.83 -8.57
C THR D 114 44.78 -26.55 -7.20
N GLY D 115 44.04 -25.44 -7.12
CA GLY D 115 43.23 -25.11 -5.95
C GLY D 115 41.91 -25.83 -5.94
N TYR D 116 41.62 -26.49 -4.82
CA TYR D 116 40.33 -27.14 -4.61
C TYR D 116 39.75 -26.66 -3.30
N GLN D 117 38.45 -26.85 -3.16
CA GLN D 117 37.76 -26.69 -1.88
C GLN D 117 37.85 -28.03 -1.11
N TRP D 118 38.67 -28.15 -0.05
CA TRP D 118 39.63 -27.14 0.42
C TRP D 118 41.02 -27.74 0.66
N TYR D 119 41.81 -27.77 -0.40
CA TYR D 119 43.15 -28.38 -0.38
C TYR D 119 43.80 -28.06 -1.71
N TRP D 120 45.10 -28.28 -1.81
CA TRP D 120 45.86 -28.05 -3.04
C TRP D 120 46.30 -29.38 -3.67
N GLY D 121 46.29 -29.46 -5.00
CA GLY D 121 46.87 -30.59 -5.72
C GLY D 121 48.15 -30.15 -6.40
N TYR D 122 49.18 -30.99 -6.38
CA TYR D 122 50.45 -30.69 -7.05
C TYR D 122 50.76 -31.77 -8.07
N GLU D 123 51.17 -31.34 -9.27
CA GLU D 123 51.60 -32.25 -10.32
CA GLU D 123 51.62 -32.27 -10.30
C GLU D 123 52.97 -31.78 -10.82
N TYR D 124 53.93 -32.68 -10.88
CA TYR D 124 55.22 -32.39 -11.48
C TYR D 124 55.20 -33.11 -12.84
N PRO D 125 54.87 -32.37 -13.92
CA PRO D 125 54.73 -32.97 -15.27
C PRO D 125 55.97 -33.71 -15.77
N ASP D 126 57.17 -33.17 -15.50
CA ASP D 126 58.42 -33.80 -15.94
C ASP D 126 58.69 -35.13 -15.24
N GLU D 127 58.14 -35.29 -14.03
CA GLU D 127 58.47 -36.43 -13.17
C GLU D 127 57.33 -37.40 -12.97
N GLU D 128 56.17 -37.09 -13.55
CA GLU D 128 54.96 -37.90 -13.35
C GLU D 128 54.62 -38.14 -11.87
N ILE D 129 54.83 -37.12 -11.05
CA ILE D 129 54.42 -37.16 -9.65
C ILE D 129 53.20 -36.26 -9.49
N SER D 130 52.17 -36.77 -8.82
CA SER D 130 51.06 -35.94 -8.42
C SER D 130 50.55 -36.38 -7.06
N PHE D 131 50.14 -35.40 -6.24
CA PHE D 131 49.69 -35.66 -4.88
C PHE D 131 48.81 -34.50 -4.38
N GLU D 132 48.00 -34.77 -3.36
CA GLU D 132 47.18 -33.70 -2.77
C GLU D 132 47.76 -33.30 -1.43
N SER D 133 47.44 -32.10 -0.99
CA SER D 133 48.06 -31.53 0.20
C SER D 133 47.00 -30.87 1.10
N TYR D 134 46.80 -31.47 2.28
CA TYR D 134 45.74 -31.08 3.22
C TYR D 134 46.38 -30.52 4.47
N MET D 135 45.72 -29.54 5.08
CA MET D 135 46.17 -29.02 6.36
C MET D 135 46.24 -30.17 7.36
N ILE D 136 47.28 -30.20 8.18
CA ILE D 136 47.25 -31.13 9.32
C ILE D 136 46.22 -30.59 10.31
N GLY D 137 45.14 -31.35 10.49
CA GLY D 137 44.01 -30.93 11.32
C GLY D 137 42.74 -30.80 10.49
N SER D 138 42.86 -30.87 9.17
CA SER D 138 41.68 -30.88 8.29
C SER D 138 40.89 -32.17 8.49
N PRO D 139 39.59 -32.18 8.08
CA PRO D 139 38.76 -33.38 8.06
C PRO D 139 39.41 -34.56 7.34
N ALA D 140 40.09 -34.29 6.22
CA ALA D 140 40.82 -35.33 5.47
C ALA D 140 41.91 -36.06 6.29
N THR D 141 42.50 -35.37 7.25
CA THR D 141 43.50 -35.95 8.14
C THR D 141 42.90 -36.43 9.45
N GLY D 142 41.57 -36.40 9.54
CA GLY D 142 40.88 -36.86 10.75
C GLY D 142 40.40 -35.76 11.68
N GLY D 143 40.87 -34.53 11.46
CA GLY D 143 40.57 -33.41 12.35
C GLY D 143 39.30 -32.66 11.97
N ASP D 144 39.08 -31.53 12.61
CA ASP D 144 37.99 -30.63 12.21
C ASP D 144 38.39 -29.16 12.36
N ASN D 145 39.63 -28.90 11.92
CA ASN D 145 40.19 -27.56 11.73
C ASN D 145 40.58 -26.81 13.01
N ARG D 146 40.79 -27.54 14.10
CA ARG D 146 41.25 -26.94 15.37
C ARG D 146 42.41 -27.73 15.97
N MET D 147 43.15 -27.11 16.89
CA MET D 147 44.15 -27.84 17.68
C MET D 147 43.47 -28.88 18.57
N SER D 148 44.14 -30.02 18.73
CA SER D 148 43.64 -31.14 19.54
C SER D 148 44.84 -32.03 19.88
N PRO D 149 44.70 -32.92 20.89
CA PRO D 149 45.81 -33.84 21.18
C PRO D 149 46.27 -34.65 19.96
N GLU D 150 45.35 -35.14 19.13
CA GLU D 150 45.75 -35.90 17.95
C GLU D 150 46.39 -35.05 16.85
N VAL D 151 45.94 -33.81 16.68
CA VAL D 151 46.56 -32.87 15.74
C VAL D 151 48.00 -32.58 16.14
N GLU D 152 48.21 -32.31 17.44
CA GLU D 152 49.57 -32.07 17.96
C GLU D 152 50.53 -33.24 17.68
N GLN D 153 50.05 -34.47 17.86
CA GLN D 153 50.86 -35.65 17.60
C GLN D 153 51.12 -35.80 16.09
N GLN D 154 50.09 -35.55 15.28
CA GLN D 154 50.26 -35.55 13.83
C GLN D 154 51.36 -34.57 13.40
N LEU D 155 51.35 -33.37 13.98
CA LEU D 155 52.34 -32.33 13.68
C LEU D 155 53.76 -32.74 14.06
N ILE D 156 53.92 -33.31 15.26
CA ILE D 156 55.23 -33.76 15.74
C ILE D 156 55.72 -34.91 14.86
N GLU D 157 54.82 -35.86 14.58
CA GLU D 157 55.13 -36.99 13.70
C GLU D 157 55.53 -36.57 12.29
N ALA D 158 54.95 -35.46 11.81
CA ALA D 158 55.28 -34.94 10.47
C ALA D 158 56.53 -34.06 10.45
N GLY D 159 57.16 -33.84 11.60
CA GLY D 159 58.37 -33.03 11.68
C GLY D 159 58.16 -31.57 12.08
N TYR D 160 56.95 -31.24 12.52
CA TYR D 160 56.63 -29.89 12.93
C TYR D 160 56.41 -29.82 14.44
N SER D 161 55.95 -28.66 14.91
CA SER D 161 55.49 -28.52 16.28
C SER D 161 54.08 -27.96 16.26
N ARG D 162 53.49 -27.77 17.44
CA ARG D 162 52.17 -27.20 17.52
C ARG D 162 52.13 -25.72 17.10
N ASP D 163 53.30 -25.08 17.04
CA ASP D 163 53.41 -23.71 16.56
C ASP D 163 53.10 -23.58 15.06
N GLU D 164 53.27 -24.66 14.31
CA GLU D 164 53.00 -24.68 12.87
C GLU D 164 51.56 -25.05 12.51
N PHE D 165 50.68 -25.18 13.51
CA PHE D 165 49.26 -25.45 13.23
C PHE D 165 48.66 -24.34 12.37
N LEU D 166 47.84 -24.75 11.39
CA LEU D 166 47.22 -23.88 10.38
C LEU D 166 48.14 -23.58 9.20
N LEU D 167 49.44 -23.85 9.36
CA LEU D 167 50.42 -23.72 8.27
C LEU D 167 50.87 -25.09 7.69
N ALA D 168 51.20 -26.03 8.58
CA ALA D 168 51.66 -27.37 8.13
C ALA D 168 50.58 -28.19 7.41
N THR D 169 50.99 -28.82 6.31
CA THR D 169 50.13 -29.74 5.56
C THR D 169 50.75 -31.15 5.61
N ASP D 170 49.95 -32.15 5.29
CA ASP D 170 50.39 -33.56 5.35
C ASP D 170 51.48 -33.91 4.32
N THR D 171 51.41 -33.28 3.14
CA THR D 171 52.45 -33.43 2.14
C THR D 171 52.94 -32.04 1.79
N ALA D 172 54.21 -31.96 1.42
CA ALA D 172 54.83 -30.71 1.03
C ALA D 172 55.23 -30.72 -0.44
N MET D 173 55.32 -29.53 -1.02
CA MET D 173 55.90 -29.37 -2.35
C MET D 173 57.41 -29.23 -2.17
N VAL D 174 58.13 -30.23 -2.67
CA VAL D 174 59.58 -30.29 -2.50
C VAL D 174 60.28 -29.77 -3.76
N VAL D 175 61.27 -28.90 -3.59
CA VAL D 175 62.03 -28.33 -4.71
C VAL D 175 63.51 -28.20 -4.33
N PRO D 176 64.42 -28.21 -5.33
CA PRO D 176 65.84 -27.98 -5.03
C PRO D 176 66.22 -26.49 -4.87
N VAL D 177 67.16 -26.19 -3.98
CA VAL D 177 67.73 -24.84 -3.87
C VAL D 177 68.33 -24.38 -5.18
N ASN D 178 68.32 -23.07 -5.39
CA ASN D 178 69.08 -22.43 -6.44
C ASN D 178 68.71 -22.88 -7.85
N LYS D 179 67.48 -23.38 -8.01
CA LYS D 179 66.92 -23.70 -9.31
C LYS D 179 65.66 -22.90 -9.56
N THR D 180 65.45 -22.50 -10.81
CA THR D 180 64.28 -21.74 -11.21
C THR D 180 63.06 -22.63 -11.25
N VAL D 181 62.12 -22.36 -10.34
CA VAL D 181 60.87 -23.11 -10.28
C VAL D 181 59.76 -22.29 -10.95
N VAL D 182 59.04 -22.92 -11.87
CA VAL D 182 57.90 -22.27 -12.51
C VAL D 182 56.65 -23.02 -12.09
N VAL D 183 55.71 -22.28 -11.48
CA VAL D 183 54.47 -22.88 -11.01
C VAL D 183 53.34 -22.43 -11.92
N GLN D 184 52.57 -23.39 -12.40
CA GLN D 184 51.38 -23.08 -13.19
C GLN D 184 50.15 -23.26 -12.30
N VAL D 185 49.39 -22.18 -12.07
CA VAL D 185 48.31 -22.18 -11.08
C VAL D 185 46.90 -22.16 -11.71
N THR D 186 46.01 -23.03 -11.24
CA THR D 186 44.60 -22.96 -11.65
C THR D 186 43.69 -23.38 -10.51
N GLY D 187 42.42 -22.99 -10.62
CA GLY D 187 41.40 -23.41 -9.67
C GLY D 187 40.52 -24.47 -10.30
N ALA D 188 40.07 -25.41 -9.49
CA ALA D 188 39.24 -26.51 -9.97
C ALA D 188 37.73 -26.27 -9.81
N ASP D 189 37.35 -25.39 -8.89
CA ASP D 189 35.95 -25.21 -8.55
C ASP D 189 35.61 -23.72 -8.41
N VAL D 190 36.20 -23.07 -7.41
CA VAL D 190 36.11 -21.62 -7.23
C VAL D 190 37.52 -21.05 -7.33
N ILE D 191 37.66 -19.74 -7.18
CA ILE D 191 38.98 -19.09 -7.14
C ILE D 191 39.61 -19.28 -5.76
N HIS D 192 40.86 -19.70 -5.77
CA HIS D 192 41.74 -19.80 -4.61
C HIS D 192 42.93 -18.90 -4.92
N SER D 193 43.90 -18.79 -4.02
CA SER D 193 45.12 -18.05 -4.38
C SER D 193 46.35 -18.65 -3.70
N TRP D 194 47.34 -18.99 -4.52
CA TRP D 194 48.51 -19.73 -4.06
C TRP D 194 49.61 -18.73 -3.83
N THR D 195 50.23 -18.81 -2.66
CA THR D 195 51.21 -17.81 -2.31
C THR D 195 52.25 -18.35 -1.33
N VAL D 196 53.48 -17.84 -1.41
CA VAL D 196 54.49 -18.06 -0.40
C VAL D 196 55.20 -16.72 -0.11
N PRO D 197 54.87 -16.06 1.00
CA PRO D 197 55.49 -14.77 1.36
C PRO D 197 57.02 -14.75 1.31
N ALA D 198 57.67 -15.83 1.77
CA ALA D 198 59.14 -15.90 1.69
C ALA D 198 59.69 -15.85 0.26
N PHE D 199 58.91 -16.27 -0.73
CA PHE D 199 59.37 -16.20 -2.12
C PHE D 199 58.91 -14.95 -2.86
N GLY D 200 58.05 -14.14 -2.22
CA GLY D 200 57.47 -12.95 -2.88
C GLY D 200 56.60 -13.28 -4.07
N VAL D 201 55.84 -14.36 -3.95
CA VAL D 201 54.96 -14.83 -5.03
C VAL D 201 53.51 -14.94 -4.58
N LYS D 202 52.59 -14.59 -5.48
CA LYS D 202 51.16 -14.77 -5.27
C LYS D 202 50.47 -14.81 -6.62
N GLN D 203 49.61 -15.80 -6.83
CA GLN D 203 48.91 -15.90 -8.09
C GLN D 203 47.56 -16.56 -7.85
N ASP D 204 46.49 -15.88 -8.24
CA ASP D 204 45.15 -16.44 -8.08
C ASP D 204 45.01 -17.70 -8.93
N ALA D 205 44.23 -18.64 -8.41
CA ALA D 205 43.98 -19.93 -9.03
C ALA D 205 42.56 -19.90 -9.56
N VAL D 206 42.42 -19.44 -10.79
CA VAL D 206 41.11 -19.17 -11.37
C VAL D 206 40.64 -20.36 -12.22
N PRO D 207 39.43 -20.89 -11.94
CA PRO D 207 38.88 -21.90 -12.87
C PRO D 207 38.91 -21.43 -14.32
N GLY D 208 39.47 -22.26 -15.20
CA GLY D 208 39.50 -21.96 -16.62
C GLY D 208 40.73 -21.23 -17.11
N ARG D 209 41.61 -20.84 -16.19
CA ARG D 209 42.83 -20.13 -16.55
C ARG D 209 44.04 -20.83 -15.96
N LEU D 210 45.12 -20.90 -16.72
CA LEU D 210 46.38 -21.41 -16.21
C LEU D 210 47.36 -20.24 -16.14
N ALA D 211 47.65 -19.75 -14.94
CA ALA D 211 48.57 -18.62 -14.79
C ALA D 211 49.92 -19.10 -14.29
N GLN D 212 50.99 -18.39 -14.63
CA GLN D 212 52.33 -18.82 -14.21
C GLN D 212 52.98 -17.85 -13.24
N LEU D 213 53.91 -18.37 -12.45
CA LEU D 213 54.75 -17.57 -11.58
C LEU D 213 56.10 -18.28 -11.48
N TRP D 214 57.12 -17.60 -10.97
CA TRP D 214 58.40 -18.26 -10.76
C TRP D 214 58.99 -17.80 -9.44
N PHE D 215 59.89 -18.62 -8.92
CA PHE D 215 60.78 -18.25 -7.82
C PHE D 215 62.07 -19.06 -7.94
N ARG D 216 63.14 -18.52 -7.37
CA ARG D 216 64.36 -19.30 -7.16
C ARG D 216 64.69 -19.17 -5.69
N ALA D 217 64.54 -20.28 -4.95
CA ALA D 217 64.87 -20.30 -3.55
C ALA D 217 66.39 -20.26 -3.35
N GLU D 218 66.83 -19.37 -2.48
CA GLU D 218 68.24 -19.09 -2.28
C GLU D 218 68.80 -19.76 -1.04
N ARG D 219 67.93 -20.42 -0.28
CA ARG D 219 68.34 -21.22 0.86
C ARG D 219 67.35 -22.34 1.12
N GLU D 220 67.84 -23.37 1.80
CA GLU D 220 67.04 -24.53 2.17
C GLU D 220 66.18 -24.22 3.39
N GLY D 221 65.06 -24.94 3.51
CA GLY D 221 64.20 -24.79 4.66
C GLY D 221 62.74 -25.03 4.34
N ILE D 222 61.90 -24.72 5.31
CA ILE D 222 60.44 -24.89 5.18
C ILE D 222 59.80 -23.49 5.06
N PHE D 223 58.89 -23.35 4.10
CA PHE D 223 58.24 -22.06 3.80
C PHE D 223 56.74 -22.24 3.62
N PHE D 224 55.96 -21.46 4.36
CA PHE D 224 54.50 -21.61 4.38
C PHE D 224 53.76 -20.45 3.69
N GLY D 225 52.64 -20.79 3.08
CA GLY D 225 51.71 -19.81 2.55
C GLY D 225 50.33 -20.25 2.94
N GLN D 226 49.33 -19.38 2.74
CA GLN D 226 47.93 -19.69 3.05
C GLN D 226 47.03 -19.20 1.92
N CYS D 227 45.94 -19.93 1.66
CA CYS D 227 45.02 -19.57 0.58
C CYS D 227 44.60 -18.10 0.71
N SER D 228 44.72 -17.37 -0.39
CA SER D 228 44.62 -15.92 -0.39
C SER D 228 43.53 -15.36 -1.32
N GLU D 229 42.49 -16.15 -1.57
CA GLU D 229 41.25 -15.59 -2.10
C GLU D 229 40.09 -16.34 -1.46
N LEU D 230 39.16 -15.63 -0.82
CA LEU D 230 38.05 -16.29 -0.13
C LEU D 230 37.32 -17.27 -1.02
N CYS D 231 37.25 -18.51 -0.55
CA CYS D 231 36.82 -19.67 -1.35
C CYS D 231 35.77 -20.51 -0.63
N GLY D 232 35.21 -19.95 0.44
CA GLY D 232 34.19 -20.67 1.17
C GLY D 232 34.63 -21.00 2.58
N ILE D 233 33.96 -22.01 3.13
CA ILE D 233 34.00 -22.33 4.56
C ILE D 233 35.39 -22.63 5.15
N SER D 234 36.28 -23.22 4.36
CA SER D 234 37.61 -23.59 4.86
C SER D 234 38.77 -22.85 4.19
N HIS D 235 38.47 -21.66 3.67
CA HIS D 235 39.46 -20.65 3.24
C HIS D 235 40.63 -20.50 4.22
N ALA D 236 40.32 -20.45 5.52
CA ALA D 236 41.32 -20.30 6.57
C ALA D 236 42.17 -21.56 6.79
N TYR D 237 41.76 -22.66 6.16
CA TYR D 237 42.26 -24.00 6.50
C TYR D 237 42.81 -24.83 5.31
N MET D 238 43.48 -24.18 4.37
CA MET D 238 44.07 -24.91 3.22
C MET D 238 45.41 -24.30 2.83
N PRO D 239 46.42 -24.46 3.71
CA PRO D 239 47.71 -23.82 3.57
C PRO D 239 48.66 -24.48 2.55
N ILE D 240 49.84 -23.90 2.41
CA ILE D 240 50.85 -24.32 1.47
C ILE D 240 52.14 -24.54 2.26
N THR D 241 52.77 -25.70 2.03
CA THR D 241 54.11 -25.99 2.55
C THR D 241 55.04 -26.29 1.37
N VAL D 242 56.11 -25.51 1.27
CA VAL D 242 57.17 -25.78 0.30
C VAL D 242 58.43 -26.15 1.09
N LYS D 243 59.05 -27.27 0.72
CA LYS D 243 60.35 -27.64 1.29
C LYS D 243 61.42 -27.47 0.25
N VAL D 244 62.41 -26.65 0.58
CA VAL D 244 63.53 -26.39 -0.30
C VAL D 244 64.68 -27.21 0.24
N VAL D 245 65.24 -28.08 -0.61
CA VAL D 245 66.30 -29.01 -0.20
C VAL D 245 67.47 -29.01 -1.18
N SER D 246 68.53 -29.76 -0.86
CA SER D 246 69.68 -29.89 -1.77
C SER D 246 69.21 -30.60 -3.03
N GLU D 247 69.94 -30.41 -4.13
CA GLU D 247 69.70 -31.17 -5.35
C GLU D 247 69.64 -32.69 -5.09
N GLU D 248 70.50 -33.17 -4.18
CA GLU D 248 70.60 -34.59 -3.85
C GLU D 248 69.35 -35.06 -3.17
N ALA D 249 68.95 -34.35 -2.11
CA ALA D 249 67.71 -34.62 -1.39
C ALA D 249 66.49 -34.52 -2.30
N TYR D 250 66.48 -33.54 -3.19
CA TYR D 250 65.38 -33.43 -4.14
C TYR D 250 65.31 -34.67 -5.02
N ALA D 251 66.45 -35.02 -5.62
CA ALA D 251 66.50 -36.23 -6.47
C ALA D 251 66.09 -37.48 -5.68
N ALA D 252 66.55 -37.59 -4.43
CA ALA D 252 66.18 -38.71 -3.56
C ALA D 252 64.68 -38.83 -3.37
N TRP D 253 64.03 -37.67 -3.17
CA TRP D 253 62.57 -37.58 -3.06
C TRP D 253 61.90 -38.01 -4.36
N LEU D 254 62.41 -37.54 -5.49
CA LEU D 254 61.92 -38.03 -6.79
C LEU D 254 62.02 -39.58 -6.92
N GLU D 255 63.15 -40.15 -6.52
CA GLU D 255 63.32 -41.61 -6.63
C GLU D 255 62.40 -42.36 -5.69
N GLN D 256 62.14 -41.81 -4.50
CA GLN D 256 61.13 -42.39 -3.58
C GLN D 256 59.77 -42.54 -4.25
N HIS D 257 59.44 -41.62 -5.17
CA HIS D 257 58.17 -41.68 -5.90
C HIS D 257 58.18 -42.57 -7.14
N HIS D 258 59.38 -42.88 -7.65
CA HIS D 258 59.49 -43.60 -8.91
C HIS D 258 59.09 -45.08 -8.79
N HIS D 259 58.14 -45.48 -9.63
CA HIS D 259 57.61 -46.84 -9.68
C HIS D 259 58.29 -47.68 -10.75
N HIS D 260 58.74 -48.87 -10.37
CA HIS D 260 59.46 -49.76 -11.28
C HIS D 260 58.56 -50.93 -11.67
FE HEA E . -43.95 -1.02 0.12
CHA HEA E . -41.07 -1.35 1.97
CHB HEA E . -45.57 0.08 2.90
CHC HEA E . -46.81 -0.85 -1.66
CHD HEA E . -42.19 -1.77 -2.72
NA HEA E . -43.46 -0.75 2.02
C1A HEA E . -42.17 -0.82 2.58
C2A HEA E . -42.19 -0.29 3.94
C3A HEA E . -43.43 0.10 4.21
C4A HEA E . -44.24 -0.19 3.03
CMA HEA E . -43.89 0.74 5.50
OMA HEA E . -45.03 1.10 5.73
CAA HEA E . -40.98 -0.18 4.89
CBA HEA E . -40.69 -1.50 5.59
CGA HEA E . -39.53 -1.35 6.57
O1A HEA E . -39.59 -2.00 7.65
O2A HEA E . -38.56 -0.60 6.31
NB HEA E . -45.78 -0.49 0.55
C1B HEA E . -46.29 -0.07 1.75
C2B HEA E . -47.71 0.14 1.64
C3B HEA E . -48.03 -0.14 0.38
C4B HEA E . -46.85 -0.53 -0.33
CMB HEA E . -48.63 0.60 2.80
NC HEA E . -44.41 -1.28 -1.77
C1C HEA E . -45.65 -1.10 -2.36
C2C HEA E . -45.55 -1.23 -3.81
C3C HEA E . -44.24 -1.47 -4.08
C4C HEA E . -43.53 -1.51 -2.83
CMC HEA E . -46.70 -1.08 -4.81
CAC HEA E . -43.53 -1.68 -5.44
CBC HEA E . -44.10 -1.50 -6.64
ND HEA E . -42.05 -1.43 -0.28
C1D HEA E . -41.54 -1.83 -1.50
C2D HEA E . -40.17 -2.30 -1.33
C3D HEA E . -39.87 -2.18 -0.03
C4D HEA E . -41.02 -1.65 0.64
CMD HEA E . -39.28 -2.82 -2.48
CAD HEA E . -38.53 -2.57 0.66
CBD HEA E . -38.62 -3.91 1.40
CGD HEA E . -37.33 -4.11 2.18
O1D HEA E . -37.11 -3.39 3.17
O2D HEA E . -36.50 -4.98 1.82
C11 HEA E . -49.42 -0.10 -0.29
O11 HEA E . -50.36 -0.68 0.60
C12 HEA E . -49.79 1.35 -0.70
C13 HEA E . -51.27 1.42 -1.09
C14 HEA E . -51.40 0.87 -2.49
C15 HEA E . -52.41 0.09 -2.94
C16 HEA E . -52.36 -0.28 -4.41
C17 HEA E . -51.91 -1.72 -4.67
C18 HEA E . -52.00 -2.08 -6.14
C19 HEA E . -51.14 -2.92 -6.73
C20 HEA E . -51.30 -3.26 -8.21
C21 HEA E . -51.67 -4.75 -8.37
C22 HEA E . -51.78 -5.22 -9.84
C23 HEA E . -52.92 -5.14 -10.58
C24 HEA E . -53.01 -5.64 -11.99
C25 HEA E . -54.19 -4.54 -10.03
C26 HEA E . -53.56 -0.35 -2.09
C27 HEA E . -50.02 -3.52 -5.91
FE HEA F . -34.87 6.95 -6.67
CHA HEA F . -33.46 5.14 -4.12
CHB HEA F . -32.03 9.13 -6.52
CHC HEA F . -35.79 8.56 -9.49
CHD HEA F . -36.86 4.21 -7.52
NA HEA F . -33.02 7.11 -5.52
C1A HEA F . -32.69 6.20 -4.53
C2A HEA F . -31.38 6.62 -4.01
C3A HEA F . -31.01 7.72 -4.68
C4A HEA F . -32.04 8.06 -5.64
CMA HEA F . -29.76 8.50 -4.52
OMA HEA F . -29.32 9.10 -5.50
CAA HEA F . -30.61 5.92 -2.89
CBA HEA F . -31.23 6.40 -1.56
CGA HEA F . -30.70 5.63 -0.36
O1A HEA F . -30.05 6.26 0.52
O2A HEA F . -30.95 4.39 -0.25
NB HEA F . -34.01 8.56 -7.83
C1B HEA F . -32.95 9.39 -7.51
C2B HEA F . -33.00 10.55 -8.40
C3B HEA F . -34.05 10.40 -9.23
C4B HEA F . -34.69 9.12 -8.90
CMB HEA F . -32.05 11.76 -8.42
NC HEA F . -36.11 6.43 -8.25
C1C HEA F . -36.33 7.30 -9.30
C2C HEA F . -37.27 6.65 -10.19
C3C HEA F . -37.58 5.45 -9.66
C4C HEA F . -36.84 5.28 -8.41
CMC HEA F . -37.75 7.30 -11.50
CAC HEA F . -38.54 4.41 -10.23
CBC HEA F . -39.72 4.83 -10.66
ND HEA F . -35.11 5.04 -6.01
C1D HEA F . -36.03 4.08 -6.40
C2D HEA F . -35.96 2.96 -5.46
C3D HEA F . -35.02 3.23 -4.53
C4D HEA F . -34.46 4.53 -4.86
CMD HEA F . -36.83 1.67 -5.51
CAD HEA F . -34.55 2.41 -3.31
CBD HEA F . -34.78 0.89 -3.28
CGD HEA F . -34.44 0.27 -1.91
O1D HEA F . -33.45 0.68 -1.25
O2D HEA F . -35.14 -0.66 -1.46
C11 HEA F . -34.37 11.37 -10.41
O11 HEA F . -34.17 10.69 -11.65
C12 HEA F . -35.81 11.89 -10.41
C13 HEA F . -36.01 12.94 -11.53
C14 HEA F . -36.62 14.16 -10.88
C15 HEA F . -37.93 14.41 -10.97
C16 HEA F . -38.46 15.64 -10.27
C17 HEA F . -39.43 16.43 -11.15
C18 HEA F . -38.59 17.28 -12.08
C19 HEA F . -39.13 18.19 -12.92
C20 HEA F . -38.24 19.00 -13.82
C21 HEA F . -36.76 18.62 -13.72
C22 HEA F . -36.08 19.49 -12.67
C23 HEA F . -34.87 19.23 -12.15
C24 HEA F . -34.06 18.04 -12.56
C25 HEA F . -34.31 20.17 -11.12
C26 HEA F . -38.86 13.51 -11.72
C27 HEA F . -40.62 18.40 -12.95
CU CU1 G . -30.93 3.69 -8.33
MG MG H . -27.81 0.61 3.86
CA CA I . -46.63 -1.64 17.47
UNK UNX J . -53.69 -10.64 -31.94
C1 DMU K . -75.24 0.83 -9.65
C2 DMU K . -76.26 0.98 -10.77
C3 DMU K . -75.85 2.09 -11.74
C4 DMU K . -74.43 1.80 -12.25
O5 DMU K . -73.54 1.69 -11.12
C6 DMU K . -73.87 0.57 -10.26
O7 DMU K . -76.75 2.12 -12.88
O16 DMU K . -72.90 0.54 -9.23
C18 DMU K . -71.68 -0.09 -9.61
C19 DMU K . -71.04 -0.66 -8.35
C22 DMU K . -69.63 -1.17 -8.58
C25 DMU K . -68.79 -1.10 -7.30
C28 DMU K . -69.21 -2.09 -6.21
C31 DMU K . -68.08 -2.31 -5.23
C34 DMU K . -68.58 -2.44 -3.79
C37 DMU K . -67.44 -2.82 -2.84
C40 DMU K . -67.25 -4.33 -2.70
C43 DMU K . -66.14 -4.65 -1.70
O49 DMU K . -75.60 -0.31 -8.86
O55 DMU K . -77.51 1.25 -10.17
C57 DMU K . -73.80 2.78 -13.25
O61 DMU K . -73.87 4.07 -12.73
C5 DMU K . -79.15 2.62 -13.02
C7 DMU K . -79.34 2.24 -14.49
C8 DMU K . -79.04 3.43 -15.39
C9 DMU K . -77.58 3.86 -15.06
O1 DMU K . -77.48 4.22 -13.66
C10 DMU K . -77.74 3.14 -12.75
O2 DMU K . -79.28 3.14 -16.76
O3 DMU K . -79.34 1.48 -12.23
O4 DMU K . -80.63 1.70 -14.71
C11 DMU K . -76.98 4.95 -15.93
O6 DMU K . -77.78 6.11 -15.73
C1 DMU L . -74.64 4.54 -4.72
C2 DMU L . -74.79 4.63 -6.24
C3 DMU L . -74.51 6.06 -6.73
C4 DMU L . -73.14 6.49 -6.23
O5 DMU L . -73.08 6.36 -4.79
C6 DMU L . -73.24 5.01 -4.32
O7 DMU L . -74.55 6.09 -8.16
O16 DMU L . -72.97 4.95 -2.92
C18 DMU L . -72.10 3.87 -2.56
C19 DMU L . -70.85 4.34 -1.82
C22 DMU L . -69.79 3.23 -1.86
C25 DMU L . -68.81 3.31 -0.70
C28 DMU L . -67.88 2.10 -0.67
C31 DMU L . -66.76 2.25 0.36
C34 DMU L . -65.63 1.26 0.10
C37 DMU L . -65.66 0.04 1.00
C40 DMU L . -64.35 -0.72 0.96
C43 DMU L . -64.53 -2.17 1.33
O49 DMU L . -74.85 3.19 -4.33
O55 DMU L . -76.09 4.23 -6.66
C57 DMU L . -72.74 7.91 -6.64
O61 DMU L . -73.72 8.85 -6.19
C5 DMU L . -76.19 6.42 -9.95
C7 DMU L . -75.24 6.63 -11.12
C8 DMU L . -74.78 8.09 -11.22
C9 DMU L . -74.21 8.61 -9.90
O1 DMU L . -75.10 8.32 -8.80
C10 DMU L . -75.59 6.96 -8.65
O2 DMU L . -73.79 8.20 -12.25
O3 DMU L . -76.45 5.04 -9.80
O4 DMU L . -75.90 6.27 -12.32
C11 DMU L . -74.03 10.13 -9.91
O6 DMU L . -72.79 10.52 -10.47
C1 DMU M . -61.09 -12.66 -22.39
C2 DMU M . -61.71 -13.03 -23.74
C3 DMU M . -63.22 -13.20 -23.65
C4 DMU M . -63.84 -11.92 -23.09
O5 DMU M . -63.24 -11.61 -21.82
C6 DMU M . -61.81 -11.44 -21.79
O7 DMU M . -63.76 -13.54 -24.94
O16 DMU M . -61.39 -11.20 -20.44
C18 DMU M . -60.91 -9.87 -20.30
C19 DMU M . -60.69 -9.45 -18.86
C22 DMU M . -59.59 -8.41 -18.86
C25 DMU M . -59.68 -7.41 -17.73
C28 DMU M . -58.46 -7.53 -16.83
C31 DMU M . -58.69 -6.77 -15.53
C34 DMU M . -57.49 -6.86 -14.60
C37 DMU M . -57.83 -7.53 -13.28
C40 DMU M . -56.94 -7.04 -12.17
C43 DMU M . -57.17 -7.81 -10.88
O49 DMU M . -59.71 -12.37 -22.58
O55 DMU M . -61.14 -14.26 -24.17
C57 DMU M . -65.35 -12.07 -22.92
O61 DMU M . -65.75 -11.47 -21.69
C1 DMU N . -56.16 -1.11 19.20
C2 DMU N . -55.38 -0.38 20.30
C3 DMU N . -53.89 -0.76 20.32
C4 DMU N . -53.29 -0.79 18.92
O5 DMU N . -54.12 -1.48 17.96
C6 DMU N . -55.47 -1.01 17.84
O7 DMU N . -53.12 0.21 21.07
O16 DMU N . -56.11 -1.82 16.85
C18 DMU N . -56.27 -1.17 15.59
C19 DMU N . -56.18 -2.17 14.43
C22 DMU N . -56.81 -1.63 13.15
C25 DMU N . -56.84 -2.66 12.04
C28 DMU N . -56.93 -2.03 10.65
C31 DMU N . -57.17 -3.06 9.57
C34 DMU N . -57.32 -2.40 8.21
C37 DMU N . -58.68 -2.64 7.57
C40 DMU N . -59.05 -1.53 6.59
C43 DMU N . -60.36 -1.85 5.87
O49 DMU N . -57.42 -0.46 19.14
O55 DMU N . -55.96 -0.70 21.56
C57 DMU N . -51.90 -1.41 18.91
O61 DMU N . -51.13 -0.73 17.95
C5 DMU N . -52.32 1.22 23.16
C7 DMU N . -50.89 0.73 23.05
C8 DMU N . -50.76 -0.60 23.77
C9 DMU N . -51.71 -1.60 23.10
O1 DMU N . -53.07 -1.11 23.11
C10 DMU N . -53.28 0.20 22.52
O2 DMU N . -49.41 -1.06 23.80
O3 DMU N . -52.45 2.48 22.51
O4 DMU N . -50.02 1.68 23.64
C11 DMU N . -51.67 -2.98 23.75
O6 DMU N . -52.39 -3.87 22.90
C1 TRD O . -58.75 -3.58 23.30
C2 TRD O . -58.65 -4.30 21.96
C3 TRD O . -58.96 -3.35 20.80
C4 TRD O . -59.56 -4.10 19.61
C5 TRD O . -58.91 -3.73 18.28
C6 TRD O . -58.74 -4.98 17.42
C7 TRD O . -58.11 -4.70 16.07
C8 TRD O . -58.76 -5.52 14.97
C9 TRD O . -57.84 -5.73 13.76
C10 TRD O . -58.41 -6.78 12.81
C11 TRD O . -58.20 -6.36 11.35
C12 TRD O . -57.80 -7.55 10.47
C13 TRD O . -57.21 -7.08 9.16
C1 TRD P . -38.57 22.24 10.45
C2 TRD P . -38.42 21.53 9.12
C3 TRD P . -39.80 21.15 8.56
C4 TRD P . -39.75 20.78 7.08
C5 TRD P . -40.56 19.53 6.75
C6 TRD P . -40.81 19.36 5.26
C7 TRD P . -40.19 18.06 4.73
C8 TRD P . -40.96 17.46 3.57
C9 TRD P . -39.99 16.93 2.51
C10 TRD P . -40.69 16.47 1.24
C11 TRD P . -41.02 17.60 0.26
C12 TRD P . -41.33 17.05 -1.12
C13 TRD P . -41.87 18.14 -2.04
C1 TRD Q . -48.14 19.34 9.04
C2 TRD Q . -48.40 18.82 7.65
C3 TRD Q . -49.39 17.65 7.66
C4 TRD Q . -49.22 16.81 6.40
C5 TRD Q . -50.20 15.63 6.37
C6 TRD Q . -49.79 14.57 5.35
C7 TRD Q . -50.36 14.83 3.99
C1 TRD R . -65.54 16.45 -14.07
C2 TRD R . -65.39 17.43 -12.91
C3 TRD R . -64.79 16.73 -11.69
C4 TRD R . -64.38 17.70 -10.57
C5 TRD R . -62.99 18.29 -10.81
C6 TRD R . -61.88 17.39 -10.28
C7 TRD R . -60.50 18.02 -10.48
C8 TRD R . -59.51 17.01 -11.04
C9 TRD R . -58.10 17.21 -10.48
C10 TRD R . -57.34 15.89 -10.47
C11 TRD R . -55.84 16.14 -10.40
C12 TRD R . -55.17 15.35 -9.28
C13 TRD R . -53.76 15.85 -9.07
C1 TRD S . -61.45 10.12 1.26
C2 TRD S . -61.85 10.08 -0.20
C3 TRD S . -62.68 11.30 -0.60
C4 TRD S . -63.95 10.90 -1.32
C5 TRD S . -64.21 11.78 -2.56
C6 TRD S . -65.28 11.14 -3.44
C7 TRD S . -65.70 12.03 -4.60
C8 TRD S . -66.85 11.40 -5.40
C9 TRD S . -66.42 10.93 -6.77
C1 HTO T . -4.12 4.61 29.16
O1 HTO T . -3.76 3.37 29.77
C2 HTO T . -4.89 5.50 30.14
O2 HTO T . -6.05 6.06 29.50
C3 HTO T . -4.02 6.63 30.73
O3 HTO T . -2.72 6.14 31.10
C4 HTO T . -4.66 7.25 31.98
C5 HTO T . -5.13 8.67 31.73
C6 HTO T . -6.22 9.02 32.73
C7 HTO T . -6.90 10.31 32.35
CU CU1 U . -29.02 -3.49 12.17
CU CU1 V . -27.03 -4.23 13.66
CD CD W . -4.54 5.85 36.59
CD CD X . -39.95 20.13 -30.22
C1 DMU Y . -48.37 28.85 -27.25
C2 DMU Y . -48.93 29.03 -28.66
C3 DMU Y . -48.10 28.29 -29.72
C4 DMU Y . -47.83 26.84 -29.27
O5 DMU Y . -47.33 26.76 -27.92
C6 DMU Y . -48.19 27.36 -26.92
O7 DMU Y . -48.84 28.24 -30.94
O16 DMU Y . -47.57 27.28 -25.64
C18 DMU Y . -47.61 25.97 -25.03
C19 DMU Y . -47.50 26.17 -23.52
C22 DMU Y . -47.27 24.88 -22.75
C25 DMU Y . -46.72 25.22 -21.37
C28 DMU Y . -47.06 24.17 -20.33
C31 DMU Y . -45.90 23.19 -20.14
C34 DMU Y . -45.17 23.43 -18.82
C37 DMU Y . -43.86 24.18 -19.07
C40 DMU Y . -43.17 24.53 -17.76
C43 DMU Y . -41.67 24.63 -17.97
O49 DMU Y . -49.22 29.45 -26.31
O55 DMU Y . -48.92 30.42 -28.96
C57 DMU Y . -46.87 26.12 -30.21
O61 DMU Y . -45.55 26.56 -29.99
C5 DMU Y . -49.50 29.82 -32.63
C7 DMU Y . -50.54 28.91 -33.30
C8 DMU Y . -49.90 27.90 -34.27
C9 DMU Y . -48.70 27.18 -33.65
O1 DMU Y . -47.77 28.12 -33.04
C10 DMU Y . -48.33 29.01 -32.04
O2 DMU Y . -50.87 26.95 -34.63
O3 DMU Y . -50.12 30.59 -31.61
O4 DMU Y . -51.52 29.69 -34.00
C11 DMU Y . -47.97 26.36 -34.71
O6 DMU Y . -47.17 25.36 -34.10
C1 TRD Z . -19.91 22.09 -9.54
C2 TRD Z . -20.23 20.81 -10.28
C3 TRD Z . -21.73 20.50 -10.33
C4 TRD Z . -22.04 19.40 -11.36
C5 TRD Z . -23.54 19.14 -11.52
C6 TRD Z . -23.80 17.97 -12.46
C7 TRD Z . -24.95 18.22 -13.42
C1 DMU AA . -11.37 19.92 -6.20
C2 DMU AA . -11.07 19.87 -4.71
C3 DMU AA . -12.01 20.77 -3.90
C4 DMU AA . -13.48 20.53 -4.28
O5 DMU AA . -13.67 20.56 -5.72
C6 DMU AA . -12.85 19.64 -6.46
O7 DMU AA . -11.84 20.49 -2.51
O16 DMU AA . -13.14 19.77 -7.84
O49 DMU AA . -10.59 18.92 -6.86
O55 DMU AA . -9.72 20.24 -4.46
C57 DMU AA . -14.40 21.56 -3.65
O61 DMU AA . -15.72 21.08 -3.77
C5 DMU AA . -10.30 21.00 -0.70
C7 DMU AA . -11.07 20.40 0.47
C8 DMU AA . -12.21 21.29 0.97
C9 DMU AA . -13.07 21.85 -0.16
O1 DMU AA . -12.25 22.41 -1.20
C10 DMU AA . -11.23 21.56 -1.77
O2 DMU AA . -12.99 20.51 1.87
O3 DMU AA . -9.47 19.98 -1.25
O4 DMU AA . -10.18 20.17 1.55
C11 DMU AA . -14.00 22.98 0.29
O6 DMU AA . -14.66 22.69 1.51
FE HEA BA . 35.45 -2.84 8.36
CHA HEA BA . 36.35 -5.62 6.64
CHB HEA BA . 36.91 -4.13 11.19
CHC HEA BA . 34.33 -0.20 10.13
CHD HEA BA . 34.30 -1.39 5.47
NA HEA BA . 36.38 -4.53 8.84
C1A HEA BA . 36.77 -5.50 7.94
C2A HEA BA . 37.69 -6.42 8.60
C3A HEA BA . 37.86 -6.01 9.86
C4A HEA BA . 37.02 -4.83 10.03
CMA HEA BA . 38.70 -6.66 10.92
OMA HEA BA . 38.87 -6.18 12.03
CAA HEA BA . 38.34 -7.63 7.94
CBA HEA BA . 37.41 -8.81 7.79
CGA HEA BA . 38.20 -10.03 7.29
O1A HEA BA . 37.95 -11.17 7.75
O2A HEA BA . 39.10 -9.83 6.42
NB HEA BA . 35.59 -2.29 10.23
C1B HEA BA . 36.19 -2.98 11.28
C2B HEA BA . 35.96 -2.26 12.52
C3B HEA BA . 35.26 -1.18 12.22
C4B HEA BA . 35.00 -1.19 10.80
CMB HEA BA . 36.50 -2.72 13.90
NC HEA BA . 34.47 -1.18 7.90
C1C HEA BA . 34.20 -0.14 8.77
C2C HEA BA . 33.72 1.03 8.05
C3C HEA BA . 33.71 0.70 6.75
C4C HEA BA . 34.19 -0.67 6.63
CMC HEA BA . 33.32 2.37 8.71
CAC HEA BA . 33.32 1.56 5.54
CBC HEA BA . 32.85 2.79 5.62
ND HEA BA . 35.35 -3.37 6.49
C1D HEA BA . 34.77 -2.69 5.43
C2D HEA BA . 34.77 -3.53 4.24
C3D HEA BA . 35.34 -4.70 4.56
C4D HEA BA . 35.72 -4.61 5.95
CMD HEA BA . 34.22 -3.16 2.84
CAD HEA BA . 35.54 -5.90 3.61
CBD HEA BA . 34.54 -7.03 3.91
CGD HEA BA . 34.88 -8.23 3.05
O1D HEA BA . 35.83 -8.96 3.43
O2D HEA BA . 34.22 -8.45 2.01
C11 HEA BA . 34.71 -0.13 13.21
O11 HEA BA . 34.19 -0.76 14.38
C12 HEA BA . 35.82 0.86 13.57
C13 HEA BA . 35.34 1.92 14.58
C14 HEA BA . 34.38 2.93 13.98
C15 HEA BA . 33.29 3.43 14.63
C16 HEA BA . 32.42 4.46 13.95
C17 HEA BA . 31.19 3.88 13.26
C18 HEA BA . 30.37 4.98 12.61
C19 HEA BA . 29.75 4.89 11.42
C20 HEA BA . 28.95 6.07 10.90
C21 HEA BA . 27.45 5.78 11.18
C22 HEA BA . 26.53 6.81 10.53
C23 HEA BA . 26.02 7.85 11.23
C24 HEA BA . 25.09 8.83 10.54
C25 HEA BA . 26.33 8.05 12.69
C26 HEA BA . 32.93 3.04 16.03
C27 HEA BA . 29.79 3.63 10.58
FE HEA CA . 42.87 2.52 -1.94
CHA HEA CA . 42.41 -0.76 -2.23
CHB HEA CA . 45.67 2.31 -4.16
CHC HEA CA . 43.22 6.00 -2.13
CHD HEA CA . 39.61 2.97 -0.79
NA HEA CA . 43.90 1.02 -3.01
C1A HEA CA . 43.44 -0.27 -3.01
C2A HEA CA . 44.28 -1.04 -3.91
C3A HEA CA . 45.18 -0.20 -4.44
C4A HEA CA . 44.96 1.13 -3.89
CMA HEA CA . 46.25 -0.53 -5.43
OMA HEA CA . 46.81 0.36 -6.05
CAA HEA CA . 44.11 -2.55 -4.15
CBA HEA CA . 44.80 -3.24 -2.96
CGA HEA CA . 44.65 -4.74 -3.00
O1A HEA CA . 45.68 -5.45 -3.17
O2A HEA CA . 43.50 -5.24 -2.83
NB HEA CA . 44.21 3.94 -3.03
C1B HEA CA . 45.36 3.60 -3.72
C2B HEA CA . 46.12 4.83 -3.91
C3B HEA CA . 45.47 5.86 -3.34
C4B HEA CA . 44.23 5.31 -2.80
CMB HEA CA . 47.48 4.94 -4.62
NC HEA CA . 41.60 4.22 -1.51
C1C HEA CA . 41.98 5.54 -1.72
C2C HEA CA . 40.83 6.36 -1.38
C3C HEA CA . 39.83 5.53 -1.00
C4C HEA CA . 40.30 4.15 -1.08
CMC HEA CA . 40.81 7.89 -1.44
CAC HEA CA . 38.43 5.96 -0.57
CBC HEA CA . 38.31 6.89 0.38
ND HEA CA . 41.29 1.35 -1.59
C1D HEA CA . 40.06 1.66 -1.05
C2D HEA CA . 39.35 0.40 -0.82
C3D HEA CA . 40.13 -0.62 -1.22
C4D HEA CA . 41.36 -0.04 -1.71
CMD HEA CA . 37.94 0.29 -0.21
CAD HEA CA . 39.91 -2.16 -1.20
CBD HEA CA . 38.48 -2.69 -1.14
CGD HEA CA . 38.43 -4.21 -0.95
O1D HEA CA . 39.33 -4.94 -1.46
O2D HEA CA . 37.47 -4.68 -0.29
C11 HEA CA . 45.88 7.38 -3.52
O11 HEA CA . 44.96 8.05 -4.39
C12 HEA CA . 45.97 8.15 -2.19
C13 HEA CA . 46.55 9.57 -2.37
C14 HEA CA . 47.67 9.80 -1.38
C15 HEA CA . 47.49 10.42 -0.20
C16 HEA CA . 48.67 10.58 0.73
C17 HEA CA . 48.90 12.04 1.13
C18 HEA CA . 49.60 12.74 0.00
C19 HEA CA . 50.13 13.96 0.16
C20 HEA CA . 50.82 14.66 -1.00
C21 HEA CA . 50.84 13.85 -2.30
C22 HEA CA . 52.11 13.03 -2.37
C23 HEA CA . 52.33 12.07 -3.28
C24 HEA CA . 51.30 11.71 -4.33
C25 HEA CA . 53.63 11.34 -3.27
C26 HEA CA . 46.15 10.93 0.24
C27 HEA CA . 50.06 14.66 1.48
CU CU1 DA . 40.43 1.26 -6.51
MG MG EA . 42.28 -11.40 -4.22
CA CA FA . 39.57 -16.67 18.34
UNK UNX GA . 14.36 24.16 2.24
C1 TRD HA . 25.40 18.61 32.26
C2 TRD HA . 26.11 18.21 30.99
C3 TRD HA . 26.27 16.70 30.93
C4 TRD HA . 25.65 16.13 29.66
C5 TRD HA . 25.90 14.61 29.55
C6 TRD HA . 26.32 14.20 28.14
C7 TRD HA . 25.61 12.93 27.68
C8 TRD HA . 26.54 11.71 27.70
C9 TRD HA . 25.72 10.41 27.58
C10 TRD HA . 26.61 9.17 27.47
C11 TRD HA . 25.88 7.91 27.93
C12 TRD HA . 26.47 6.63 27.33
C13 TRD HA . 25.45 5.51 27.32
C1 DMU IA . 30.49 15.26 34.29
C2 DMU IA . 29.93 16.63 33.90
C3 DMU IA . 31.03 17.60 33.49
C4 DMU IA . 32.01 16.96 32.49
O5 DMU IA . 32.45 15.66 32.94
C6 DMU IA . 31.38 14.72 33.17
O7 DMU IA . 30.42 18.76 32.89
O16 DMU IA . 31.92 13.46 33.54
O49 DMU IA . 29.40 14.36 34.52
O55 DMU IA . 29.23 17.17 35.02
C57 DMU IA . 33.24 17.84 32.24
O61 DMU IA . 34.02 17.94 33.42
C5 DMU IA . 29.28 20.84 33.46
C7 DMU IA . 29.32 21.45 32.05
C8 DMU IA . 30.64 22.18 31.81
C9 DMU IA . 31.82 21.26 32.10
O1 DMU IA . 31.72 20.67 33.41
C10 DMU IA . 30.50 19.95 33.69
O2 DMU IA . 30.65 22.61 30.47
O3 DMU IA . 28.08 20.09 33.61
O4 DMU IA . 28.24 22.36 31.90
C11 DMU IA . 33.14 22.03 32.03
O6 DMU IA . 33.62 22.03 30.70
C1 DMU JA . 38.24 -14.38 27.92
C2 DMU JA . 39.53 -15.20 27.82
C3 DMU JA . 39.62 -15.95 26.48
C4 DMU JA . 39.21 -15.08 25.28
O5 DMU JA . 38.00 -14.31 25.51
C6 DMU JA . 38.03 -13.49 26.69
O7 DMU JA . 40.97 -16.39 26.22
O16 DMU JA . 36.77 -12.82 26.83
C18 DMU JA . 36.50 -11.82 25.86
C19 DMU JA . 36.02 -10.55 26.55
C22 DMU JA . 36.10 -9.33 25.64
C25 DMU JA . 34.73 -8.96 25.08
C28 DMU JA . 34.71 -7.48 24.69
C31 DMU JA . 33.29 -6.94 24.68
C34 DMU JA . 33.19 -5.65 23.88
C37 DMU JA . 33.30 -4.43 24.79
C40 DMU JA . 32.47 -3.29 24.21
C43 DMU JA . 32.70 -2.02 25.00
O49 DMU JA . 38.31 -13.57 29.09
O55 DMU JA . 39.55 -16.13 28.89
C57 DMU JA . 39.02 -15.92 24.03
O61 DMU JA . 39.21 -15.10 22.88
C5 DMU JA . 42.73 -18.11 26.32
C7 DMU JA . 42.58 -18.74 24.94
C8 DMU JA . 41.60 -19.90 25.01
C9 DMU JA . 40.24 -19.40 25.50
O1 DMU JA . 40.35 -18.66 26.75
C10 DMU JA . 41.37 -17.62 26.84
O2 DMU JA . 41.51 -20.58 23.77
O3 DMU JA . 43.66 -17.05 26.27
O4 DMU JA . 43.85 -19.20 24.52
C11 DMU JA . 39.24 -20.52 25.68
O6 DMU JA . 37.93 -19.96 25.81
C1 TRD KA . 36.26 -17.85 32.06
C2 TRD KA . 36.42 -16.53 31.35
C3 TRD KA . 35.10 -16.06 30.71
C4 TRD KA . 35.19 -14.58 30.32
C5 TRD KA . 33.96 -14.16 29.51
C6 TRD KA . 34.05 -12.73 28.98
C7 TRD KA . 33.12 -12.53 27.79
C8 TRD KA . 32.44 -11.17 27.78
C9 TRD KA . 31.22 -11.15 26.87
C10 TRD KA . 31.09 -9.78 26.20
C11 TRD KA . 29.94 -9.67 25.23
C12 TRD KA . 29.69 -8.21 24.85
C13 TRD KA . 29.09 -8.05 23.46
C1 TRD LA . 55.99 -1.13 18.17
C2 TRD LA . 55.19 0.13 17.85
C3 TRD LA . 53.73 0.00 18.27
C4 TRD LA . 52.87 1.09 17.60
C5 TRD LA . 51.38 0.90 17.90
C6 TRD LA . 50.55 2.07 17.35
C7 TRD LA . 49.08 1.92 17.66
C1 TRD MA . 44.01 20.44 22.60
C2 TRD MA . 45.03 19.99 21.57
C3 TRD MA . 44.37 19.60 20.26
C4 TRD MA . 45.36 18.88 19.33
C5 TRD MA . 44.88 18.85 17.88
C6 TRD MA . 44.31 17.48 17.49
C7 TRD MA . 44.62 17.15 16.03
C8 TRD MA . 44.62 15.65 15.76
C9 TRD MA . 45.64 15.26 14.71
CU CU1 NA . 40.78 -19.54 0.13
CU CU1 OA . 41.07 -21.79 -1.05
CD CD PA . 63.90 -45.34 -10.20
CD CD QA . 46.22 29.40 -6.53
C1 DMU RA . 52.71 33.23 3.52
C2 DMU RA . 52.19 34.66 3.45
C3 DMU RA . 51.68 34.99 2.04
C4 DMU RA . 50.62 33.95 1.63
O5 DMU RA . 51.16 32.62 1.72
C6 DMU RA . 51.66 32.23 3.02
O7 DMU RA . 51.06 36.29 2.06
O16 DMU RA . 52.25 30.94 2.93
C18 DMU RA . 51.31 29.87 3.05
C19 DMU RA . 52.00 28.70 3.74
C22 DMU RA . 51.14 27.45 3.79
C25 DMU RA . 52.01 26.26 4.16
C28 DMU RA . 51.16 25.04 4.51
C31 DMU RA . 51.10 24.05 3.36
C34 DMU RA . 52.25 23.05 3.43
C37 DMU RA . 52.59 22.51 2.05
C40 DMU RA . 53.92 21.77 2.08
C43 DMU RA . 54.40 21.44 0.68
O49 DMU RA . 53.08 32.94 4.86
O55 DMU RA . 53.24 35.55 3.80
C57 DMU RA . 50.03 34.21 0.25
O61 DMU RA . 50.97 34.02 -0.78
C5 DMU RA . 51.65 38.61 2.24
C7 DMU RA . 50.20 39.09 2.21
C8 DMU RA . 49.69 39.25 0.77
C9 DMU RA . 49.93 37.95 -0.03
O1 DMU RA . 51.31 37.54 0.06
C10 DMU RA . 51.81 37.34 1.41
O2 DMU RA . 48.31 39.54 0.83
O3 DMU RA . 52.03 38.37 3.58
O4 DMU RA . 50.09 40.33 2.90
C11 DMU RA . 49.55 38.11 -1.50
O6 DMU RA . 48.41 37.31 -1.79
C1 TRD SA . 60.40 -4.34 11.54
C2 TRD SA . 59.83 -3.50 10.41
C3 TRD SA . 59.10 -2.30 11.03
C4 TRD SA . 58.25 -1.57 10.00
C5 TRD SA . 56.83 -1.37 10.52
C6 TRD SA . 56.19 -0.13 9.91
C7 TRD SA . 55.20 -0.49 8.81
C8 TRD SA . 53.93 0.33 8.93
C9 TRD SA . 53.59 1.04 7.62
C10 TRD SA . 52.52 2.09 7.86
C11 TRD SA . 52.74 3.34 7.00
C12 TRD SA . 52.12 4.59 7.64
C13 TRD SA . 53.18 5.55 8.11
C1 TRD TA . 57.89 5.56 -14.37
C2 TRD TA . 56.92 6.72 -14.43
C3 TRD TA . 55.99 6.77 -13.22
C4 TRD TA . 54.65 7.43 -13.53
C5 TRD TA . 54.43 8.70 -12.70
C6 TRD TA . 52.99 9.19 -12.75
C7 TRD TA . 52.81 10.47 -11.97
C1 DMU UA . 60.69 -0.94 -20.88
C2 DMU UA . 61.32 -2.28 -20.49
C3 DMU UA . 62.25 -2.18 -19.28
C4 DMU UA . 61.73 -1.28 -18.16
O5 DMU UA . 61.11 -0.07 -18.67
C6 DMU UA . 60.08 -0.28 -19.65
O7 DMU UA . 62.48 -3.51 -18.76
O16 DMU UA . 59.53 0.99 -20.01
O49 DMU UA . 59.69 -1.16 -21.86
O55 DMU UA . 62.03 -2.77 -21.60
C57 DMU UA . 62.84 -0.81 -17.24
O61 DMU UA . 63.26 -1.86 -16.38
C5 DMU UA . 63.64 -5.41 -19.72
C7 DMU UA . 63.20 -6.50 -18.74
C8 DMU UA . 64.06 -6.52 -17.47
C9 DMU UA . 64.19 -5.14 -16.85
O1 DMU UA . 64.57 -4.14 -17.83
C10 DMU UA . 63.78 -4.04 -19.04
O2 DMU UA . 63.44 -7.40 -16.55
O3 DMU UA . 62.71 -5.36 -20.79
O4 DMU UA . 63.29 -7.75 -19.39
C11 DMU UA . 65.28 -5.12 -15.78
O6 DMU UA . 64.87 -5.85 -14.64
#